data_2P84
# 
_entry.id   2P84 
# 
_audit_conform.dict_name       mmcif_pdbx.dic 
_audit_conform.dict_version    5.387 
_audit_conform.dict_location   http://mmcif.pdb.org/dictionaries/ascii/mmcif_pdbx.dic 
# 
loop_
_database_2.database_id 
_database_2.database_code 
_database_2.pdbx_database_accession 
_database_2.pdbx_DOI 
PDB   2P84         pdb_00002p84 10.2210/pdb2p84/pdb 
RCSB  RCSB042085   ?            ?                   
WWPDB D_1000042085 ?            ?                   
# 
loop_
_pdbx_audit_revision_history.ordinal 
_pdbx_audit_revision_history.data_content_type 
_pdbx_audit_revision_history.major_revision 
_pdbx_audit_revision_history.minor_revision 
_pdbx_audit_revision_history.revision_date 
1 'Structure model' 1 0 2007-04-03 
2 'Structure model' 1 1 2008-05-01 
3 'Structure model' 1 2 2011-07-13 
4 'Structure model' 1 3 2018-11-14 
5 'Structure model' 1 4 2019-07-24 
6 'Structure model' 1 5 2021-02-03 
7 'Structure model' 1 6 2024-02-21 
# 
_pdbx_audit_revision_details.ordinal             1 
_pdbx_audit_revision_details.revision_ordinal    1 
_pdbx_audit_revision_details.data_content_type   'Structure model' 
_pdbx_audit_revision_details.provider            repository 
_pdbx_audit_revision_details.type                'Initial release' 
_pdbx_audit_revision_details.description         ? 
_pdbx_audit_revision_details.details             ? 
# 
loop_
_pdbx_audit_revision_group.ordinal 
_pdbx_audit_revision_group.revision_ordinal 
_pdbx_audit_revision_group.data_content_type 
_pdbx_audit_revision_group.group 
1  2 'Structure model' 'Version format compliance' 
2  3 'Structure model' 'Derived calculations'      
3  3 'Structure model' 'Source and taxonomy'       
4  3 'Structure model' 'Version format compliance' 
5  4 'Structure model' 'Data collection'           
6  4 'Structure model' 'Structure summary'         
7  5 'Structure model' 'Data collection'           
8  5 'Structure model' 'Refinement description'    
9  6 'Structure model' 'Database references'       
10 6 'Structure model' 'Structure summary'         
11 7 'Structure model' 'Data collection'           
12 7 'Structure model' 'Database references'       
# 
loop_
_pdbx_audit_revision_category.ordinal 
_pdbx_audit_revision_category.revision_ordinal 
_pdbx_audit_revision_category.data_content_type 
_pdbx_audit_revision_category.category 
1 4 'Structure model' audit_author       
2 5 'Structure model' software           
3 6 'Structure model' audit_author       
4 6 'Structure model' citation_author    
5 6 'Structure model' struct_ref_seq_dif 
6 7 'Structure model' chem_comp_atom     
7 7 'Structure model' chem_comp_bond     
8 7 'Structure model' database_2         
# 
loop_
_pdbx_audit_revision_item.ordinal 
_pdbx_audit_revision_item.revision_ordinal 
_pdbx_audit_revision_item.data_content_type 
_pdbx_audit_revision_item.item 
1  4 'Structure model' '_audit_author.identifier_ORCID'      
2  5 'Structure model' '_software.contact_author'            
3  5 'Structure model' '_software.contact_author_email'      
4  5 'Structure model' '_software.location'                  
5  5 'Structure model' '_software.name'                      
6  5 'Structure model' '_software.type'                      
7  5 'Structure model' '_software.version'                   
8  6 'Structure model' '_audit_author.identifier_ORCID'      
9  6 'Structure model' '_citation_author.identifier_ORCID'   
10 6 'Structure model' '_struct_ref_seq_dif.details'         
11 7 'Structure model' '_database_2.pdbx_DOI'                
12 7 'Structure model' '_database_2.pdbx_database_accession' 
# 
_pdbx_database_status.status_code                     REL 
_pdbx_database_status.entry_id                        2P84 
_pdbx_database_status.recvd_initial_deposition_date   2007-03-21 
_pdbx_database_status.deposit_site                    RCSB 
_pdbx_database_status.process_site                    RCSB 
_pdbx_database_status.status_code_sf                  REL 
_pdbx_database_status.status_code_mr                  ? 
_pdbx_database_status.SG_entry                        Y 
_pdbx_database_status.pdb_format_compatible           Y 
_pdbx_database_status.status_code_cs                  ? 
_pdbx_database_status.methods_development_category    ? 
_pdbx_database_status.status_code_nmr_data            ? 
# 
loop_
_pdbx_database_related.db_name 
_pdbx_database_related.db_id 
_pdbx_database_related.details 
_pdbx_database_related.content_type 
TargetDB NYSGXRC-10427g .                                                                      unspecified 
PDB      2OX7           'Crystal structure of hypothetical protein from Enterococcus faecalis' unspecified 
# 
loop_
_audit_author.name 
_audit_author.pdbx_ordinal 
_audit_author.identifier_ORCID 
'Malashkevich, V.N.'                                             1  ?                   
'Toro, R.'                                                       2  ?                   
'Sauder, J.M.'                                                   3  0000-0002-0254-4955 
'Schwinn, K.D.'                                                  4  ?                   
'Thompson, D.A.'                                                 5  ?                   
'Bain, K.T.'                                                     6  ?                   
'Adams, J.M.'                                                    7  ?                   
'Reyes, C.'                                                      8  ?                   
'Lau, C.'                                                        9  ?                   
'Gilmore, J.'                                                    10 ?                   
'Rooney, I.'                                                     11 ?                   
'Wasserman, T.'                                                  12 ?                   
'Gheyi, S.R.'                                                    13 ?                   
'Emtage, S.'                                                     14 ?                   
'Burley, S.K.'                                                   15 0000-0002-2487-9713 
'Almo, S.C.'                                                     16 ?                   
'New York SGX Research Center for Structural Genomics (NYSGXRC)' 17 ?                   
# 
_citation.id                        primary 
_citation.title                     'Crystal structure of the hypothetical protein from Staphylococcus phage 37' 
_citation.journal_abbrev            'To be Published' 
_citation.journal_volume            ? 
_citation.page_first                ? 
_citation.page_last                 ? 
_citation.year                      ? 
_citation.journal_id_ASTM           ? 
_citation.country                   ? 
_citation.journal_id_ISSN           ? 
_citation.journal_id_CSD            0353 
_citation.book_publisher            ? 
_citation.pdbx_database_id_PubMed   ? 
_citation.pdbx_database_id_DOI      ? 
# 
loop_
_citation_author.citation_id 
_citation_author.name 
_citation_author.ordinal 
_citation_author.identifier_ORCID 
primary 'Malashkevich, V.N.' 1  ?                   
primary 'Toro, R.'           2  ?                   
primary 'Sauder, J.M.'       3  ?                   
primary 'Thompson, D.A.'     4  ?                   
primary 'Bain, K.T.'         5  ?                   
primary 'Adams, J.M.'        6  ?                   
primary 'Gheyi, T.'          7  ?                   
primary 'Lau, C.'            8  ?                   
primary 'Gilmore, J.'        9  ?                   
primary 'Wasserman, S.R.'    10 ?                   
primary 'Schwinn, K.D.'      11 ?                   
primary 'Emtage, S.'         12 ?                   
primary 'Burley, S.K.'       13 0000-0002-2487-9713 
primary 'Almo, S.C.'         14 ?                   
# 
loop_
_entity.id 
_entity.type 
_entity.src_method 
_entity.pdbx_description 
_entity.formula_weight 
_entity.pdbx_number_of_molecules 
_entity.pdbx_ec 
_entity.pdbx_mutation 
_entity.pdbx_fragment 
_entity.details 
1 polymer man ORF041 17290.967 1   ? ? ? ? 
2 water   nat water  18.015    102 ? ? ? ? 
# 
_entity_poly.entity_id                      1 
_entity_poly.type                           'polypeptide(L)' 
_entity_poly.nstd_linkage                   no 
_entity_poly.nstd_monomer                   no 
_entity_poly.pdbx_seq_one_letter_code       
;MSLIPKFREFDRERHRTDYQKGMSYAEQQDFDMGFTIWFDHIEDLDLIEKDGTINRIVMMSTGLKDKNVKEIYESDIVRN
LYGELYVVEWLDGSFVLTEFYNGGYDHYIIDSSTEYEVLGNIYENPELLEDDNHASNEGHHHHHH
;
_entity_poly.pdbx_seq_one_letter_code_can   
;MSLIPKFREFDRERHRTDYQKGMSYAEQQDFDMGFTIWFDHIEDLDLIEKDGTINRIVMMSTGLKDKNVKEIYESDIVRN
LYGELYVVEWLDGSFVLTEFYNGGYDHYIIDSSTEYEVLGNIYENPELLEDDNHASNEGHHHHHH
;
_entity_poly.pdbx_strand_id                 A 
_entity_poly.pdbx_target_identifier         NYSGXRC-10427g 
# 
_pdbx_entity_nonpoly.entity_id   2 
_pdbx_entity_nonpoly.name        water 
_pdbx_entity_nonpoly.comp_id     HOH 
# 
loop_
_entity_poly_seq.entity_id 
_entity_poly_seq.num 
_entity_poly_seq.mon_id 
_entity_poly_seq.hetero 
1 1   MET n 
1 2   SER n 
1 3   LEU n 
1 4   ILE n 
1 5   PRO n 
1 6   LYS n 
1 7   PHE n 
1 8   ARG n 
1 9   GLU n 
1 10  PHE n 
1 11  ASP n 
1 12  ARG n 
1 13  GLU n 
1 14  ARG n 
1 15  HIS n 
1 16  ARG n 
1 17  THR n 
1 18  ASP n 
1 19  TYR n 
1 20  GLN n 
1 21  LYS n 
1 22  GLY n 
1 23  MET n 
1 24  SER n 
1 25  TYR n 
1 26  ALA n 
1 27  GLU n 
1 28  GLN n 
1 29  GLN n 
1 30  ASP n 
1 31  PHE n 
1 32  ASP n 
1 33  MET n 
1 34  GLY n 
1 35  PHE n 
1 36  THR n 
1 37  ILE n 
1 38  TRP n 
1 39  PHE n 
1 40  ASP n 
1 41  HIS n 
1 42  ILE n 
1 43  GLU n 
1 44  ASP n 
1 45  LEU n 
1 46  ASP n 
1 47  LEU n 
1 48  ILE n 
1 49  GLU n 
1 50  LYS n 
1 51  ASP n 
1 52  GLY n 
1 53  THR n 
1 54  ILE n 
1 55  ASN n 
1 56  ARG n 
1 57  ILE n 
1 58  VAL n 
1 59  MET n 
1 60  MET n 
1 61  SER n 
1 62  THR n 
1 63  GLY n 
1 64  LEU n 
1 65  LYS n 
1 66  ASP n 
1 67  LYS n 
1 68  ASN n 
1 69  VAL n 
1 70  LYS n 
1 71  GLU n 
1 72  ILE n 
1 73  TYR n 
1 74  GLU n 
1 75  SER n 
1 76  ASP n 
1 77  ILE n 
1 78  VAL n 
1 79  ARG n 
1 80  ASN n 
1 81  LEU n 
1 82  TYR n 
1 83  GLY n 
1 84  GLU n 
1 85  LEU n 
1 86  TYR n 
1 87  VAL n 
1 88  VAL n 
1 89  GLU n 
1 90  TRP n 
1 91  LEU n 
1 92  ASP n 
1 93  GLY n 
1 94  SER n 
1 95  PHE n 
1 96  VAL n 
1 97  LEU n 
1 98  THR n 
1 99  GLU n 
1 100 PHE n 
1 101 TYR n 
1 102 ASN n 
1 103 GLY n 
1 104 GLY n 
1 105 TYR n 
1 106 ASP n 
1 107 HIS n 
1 108 TYR n 
1 109 ILE n 
1 110 ILE n 
1 111 ASP n 
1 112 SER n 
1 113 SER n 
1 114 THR n 
1 115 GLU n 
1 116 TYR n 
1 117 GLU n 
1 118 VAL n 
1 119 LEU n 
1 120 GLY n 
1 121 ASN n 
1 122 ILE n 
1 123 TYR n 
1 124 GLU n 
1 125 ASN n 
1 126 PRO n 
1 127 GLU n 
1 128 LEU n 
1 129 LEU n 
1 130 GLU n 
1 131 ASP n 
1 132 ASP n 
1 133 ASN n 
1 134 HIS n 
1 135 ALA n 
1 136 SER n 
1 137 ASN n 
1 138 GLU n 
1 139 GLY n 
1 140 HIS n 
1 141 HIS n 
1 142 HIS n 
1 143 HIS n 
1 144 HIS n 
1 145 HIS n 
# 
_entity_src_gen.entity_id                          1 
_entity_src_gen.pdbx_src_id                        1 
_entity_src_gen.pdbx_alt_source_flag               sample 
_entity_src_gen.pdbx_seq_type                      ? 
_entity_src_gen.pdbx_beg_seq_num                   ? 
_entity_src_gen.pdbx_end_seq_num                   ? 
_entity_src_gen.gene_src_common_name               ? 
_entity_src_gen.gene_src_genus                     ? 
_entity_src_gen.pdbx_gene_src_gene                 ? 
_entity_src_gen.gene_src_species                   ? 
_entity_src_gen.gene_src_strain                    37 
_entity_src_gen.gene_src_tissue                    ? 
_entity_src_gen.gene_src_tissue_fraction           ? 
_entity_src_gen.gene_src_details                   ? 
_entity_src_gen.pdbx_gene_src_fragment             ? 
_entity_src_gen.pdbx_gene_src_scientific_name      'Staphylococcus phage' 
_entity_src_gen.pdbx_gene_src_ncbi_taxonomy_id     320840 
_entity_src_gen.pdbx_gene_src_variant              ? 
_entity_src_gen.pdbx_gene_src_cell_line            ? 
_entity_src_gen.pdbx_gene_src_atcc                 ? 
_entity_src_gen.pdbx_gene_src_organ                ? 
_entity_src_gen.pdbx_gene_src_organelle            ? 
_entity_src_gen.pdbx_gene_src_cell                 ? 
_entity_src_gen.pdbx_gene_src_cellular_location    ? 
_entity_src_gen.host_org_common_name               ? 
_entity_src_gen.pdbx_host_org_scientific_name      'Escherichia coli' 
_entity_src_gen.pdbx_host_org_ncbi_taxonomy_id     562 
_entity_src_gen.host_org_genus                     Escherichia 
_entity_src_gen.pdbx_host_org_gene                 ? 
_entity_src_gen.pdbx_host_org_organ                ? 
_entity_src_gen.host_org_species                   ? 
_entity_src_gen.pdbx_host_org_tissue               ? 
_entity_src_gen.pdbx_host_org_tissue_fraction      ? 
_entity_src_gen.pdbx_host_org_strain               'BL21(DE3)CODON+RIL' 
_entity_src_gen.pdbx_host_org_variant              ? 
_entity_src_gen.pdbx_host_org_cell_line            ? 
_entity_src_gen.pdbx_host_org_atcc                 ? 
_entity_src_gen.pdbx_host_org_culture_collection   ? 
_entity_src_gen.pdbx_host_org_cell                 ? 
_entity_src_gen.pdbx_host_org_organelle            ? 
_entity_src_gen.pdbx_host_org_cellular_location    ? 
_entity_src_gen.pdbx_host_org_vector_type          Plasmid 
_entity_src_gen.pdbx_host_org_vector               ? 
_entity_src_gen.host_org_details                   ? 
_entity_src_gen.expression_system_id               ? 
_entity_src_gen.plasmid_name                       'BC-pSGX3(BC)' 
_entity_src_gen.plasmid_details                    ? 
_entity_src_gen.pdbx_description                   ? 
# 
loop_
_chem_comp.id 
_chem_comp.type 
_chem_comp.mon_nstd_flag 
_chem_comp.name 
_chem_comp.pdbx_synonyms 
_chem_comp.formula 
_chem_comp.formula_weight 
ALA 'L-peptide linking' y ALANINE         ? 'C3 H7 N O2'     89.093  
ARG 'L-peptide linking' y ARGININE        ? 'C6 H15 N4 O2 1' 175.209 
ASN 'L-peptide linking' y ASPARAGINE      ? 'C4 H8 N2 O3'    132.118 
ASP 'L-peptide linking' y 'ASPARTIC ACID' ? 'C4 H7 N O4'     133.103 
GLN 'L-peptide linking' y GLUTAMINE       ? 'C5 H10 N2 O3'   146.144 
GLU 'L-peptide linking' y 'GLUTAMIC ACID' ? 'C5 H9 N O4'     147.129 
GLY 'peptide linking'   y GLYCINE         ? 'C2 H5 N O2'     75.067  
HIS 'L-peptide linking' y HISTIDINE       ? 'C6 H10 N3 O2 1' 156.162 
HOH non-polymer         . WATER           ? 'H2 O'           18.015  
ILE 'L-peptide linking' y ISOLEUCINE      ? 'C6 H13 N O2'    131.173 
LEU 'L-peptide linking' y LEUCINE         ? 'C6 H13 N O2'    131.173 
LYS 'L-peptide linking' y LYSINE          ? 'C6 H15 N2 O2 1' 147.195 
MET 'L-peptide linking' y METHIONINE      ? 'C5 H11 N O2 S'  149.211 
PHE 'L-peptide linking' y PHENYLALANINE   ? 'C9 H11 N O2'    165.189 
PRO 'L-peptide linking' y PROLINE         ? 'C5 H9 N O2'     115.130 
SER 'L-peptide linking' y SERINE          ? 'C3 H7 N O3'     105.093 
THR 'L-peptide linking' y THREONINE       ? 'C4 H9 N O3'     119.119 
TRP 'L-peptide linking' y TRYPTOPHAN      ? 'C11 H12 N2 O2'  204.225 
TYR 'L-peptide linking' y TYROSINE        ? 'C9 H11 N O3'    181.189 
VAL 'L-peptide linking' y VALINE          ? 'C5 H11 N O2'    117.146 
# 
loop_
_pdbx_poly_seq_scheme.asym_id 
_pdbx_poly_seq_scheme.entity_id 
_pdbx_poly_seq_scheme.seq_id 
_pdbx_poly_seq_scheme.mon_id 
_pdbx_poly_seq_scheme.ndb_seq_num 
_pdbx_poly_seq_scheme.pdb_seq_num 
_pdbx_poly_seq_scheme.auth_seq_num 
_pdbx_poly_seq_scheme.pdb_mon_id 
_pdbx_poly_seq_scheme.auth_mon_id 
_pdbx_poly_seq_scheme.pdb_strand_id 
_pdbx_poly_seq_scheme.pdb_ins_code 
_pdbx_poly_seq_scheme.hetero 
A 1 1   MET 1   1   ?   ?   ?   A . n 
A 1 2   SER 2   2   ?   ?   ?   A . n 
A 1 3   LEU 3   3   3   LEU LEU A . n 
A 1 4   ILE 4   4   4   ILE ILE A . n 
A 1 5   PRO 5   5   5   PRO PRO A . n 
A 1 6   LYS 6   6   6   LYS LYS A . n 
A 1 7   PHE 7   7   7   PHE PHE A . n 
A 1 8   ARG 8   8   8   ARG ARG A . n 
A 1 9   GLU 9   9   9   GLU GLU A . n 
A 1 10  PHE 10  10  10  PHE PHE A . n 
A 1 11  ASP 11  11  11  ASP ASP A . n 
A 1 12  ARG 12  12  12  ARG ARG A . n 
A 1 13  GLU 13  13  13  GLU GLU A . n 
A 1 14  ARG 14  14  14  ARG ARG A . n 
A 1 15  HIS 15  15  15  HIS HIS A . n 
A 1 16  ARG 16  16  16  ARG ARG A . n 
A 1 17  THR 17  17  17  THR THR A . n 
A 1 18  ASP 18  18  18  ASP ASP A . n 
A 1 19  TYR 19  19  19  TYR TYR A . n 
A 1 20  GLN 20  20  20  GLN GLN A . n 
A 1 21  LYS 21  21  21  LYS LYS A . n 
A 1 22  GLY 22  22  22  GLY GLY A . n 
A 1 23  MET 23  23  23  MET MET A . n 
A 1 24  SER 24  24  24  SER SER A . n 
A 1 25  TYR 25  25  25  TYR TYR A . n 
A 1 26  ALA 26  26  26  ALA ALA A . n 
A 1 27  GLU 27  27  27  GLU GLU A . n 
A 1 28  GLN 28  28  28  GLN GLN A . n 
A 1 29  GLN 29  29  29  GLN GLN A . n 
A 1 30  ASP 30  30  30  ASP ASP A . n 
A 1 31  PHE 31  31  31  PHE PHE A . n 
A 1 32  ASP 32  32  32  ASP ASP A . n 
A 1 33  MET 33  33  33  MET MET A . n 
A 1 34  GLY 34  34  34  GLY GLY A . n 
A 1 35  PHE 35  35  35  PHE PHE A . n 
A 1 36  THR 36  36  36  THR THR A . n 
A 1 37  ILE 37  37  37  ILE ILE A . n 
A 1 38  TRP 38  38  38  TRP TRP A . n 
A 1 39  PHE 39  39  39  PHE PHE A . n 
A 1 40  ASP 40  40  40  ASP ASP A . n 
A 1 41  HIS 41  41  41  HIS HIS A . n 
A 1 42  ILE 42  42  42  ILE ILE A . n 
A 1 43  GLU 43  43  43  GLU GLU A . n 
A 1 44  ASP 44  44  44  ASP ASP A . n 
A 1 45  LEU 45  45  45  LEU LEU A . n 
A 1 46  ASP 46  46  46  ASP ASP A . n 
A 1 47  LEU 47  47  47  LEU LEU A . n 
A 1 48  ILE 48  48  48  ILE ILE A . n 
A 1 49  GLU 49  49  49  GLU GLU A . n 
A 1 50  LYS 50  50  50  LYS LYS A . n 
A 1 51  ASP 51  51  51  ASP ASP A . n 
A 1 52  GLY 52  52  52  GLY GLY A . n 
A 1 53  THR 53  53  53  THR THR A . n 
A 1 54  ILE 54  54  54  ILE ILE A . n 
A 1 55  ASN 55  55  55  ASN ASN A . n 
A 1 56  ARG 56  56  56  ARG ARG A . n 
A 1 57  ILE 57  57  57  ILE ILE A . n 
A 1 58  VAL 58  58  58  VAL VAL A . n 
A 1 59  MET 59  59  59  MET MET A . n 
A 1 60  MET 60  60  60  MET MET A . n 
A 1 61  SER 61  61  61  SER SER A . n 
A 1 62  THR 62  62  62  THR THR A . n 
A 1 63  GLY 63  63  63  GLY GLY A . n 
A 1 64  LEU 64  64  64  LEU LEU A . n 
A 1 65  LYS 65  65  65  LYS LYS A . n 
A 1 66  ASP 66  66  66  ASP ASP A . n 
A 1 67  LYS 67  67  67  LYS LYS A . n 
A 1 68  ASN 68  68  68  ASN ASN A . n 
A 1 69  VAL 69  69  69  VAL VAL A . n 
A 1 70  LYS 70  70  70  LYS LYS A . n 
A 1 71  GLU 71  71  71  GLU GLU A . n 
A 1 72  ILE 72  72  72  ILE ILE A . n 
A 1 73  TYR 73  73  73  TYR TYR A . n 
A 1 74  GLU 74  74  74  GLU GLU A . n 
A 1 75  SER 75  75  75  SER SER A . n 
A 1 76  ASP 76  76  76  ASP ASP A . n 
A 1 77  ILE 77  77  77  ILE ILE A . n 
A 1 78  VAL 78  78  78  VAL VAL A . n 
A 1 79  ARG 79  79  79  ARG ARG A . n 
A 1 80  ASN 80  80  80  ASN ASN A . n 
A 1 81  LEU 81  81  81  LEU LEU A . n 
A 1 82  TYR 82  82  82  TYR TYR A . n 
A 1 83  GLY 83  83  83  GLY GLY A . n 
A 1 84  GLU 84  84  84  GLU GLU A . n 
A 1 85  LEU 85  85  85  LEU LEU A . n 
A 1 86  TYR 86  86  86  TYR TYR A . n 
A 1 87  VAL 87  87  87  VAL VAL A . n 
A 1 88  VAL 88  88  88  VAL VAL A . n 
A 1 89  GLU 89  89  89  GLU GLU A . n 
A 1 90  TRP 90  90  90  TRP TRP A . n 
A 1 91  LEU 91  91  91  LEU LEU A . n 
A 1 92  ASP 92  92  92  ASP ASP A . n 
A 1 93  GLY 93  93  93  GLY GLY A . n 
A 1 94  SER 94  94  94  SER SER A . n 
A 1 95  PHE 95  95  95  PHE PHE A . n 
A 1 96  VAL 96  96  96  VAL VAL A . n 
A 1 97  LEU 97  97  97  LEU LEU A . n 
A 1 98  THR 98  98  98  THR THR A . n 
A 1 99  GLU 99  99  99  GLU GLU A . n 
A 1 100 PHE 100 100 100 PHE PHE A . n 
A 1 101 TYR 101 101 101 TYR TYR A . n 
A 1 102 ASN 102 102 102 ASN ASN A . n 
A 1 103 GLY 103 103 103 GLY GLY A . n 
A 1 104 GLY 104 104 104 GLY GLY A . n 
A 1 105 TYR 105 105 105 TYR TYR A . n 
A 1 106 ASP 106 106 106 ASP ASP A . n 
A 1 107 HIS 107 107 107 HIS HIS A . n 
A 1 108 TYR 108 108 108 TYR TYR A . n 
A 1 109 ILE 109 109 109 ILE ILE A . n 
A 1 110 ILE 110 110 110 ILE ILE A . n 
A 1 111 ASP 111 111 111 ASP ASP A . n 
A 1 112 SER 112 112 112 SER SER A . n 
A 1 113 SER 113 113 113 SER SER A . n 
A 1 114 THR 114 114 114 THR THR A . n 
A 1 115 GLU 115 115 115 GLU GLU A . n 
A 1 116 TYR 116 116 116 TYR TYR A . n 
A 1 117 GLU 117 117 117 GLU GLU A . n 
A 1 118 VAL 118 118 118 VAL VAL A . n 
A 1 119 LEU 119 119 119 LEU LEU A . n 
A 1 120 GLY 120 120 120 GLY GLY A . n 
A 1 121 ASN 121 121 121 ASN ASN A . n 
A 1 122 ILE 122 122 122 ILE ILE A . n 
A 1 123 TYR 123 123 123 TYR TYR A . n 
A 1 124 GLU 124 124 124 GLU GLU A . n 
A 1 125 ASN 125 125 125 ASN ASN A . n 
A 1 126 PRO 126 126 126 PRO PRO A . n 
A 1 127 GLU 127 127 127 GLU GLU A . n 
A 1 128 LEU 128 128 128 LEU LEU A . n 
A 1 129 LEU 129 129 129 LEU LEU A . n 
A 1 130 GLU 130 130 130 GLU GLU A . n 
A 1 131 ASP 131 131 131 ASP ASP A . n 
A 1 132 ASP 132 132 132 ASP ASP A . n 
A 1 133 ASN 133 133 133 ASN ASN A . n 
A 1 134 HIS 134 134 134 HIS HIS A . n 
A 1 135 ALA 135 135 135 ALA ALA A . n 
A 1 136 SER 136 136 ?   ?   ?   A . n 
A 1 137 ASN 137 137 ?   ?   ?   A . n 
A 1 138 GLU 138 138 ?   ?   ?   A . n 
A 1 139 GLY 139 139 ?   ?   ?   A . n 
A 1 140 HIS 140 140 ?   ?   ?   A . n 
A 1 141 HIS 141 141 ?   ?   ?   A . n 
A 1 142 HIS 142 142 ?   ?   ?   A . n 
A 1 143 HIS 143 143 ?   ?   ?   A . n 
A 1 144 HIS 144 144 ?   ?   ?   A . n 
A 1 145 HIS 145 145 ?   ?   ?   A . n 
# 
loop_
_pdbx_nonpoly_scheme.asym_id 
_pdbx_nonpoly_scheme.entity_id 
_pdbx_nonpoly_scheme.mon_id 
_pdbx_nonpoly_scheme.ndb_seq_num 
_pdbx_nonpoly_scheme.pdb_seq_num 
_pdbx_nonpoly_scheme.auth_seq_num 
_pdbx_nonpoly_scheme.pdb_mon_id 
_pdbx_nonpoly_scheme.auth_mon_id 
_pdbx_nonpoly_scheme.pdb_strand_id 
_pdbx_nonpoly_scheme.pdb_ins_code 
B 2 HOH 1   146 2   HOH HOH A . 
B 2 HOH 2   147 3   HOH HOH A . 
B 2 HOH 3   148 4   HOH HOH A . 
B 2 HOH 4   149 5   HOH HOH A . 
B 2 HOH 5   150 8   HOH HOH A . 
B 2 HOH 6   151 9   HOH HOH A . 
B 2 HOH 7   152 10  HOH HOH A . 
B 2 HOH 8   153 11  HOH HOH A . 
B 2 HOH 9   154 12  HOH HOH A . 
B 2 HOH 10  155 13  HOH HOH A . 
B 2 HOH 11  156 14  HOH HOH A . 
B 2 HOH 12  157 17  HOH HOH A . 
B 2 HOH 13  158 18  HOH HOH A . 
B 2 HOH 14  159 19  HOH HOH A . 
B 2 HOH 15  160 21  HOH HOH A . 
B 2 HOH 16  161 22  HOH HOH A . 
B 2 HOH 17  162 23  HOH HOH A . 
B 2 HOH 18  163 24  HOH HOH A . 
B 2 HOH 19  164 25  HOH HOH A . 
B 2 HOH 20  165 26  HOH HOH A . 
B 2 HOH 21  166 27  HOH HOH A . 
B 2 HOH 22  167 28  HOH HOH A . 
B 2 HOH 23  168 30  HOH HOH A . 
B 2 HOH 24  169 31  HOH HOH A . 
B 2 HOH 25  170 32  HOH HOH A . 
B 2 HOH 26  171 33  HOH HOH A . 
B 2 HOH 27  172 36  HOH HOH A . 
B 2 HOH 28  173 38  HOH HOH A . 
B 2 HOH 29  174 40  HOH HOH A . 
B 2 HOH 30  175 42  HOH HOH A . 
B 2 HOH 31  176 44  HOH HOH A . 
B 2 HOH 32  177 45  HOH HOH A . 
B 2 HOH 33  178 46  HOH HOH A . 
B 2 HOH 34  179 47  HOH HOH A . 
B 2 HOH 35  180 48  HOH HOH A . 
B 2 HOH 36  181 50  HOH HOH A . 
B 2 HOH 37  182 51  HOH HOH A . 
B 2 HOH 38  183 52  HOH HOH A . 
B 2 HOH 39  184 53  HOH HOH A . 
B 2 HOH 40  185 54  HOH HOH A . 
B 2 HOH 41  186 55  HOH HOH A . 
B 2 HOH 42  187 56  HOH HOH A . 
B 2 HOH 43  188 57  HOH HOH A . 
B 2 HOH 44  189 59  HOH HOH A . 
B 2 HOH 45  190 60  HOH HOH A . 
B 2 HOH 46  191 61  HOH HOH A . 
B 2 HOH 47  192 62  HOH HOH A . 
B 2 HOH 48  193 63  HOH HOH A . 
B 2 HOH 49  194 64  HOH HOH A . 
B 2 HOH 50  195 65  HOH HOH A . 
B 2 HOH 51  196 66  HOH HOH A . 
B 2 HOH 52  197 67  HOH HOH A . 
B 2 HOH 53  198 68  HOH HOH A . 
B 2 HOH 54  199 69  HOH HOH A . 
B 2 HOH 55  200 72  HOH HOH A . 
B 2 HOH 56  201 73  HOH HOH A . 
B 2 HOH 57  202 76  HOH HOH A . 
B 2 HOH 58  203 78  HOH HOH A . 
B 2 HOH 59  204 79  HOH HOH A . 
B 2 HOH 60  205 83  HOH HOH A . 
B 2 HOH 61  206 84  HOH HOH A . 
B 2 HOH 62  207 87  HOH HOH A . 
B 2 HOH 63  208 88  HOH HOH A . 
B 2 HOH 64  209 90  HOH HOH A . 
B 2 HOH 65  210 91  HOH HOH A . 
B 2 HOH 66  211 92  HOH HOH A . 
B 2 HOH 67  212 94  HOH HOH A . 
B 2 HOH 68  213 96  HOH HOH A . 
B 2 HOH 69  214 97  HOH HOH A . 
B 2 HOH 70  215 98  HOH HOH A . 
B 2 HOH 71  216 99  HOH HOH A . 
B 2 HOH 72  217 102 HOH HOH A . 
B 2 HOH 73  218 103 HOH HOH A . 
B 2 HOH 74  219 104 HOH HOH A . 
B 2 HOH 75  220 105 HOH HOH A . 
B 2 HOH 76  221 106 HOH HOH A . 
B 2 HOH 77  222 107 HOH HOH A . 
B 2 HOH 78  223 110 HOH HOH A . 
B 2 HOH 79  224 113 HOH HOH A . 
B 2 HOH 80  225 114 HOH HOH A . 
B 2 HOH 81  226 116 HOH HOH A . 
B 2 HOH 82  227 120 HOH HOH A . 
B 2 HOH 83  228 121 HOH HOH A . 
B 2 HOH 84  229 122 HOH HOH A . 
B 2 HOH 85  230 124 HOH HOH A . 
B 2 HOH 86  231 125 HOH HOH A . 
B 2 HOH 87  232 126 HOH HOH A . 
B 2 HOH 88  233 127 HOH HOH A . 
B 2 HOH 89  234 128 HOH HOH A . 
B 2 HOH 90  235 129 HOH HOH A . 
B 2 HOH 91  236 130 HOH HOH A . 
B 2 HOH 92  237 131 HOH HOH A . 
B 2 HOH 93  238 132 HOH HOH A . 
B 2 HOH 94  239 134 HOH HOH A . 
B 2 HOH 95  240 137 HOH HOH A . 
B 2 HOH 96  241 138 HOH HOH A . 
B 2 HOH 97  242 139 HOH HOH A . 
B 2 HOH 98  243 140 HOH HOH A . 
B 2 HOH 99  244 141 HOH HOH A . 
B 2 HOH 100 245 142 HOH HOH A . 
B 2 HOH 101 246 143 HOH HOH A . 
B 2 HOH 102 247 144 HOH HOH A . 
# 
loop_
_software.name 
_software.version 
_software.date 
_software.type 
_software.contact_author 
_software.contact_author_email 
_software.classification 
_software.location 
_software.language 
_software.citation_id 
_software.pdbx_ordinal 
REFMAC      5.3.0034  ?                program 'Murshudov, G.N.'  ccp4@dl.ac.uk                refinement        
http://www.ccp4.ac.uk/main.html            Fortran_77 ? 1 
SHELX       .         ?                package 'George Sheldrick' gsheldr@shelx.uni-ac.gwdg.de refinement        
http://shelx.uni-ac.gwdg.de/SHELX/         Fortran_77 ? 2 
CCP4        .         ?                other   'Phil Evans'       pre@mrc-lmb.cam.ac.uk        refinement        
http://www.ccp4.ac.uk/dist/html/INDEX.html Fortran_77 ? 3 
PDB_EXTRACT .         'April. 3, 2006' package PDB                sw-help@rcsb.rutgers.edu     'data extraction' 
http://pdb.rutgers.edu/software/           C++        ? 4 
MOSFLM      .         ?                ?       ?                  ?                            'data reduction'  ? ?          ? 5 
CCP4        '(SCALA)' ?                ?       ?                  ?                            'data scaling'    ? ?          ? 6 
SHELXS      .         ?                ?       ?                  ?                            phasing           ? ?          ? 7 
# 
_cell.length_a           49.470 
_cell.length_b           109.370 
_cell.length_c           57.190 
_cell.angle_alpha        90.00 
_cell.angle_beta         90.00 
_cell.angle_gamma        90.00 
_cell.entry_id           2P84 
_cell.Z_PDB              8 
_cell.pdbx_unique_axis   ? 
_cell.length_a_esd       ? 
_cell.length_b_esd       ? 
_cell.length_c_esd       ? 
_cell.angle_alpha_esd    ? 
_cell.angle_beta_esd     ? 
_cell.angle_gamma_esd    ? 
# 
_symmetry.space_group_name_H-M             'C 2 2 21' 
_symmetry.entry_id                         2P84 
_symmetry.pdbx_full_space_group_name_H-M   ? 
_symmetry.Int_Tables_number                20 
_symmetry.cell_setting                     ? 
_symmetry.space_group_name_Hall            ? 
# 
_exptl.entry_id          2P84 
_exptl.method            'X-RAY DIFFRACTION' 
_exptl.crystals_number   1 
# 
_exptl_crystal.id                    1 
_exptl_crystal.density_meas          ? 
_exptl_crystal.density_Matthews      2.44 
_exptl_crystal.density_percent_sol   45.01 
_exptl_crystal.description           ? 
_exptl_crystal.F_000                 ? 
_exptl_crystal.preparation           ? 
# 
_exptl_crystal_grow.crystal_id      1 
_exptl_crystal_grow.method          ? 
_exptl_crystal_grow.temp            295 
_exptl_crystal_grow.temp_details    ? 
_exptl_crystal_grow.pH              7.50 
_exptl_crystal_grow.pdbx_details    
'0.1M HEPES, pH 7.5, 1.4 M tri-sodium citrate, VAPOR DIFFUSION, SITTING DROP, temperature 295K, pH 7.50' 
_exptl_crystal_grow.pdbx_pH_range   . 
# 
_diffrn.id                     1 
_diffrn.ambient_temp           100.0 
_diffrn.ambient_temp_details   ? 
_diffrn.crystal_id             1 
# 
_diffrn_detector.diffrn_id              1 
_diffrn_detector.detector               CCD 
_diffrn_detector.type                   'MAR CCD 165 mm' 
_diffrn_detector.pdbx_collection_date   2007-03-16 
_diffrn_detector.details                SGX-CAT 
# 
_diffrn_radiation.diffrn_id                        1 
_diffrn_radiation.wavelength_id                    1 
_diffrn_radiation.pdbx_monochromatic_or_laue_m_l   M 
_diffrn_radiation.monochromator                    SGX-CAT 
_diffrn_radiation.pdbx_diffrn_protocol             'SINGLE WAVELENGTH' 
_diffrn_radiation.pdbx_scattering_type             x-ray 
# 
_diffrn_radiation_wavelength.id           1 
_diffrn_radiation_wavelength.wavelength   0.97900 
_diffrn_radiation_wavelength.wt           1.0 
# 
_diffrn_source.diffrn_id                   1 
_diffrn_source.source                      SYNCHROTRON 
_diffrn_source.type                        'APS BEAMLINE 31-ID' 
_diffrn_source.pdbx_synchrotron_site       APS 
_diffrn_source.pdbx_synchrotron_beamline   31-ID 
_diffrn_source.pdbx_wavelength             0.97900 
_diffrn_source.pdbx_wavelength_list        ? 
# 
_reflns.entry_id                     2P84 
_reflns.observed_criterion_sigma_I   ? 
_reflns.observed_criterion_sigma_F   ? 
_reflns.d_resolution_low             24.668 
_reflns.d_resolution_high            1.800 
_reflns.number_obs                   16818 
_reflns.number_all                   ? 
_reflns.percent_possible_obs         98.5 
_reflns.pdbx_Rmerge_I_obs            0.079 
_reflns.pdbx_Rsym_value              0.079 
_reflns.pdbx_netI_over_sigmaI        11.2000 
_reflns.B_iso_Wilson_estimate        ? 
_reflns.pdbx_redundancy              13.600 
_reflns.R_free_details               ? 
_reflns.limit_h_max                  ? 
_reflns.limit_h_min                  ? 
_reflns.limit_k_max                  ? 
_reflns.limit_k_min                  ? 
_reflns.limit_l_max                  ? 
_reflns.limit_l_min                  ? 
_reflns.observed_criterion_F_max     ? 
_reflns.observed_criterion_F_min     ? 
_reflns.pdbx_chi_squared             ? 
_reflns.pdbx_scaling_rejects         ? 
_reflns.pdbx_ordinal                 1 
_reflns.pdbx_diffrn_id               1 
# 
_reflns_shell.d_res_high             1.81 
_reflns_shell.d_res_low              1.92 
_reflns_shell.percent_possible_all   100.0 
_reflns_shell.Rmerge_I_obs           0.33 
_reflns_shell.pdbx_Rsym_value        0.33 
_reflns_shell.meanI_over_sigI_obs    1.000 
_reflns_shell.pdbx_redundancy        14.00 
_reflns_shell.percent_possible_obs   ? 
_reflns_shell.number_unique_all      ? 
_reflns_shell.number_measured_all    ? 
_reflns_shell.number_measured_obs    ? 
_reflns_shell.number_unique_obs      ? 
_reflns_shell.pdbx_chi_squared       ? 
_reflns_shell.pdbx_ordinal           1 
_reflns_shell.pdbx_diffrn_id         1 
# 
_refine.entry_id                                 2P84 
_refine.ls_number_reflns_obs                     13993 
_refine.ls_number_reflns_all                     ? 
_refine.pdbx_ls_sigma_I                          ? 
_refine.pdbx_ls_sigma_F                          ? 
_refine.pdbx_data_cutoff_high_absF               ? 
_refine.pdbx_data_cutoff_low_absF                ? 
_refine.pdbx_data_cutoff_high_rms_absF           ? 
_refine.ls_d_res_low                             18.88 
_refine.ls_d_res_high                            1.80 
_refine.ls_percent_reflns_obs                    ? 
_refine.ls_R_factor_obs                          0.212 
_refine.ls_R_factor_all                          ? 
_refine.ls_R_factor_R_work                       0.208 
_refine.ls_R_factor_R_free                       0.273 
_refine.ls_R_factor_R_free_error                 ? 
_refine.ls_R_factor_R_free_error_details         ? 
_refine.ls_percent_reflns_R_free                 5.000 
_refine.ls_number_reflns_R_free                  733 
_refine.ls_number_parameters                     ? 
_refine.ls_number_restraints                     ? 
_refine.occupancy_min                            ? 
_refine.occupancy_max                            ? 
_refine.correlation_coeff_Fo_to_Fc               0.949 
_refine.correlation_coeff_Fo_to_Fc_free          0.907 
_refine.B_iso_mean                               28.38 
_refine.aniso_B[1][1]                            -0.06000 
_refine.aniso_B[2][2]                            0.09000 
_refine.aniso_B[3][3]                            -0.03000 
_refine.aniso_B[1][2]                            0.00000 
_refine.aniso_B[1][3]                            0.00000 
_refine.aniso_B[2][3]                            0.00000 
_refine.solvent_model_details                    'BABINET MODEL WITH MASK' 
_refine.solvent_model_param_ksol                 ? 
_refine.solvent_model_param_bsol                 ? 
_refine.pdbx_solvent_vdw_probe_radii             1.20 
_refine.pdbx_solvent_ion_probe_radii             0.80 
_refine.pdbx_solvent_shrinkage_radii             0.80 
_refine.pdbx_ls_cross_valid_method               THROUGHOUT 
_refine.details                                  'HYDROGENS HAVE BEEN ADDED IN THE RIDING POSITIONS' 
_refine.pdbx_starting_model                      ? 
_refine.pdbx_method_to_determine_struct          SAD 
_refine.pdbx_isotropic_thermal_model             ? 
_refine.pdbx_stereochemistry_target_values       'MAXIMUM LIKELIHOOD' 
_refine.pdbx_stereochem_target_val_spec_case     ? 
_refine.pdbx_R_Free_selection_details            RANDOM 
_refine.pdbx_overall_ESU_R                       0.141 
_refine.pdbx_overall_ESU_R_Free                  0.149 
_refine.overall_SU_ML                            0.108 
_refine.overall_SU_B                             3.448 
_refine.ls_redundancy_reflns_obs                 ? 
_refine.B_iso_min                                ? 
_refine.B_iso_max                                ? 
_refine.overall_SU_R_Cruickshank_DPI             ? 
_refine.overall_SU_R_free                        ? 
_refine.ls_wR_factor_R_free                      ? 
_refine.ls_wR_factor_R_work                      ? 
_refine.overall_FOM_free_R_set                   ? 
_refine.overall_FOM_work_R_set                   ? 
_refine.pdbx_refine_id                           'X-RAY DIFFRACTION' 
_refine.pdbx_diffrn_id                           1 
_refine.pdbx_TLS_residual_ADP_flag               ? 
_refine.pdbx_overall_phase_error                 ? 
_refine.pdbx_overall_SU_R_free_Cruickshank_DPI   ? 
_refine.pdbx_overall_SU_R_Blow_DPI               ? 
_refine.pdbx_overall_SU_R_free_Blow_DPI          ? 
# 
_refine_hist.pdbx_refine_id                   'X-RAY DIFFRACTION' 
_refine_hist.cycle_id                         LAST 
_refine_hist.pdbx_number_atoms_protein        1118 
_refine_hist.pdbx_number_atoms_nucleic_acid   0 
_refine_hist.pdbx_number_atoms_ligand         0 
_refine_hist.number_atoms_solvent             102 
_refine_hist.number_atoms_total               1220 
_refine_hist.d_res_high                       1.80 
_refine_hist.d_res_low                        18.88 
# 
loop_
_refine_ls_restr.type 
_refine_ls_restr.dev_ideal 
_refine_ls_restr.dev_ideal_target 
_refine_ls_restr.weight 
_refine_ls_restr.number 
_refine_ls_restr.pdbx_refine_id 
_refine_ls_restr.pdbx_restraint_function 
r_bond_refined_d             0.021  0.022  ? 1166 'X-RAY DIFFRACTION' ? 
r_bond_other_d               0.002  0.020  ? 774  'X-RAY DIFFRACTION' ? 
r_angle_refined_deg          1.816  1.943  ? 1582 'X-RAY DIFFRACTION' ? 
r_angle_other_deg            1.278  3.000  ? 1878 'X-RAY DIFFRACTION' ? 
r_dihedral_angle_1_deg       9.347  5.000  ? 138  'X-RAY DIFFRACTION' ? 
r_dihedral_angle_2_deg       36.572 24.930 ? 71   'X-RAY DIFFRACTION' ? 
r_dihedral_angle_3_deg       16.717 15.000 ? 201  'X-RAY DIFFRACTION' ? 
r_dihedral_angle_4_deg       13.949 15.000 ? 6    'X-RAY DIFFRACTION' ? 
r_chiral_restr               0.223  0.200  ? 163  'X-RAY DIFFRACTION' ? 
r_gen_planes_refined         0.008  0.020  ? 1322 'X-RAY DIFFRACTION' ? 
r_gen_planes_other           0.001  0.020  ? 254  'X-RAY DIFFRACTION' ? 
r_nbd_refined                0.235  0.200  ? 225  'X-RAY DIFFRACTION' ? 
r_nbd_other                  0.214  0.200  ? 814  'X-RAY DIFFRACTION' ? 
r_nbtor_refined              0.190  0.200  ? 557  'X-RAY DIFFRACTION' ? 
r_nbtor_other                0.091  0.200  ? 610  'X-RAY DIFFRACTION' ? 
r_xyhbond_nbd_refined        0.216  0.200  ? 87   'X-RAY DIFFRACTION' ? 
r_xyhbond_nbd_other          ?      ?      ? ?    'X-RAY DIFFRACTION' ? 
r_metal_ion_refined          ?      ?      ? ?    'X-RAY DIFFRACTION' ? 
r_metal_ion_other            ?      ?      ? ?    'X-RAY DIFFRACTION' ? 
r_symmetry_vdw_refined       0.229  0.200  ? 16   'X-RAY DIFFRACTION' ? 
r_symmetry_vdw_other         0.265  0.200  ? 37   'X-RAY DIFFRACTION' ? 
r_symmetry_hbond_refined     0.214  0.200  ? 11   'X-RAY DIFFRACTION' ? 
r_symmetry_hbond_other       ?      ?      ? ?    'X-RAY DIFFRACTION' ? 
r_symmetry_metal_ion_refined ?      ?      ? ?    'X-RAY DIFFRACTION' ? 
r_symmetry_metal_ion_other   ?      ?      ? ?    'X-RAY DIFFRACTION' ? 
r_mcbond_it                  1.872  1.500  ? 857  'X-RAY DIFFRACTION' ? 
r_mcbond_other               0.303  1.500  ? 275  'X-RAY DIFFRACTION' ? 
r_mcangle_it                 2.202  2.000  ? 1081 'X-RAY DIFFRACTION' ? 
r_scbond_it                  3.058  3.000  ? 597  'X-RAY DIFFRACTION' ? 
r_scangle_it                 4.208  4.500  ? 498  'X-RAY DIFFRACTION' ? 
r_rigid_bond_restr           ?      ?      ? ?    'X-RAY DIFFRACTION' ? 
r_sphericity_free            ?      ?      ? ?    'X-RAY DIFFRACTION' ? 
r_sphericity_bonded          ?      ?      ? ?    'X-RAY DIFFRACTION' ? 
# 
_refine_ls_shell.pdbx_total_number_of_bins_used   20 
_refine_ls_shell.d_res_high                       1.80 
_refine_ls_shell.d_res_low                        1.85 
_refine_ls_shell.number_reflns_R_work             1000 
_refine_ls_shell.R_factor_R_work                  0.287 
_refine_ls_shell.percent_reflns_obs               98.50 
_refine_ls_shell.R_factor_R_free                  0.329 
_refine_ls_shell.R_factor_R_free_error            ? 
_refine_ls_shell.percent_reflns_R_free            ? 
_refine_ls_shell.number_reflns_R_free             51 
_refine_ls_shell.number_reflns_all                ? 
_refine_ls_shell.R_factor_all                     ? 
_refine_ls_shell.redundancy_reflns_obs            ? 
_refine_ls_shell.number_reflns_obs                ? 
_refine_ls_shell.pdbx_refine_id                   'X-RAY DIFFRACTION' 
# 
_struct.entry_id                  2P84 
_struct.title                     'Crystal structure of ORF041 from Bacteriophage 37' 
_struct.pdbx_model_details        ? 
_struct.pdbx_CASP_flag            ? 
_struct.pdbx_model_type_details   ? 
# 
_struct_keywords.entry_id        2P84 
_struct_keywords.pdbx_keywords   'STRUCTURAL GENOMICS, UNKNOWN FUNCTION' 
_struct_keywords.text            
;STRUCTURAL GENOMICS, HYPOTHETICAL PROTEIN, PSI, PROTEIN STRUCTURE INITIATIVE, NEW YORK STRUCTURAL GENOMICS RESEARCH CONSORTIUM, NYSGRC, New York SGX Research Center for Structural Genomics, NYSGXRC, UNKNOWN FUNCTION
;
# 
loop_
_struct_asym.id 
_struct_asym.pdbx_blank_PDB_chainid_flag 
_struct_asym.pdbx_modified 
_struct_asym.entity_id 
_struct_asym.details 
A N N 1 ? 
B N N 2 ? 
# 
_struct_ref.id                         1 
_struct_ref.db_name                    UNP 
_struct_ref.db_code                    Q4ZC86_9CAUD 
_struct_ref.pdbx_db_accession          Q4ZC86 
_struct_ref.entity_id                  1 
_struct_ref.pdbx_seq_one_letter_code   
;IPKFREFDRERHRTDYQKGMSYAEQQDFDMGFTIWFDHIEDLDLIEKDGTINRIVMMSTGLKDKNVKEIYESDIVRNLYG
ELYVVEWLDGSFVLTEFYNGGYDHYIIDSSTEYEVLGNIYENPELLEDDNHASN
;
_struct_ref.pdbx_align_begin           2 
_struct_ref.pdbx_db_isoform            ? 
# 
_struct_ref_seq.align_id                      1 
_struct_ref_seq.ref_id                        1 
_struct_ref_seq.pdbx_PDB_id_code              2P84 
_struct_ref_seq.pdbx_strand_id                A 
_struct_ref_seq.seq_align_beg                 4 
_struct_ref_seq.pdbx_seq_align_beg_ins_code   ? 
_struct_ref_seq.seq_align_end                 137 
_struct_ref_seq.pdbx_seq_align_end_ins_code   ? 
_struct_ref_seq.pdbx_db_accession             Q4ZC86 
_struct_ref_seq.db_align_beg                  2 
_struct_ref_seq.pdbx_db_align_beg_ins_code    ? 
_struct_ref_seq.db_align_end                  135 
_struct_ref_seq.pdbx_db_align_end_ins_code    ? 
_struct_ref_seq.pdbx_auth_seq_align_beg       4 
_struct_ref_seq.pdbx_auth_seq_align_end       137 
# 
loop_
_struct_ref_seq_dif.align_id 
_struct_ref_seq_dif.pdbx_pdb_id_code 
_struct_ref_seq_dif.mon_id 
_struct_ref_seq_dif.pdbx_pdb_strand_id 
_struct_ref_seq_dif.seq_num 
_struct_ref_seq_dif.pdbx_pdb_ins_code 
_struct_ref_seq_dif.pdbx_seq_db_name 
_struct_ref_seq_dif.pdbx_seq_db_accession_code 
_struct_ref_seq_dif.db_mon_id 
_struct_ref_seq_dif.pdbx_seq_db_seq_num 
_struct_ref_seq_dif.details 
_struct_ref_seq_dif.pdbx_auth_seq_num 
_struct_ref_seq_dif.pdbx_ordinal 
1 2P84 MET A 1   ? UNP Q4ZC86 ? ? 'cloning artifact' 1   1  
1 2P84 SER A 2   ? UNP Q4ZC86 ? ? 'cloning artifact' 2   2  
1 2P84 LEU A 3   ? UNP Q4ZC86 ? ? 'cloning artifact' 3   3  
1 2P84 GLU A 138 ? UNP Q4ZC86 ? ? 'cloning artifact' 138 4  
1 2P84 GLY A 139 ? UNP Q4ZC86 ? ? 'cloning artifact' 139 5  
1 2P84 HIS A 140 ? UNP Q4ZC86 ? ? 'cloning artifact' 140 6  
1 2P84 HIS A 141 ? UNP Q4ZC86 ? ? 'cloning artifact' 141 7  
1 2P84 HIS A 142 ? UNP Q4ZC86 ? ? 'cloning artifact' 142 8  
1 2P84 HIS A 143 ? UNP Q4ZC86 ? ? 'cloning artifact' 143 9  
1 2P84 HIS A 144 ? UNP Q4ZC86 ? ? 'cloning artifact' 144 10 
1 2P84 HIS A 145 ? UNP Q4ZC86 ? ? 'cloning artifact' 145 11 
# 
_pdbx_struct_assembly.id                   1 
_pdbx_struct_assembly.details              author_and_software_defined_assembly 
_pdbx_struct_assembly.method_details       PISA,PQS 
_pdbx_struct_assembly.oligomeric_details   dimeric 
_pdbx_struct_assembly.oligomeric_count     2 
# 
loop_
_pdbx_struct_assembly_prop.biol_id 
_pdbx_struct_assembly_prop.type 
_pdbx_struct_assembly_prop.value 
_pdbx_struct_assembly_prop.details 
1 'ABSA (A^2)' 2930  ? 
1 MORE         -16   ? 
1 'SSA (A^2)'  14380 ? 
# 
_pdbx_struct_assembly_gen.assembly_id       1 
_pdbx_struct_assembly_gen.oper_expression   1,2 
_pdbx_struct_assembly_gen.asym_id_list      A,B 
# 
loop_
_pdbx_struct_oper_list.id 
_pdbx_struct_oper_list.type 
_pdbx_struct_oper_list.name 
_pdbx_struct_oper_list.symmetry_operation 
_pdbx_struct_oper_list.matrix[1][1] 
_pdbx_struct_oper_list.matrix[1][2] 
_pdbx_struct_oper_list.matrix[1][3] 
_pdbx_struct_oper_list.vector[1] 
_pdbx_struct_oper_list.matrix[2][1] 
_pdbx_struct_oper_list.matrix[2][2] 
_pdbx_struct_oper_list.matrix[2][3] 
_pdbx_struct_oper_list.vector[2] 
_pdbx_struct_oper_list.matrix[3][1] 
_pdbx_struct_oper_list.matrix[3][2] 
_pdbx_struct_oper_list.matrix[3][3] 
_pdbx_struct_oper_list.vector[3] 
1 'identity operation'         1_555 x,y,z         1.0000000000  0.0000000000 0.0000000000  0.0000000000   0.0000000000 1.0000000000 0.0000000000  0.0000000000 0.0000000000  0.0000000000  1.0000000000  0.0000000000  
2 'crystal symmetry operation' 3_655 -x+1,y,-z+1/2 -0.6786696357 0.6919097908 -0.2463094944 -22.0239603501 0.6919097908 0.4898659191 -0.5303698924 9.2055605700 -0.2463094944 -0.5303698924 -0.8111962834 -2.8726043087 
# 
_struct_biol.id   1 
# 
loop_
_struct_conf.conf_type_id 
_struct_conf.id 
_struct_conf.pdbx_PDB_helix_id 
_struct_conf.beg_label_comp_id 
_struct_conf.beg_label_asym_id 
_struct_conf.beg_label_seq_id 
_struct_conf.pdbx_beg_PDB_ins_code 
_struct_conf.end_label_comp_id 
_struct_conf.end_label_asym_id 
_struct_conf.end_label_seq_id 
_struct_conf.pdbx_end_PDB_ins_code 
_struct_conf.beg_auth_comp_id 
_struct_conf.beg_auth_asym_id 
_struct_conf.beg_auth_seq_id 
_struct_conf.end_auth_comp_id 
_struct_conf.end_auth_asym_id 
_struct_conf.end_auth_seq_id 
_struct_conf.pdbx_PDB_helix_class 
_struct_conf.details 
_struct_conf.pdbx_PDB_helix_length 
HELX_P HELX_P1 1 ASP A 11  ? THR A 17  ? ASP A 11  THR A 17  1 ? 7 
HELX_P HELX_P2 2 ASP A 44  ? ILE A 48  ? ASP A 44  ILE A 48  5 ? 5 
HELX_P HELX_P3 3 ASP A 111 ? THR A 114 ? ASP A 111 THR A 114 5 ? 4 
HELX_P HELX_P4 4 ASN A 125 ? GLU A 130 ? ASN A 125 GLU A 130 5 ? 6 
# 
_struct_conf_type.id          HELX_P 
_struct_conf_type.criteria    ? 
_struct_conf_type.reference   ? 
# 
loop_
_struct_sheet.id 
_struct_sheet.type 
_struct_sheet.number_strands 
_struct_sheet.details 
A ? 4 ? 
B ? 2 ? 
C ? 5 ? 
# 
loop_
_struct_sheet_order.sheet_id 
_struct_sheet_order.range_id_1 
_struct_sheet_order.range_id_2 
_struct_sheet_order.offset 
_struct_sheet_order.sense 
A 1 2 ? anti-parallel 
A 2 3 ? anti-parallel 
A 3 4 ? anti-parallel 
B 1 2 ? anti-parallel 
C 1 2 ? anti-parallel 
C 2 3 ? anti-parallel 
C 3 4 ? anti-parallel 
C 4 5 ? anti-parallel 
# 
loop_
_struct_sheet_range.sheet_id 
_struct_sheet_range.id 
_struct_sheet_range.beg_label_comp_id 
_struct_sheet_range.beg_label_asym_id 
_struct_sheet_range.beg_label_seq_id 
_struct_sheet_range.pdbx_beg_PDB_ins_code 
_struct_sheet_range.end_label_comp_id 
_struct_sheet_range.end_label_asym_id 
_struct_sheet_range.end_label_seq_id 
_struct_sheet_range.pdbx_end_PDB_ins_code 
_struct_sheet_range.beg_auth_comp_id 
_struct_sheet_range.beg_auth_asym_id 
_struct_sheet_range.beg_auth_seq_id 
_struct_sheet_range.end_auth_comp_id 
_struct_sheet_range.end_auth_asym_id 
_struct_sheet_range.end_auth_seq_id 
A 1 MET A 23  ? TYR A 25  ? MET A 23  TYR A 25  
A 2 PHE A 7   ? PHE A 10  ? PHE A 7   PHE A 10  
A 3 ILE A 57  ? LYS A 65  ? ILE A 57  LYS A 65  
A 4 GLU A 71  ? TYR A 73  ? GLU A 71  TYR A 73  
B 1 GLU A 27  ? PHE A 31  ? GLU A 27  PHE A 31  
B 2 GLY A 34  ? TRP A 38  ? GLY A 34  TRP A 38  
C 1 ASP A 106 ? TYR A 108 ? ASP A 106 TYR A 108 
C 2 SER A 94  ? GLU A 99  ? SER A 94  GLU A 99  
C 3 LEU A 85  ? LEU A 91  ? LEU A 85  LEU A 91  
C 4 ASP A 76  ? ASN A 80  ? ASP A 76  ASN A 80  
C 5 TYR A 116 ? ASN A 121 ? TYR A 116 ASN A 121 
# 
loop_
_pdbx_struct_sheet_hbond.sheet_id 
_pdbx_struct_sheet_hbond.range_id_1 
_pdbx_struct_sheet_hbond.range_id_2 
_pdbx_struct_sheet_hbond.range_1_label_atom_id 
_pdbx_struct_sheet_hbond.range_1_label_comp_id 
_pdbx_struct_sheet_hbond.range_1_label_asym_id 
_pdbx_struct_sheet_hbond.range_1_label_seq_id 
_pdbx_struct_sheet_hbond.range_1_PDB_ins_code 
_pdbx_struct_sheet_hbond.range_1_auth_atom_id 
_pdbx_struct_sheet_hbond.range_1_auth_comp_id 
_pdbx_struct_sheet_hbond.range_1_auth_asym_id 
_pdbx_struct_sheet_hbond.range_1_auth_seq_id 
_pdbx_struct_sheet_hbond.range_2_label_atom_id 
_pdbx_struct_sheet_hbond.range_2_label_comp_id 
_pdbx_struct_sheet_hbond.range_2_label_asym_id 
_pdbx_struct_sheet_hbond.range_2_label_seq_id 
_pdbx_struct_sheet_hbond.range_2_PDB_ins_code 
_pdbx_struct_sheet_hbond.range_2_auth_atom_id 
_pdbx_struct_sheet_hbond.range_2_auth_comp_id 
_pdbx_struct_sheet_hbond.range_2_auth_asym_id 
_pdbx_struct_sheet_hbond.range_2_auth_seq_id 
A 1 2 O SER A 24  ? O SER A 24  N GLU A 9   ? N GLU A 9   
A 2 3 N ARG A 8   ? N ARG A 8   O MET A 59  ? O MET A 59  
A 3 4 N THR A 62  ? N THR A 62  O ILE A 72  ? O ILE A 72  
B 1 2 N GLU A 27  ? N GLU A 27  O TRP A 38  ? O TRP A 38  
C 1 2 O HIS A 107 ? O HIS A 107 N LEU A 97  ? N LEU A 97  
C 2 3 O SER A 94  ? O SER A 94  N LEU A 91  ? N LEU A 91  
C 3 4 O VAL A 88  ? O VAL A 88  N ASP A 76  ? N ASP A 76  
C 4 5 N ILE A 77  ? N ILE A 77  O LEU A 119 ? O LEU A 119 
# 
loop_
_pdbx_validate_close_contact.id 
_pdbx_validate_close_contact.PDB_model_num 
_pdbx_validate_close_contact.auth_atom_id_1 
_pdbx_validate_close_contact.auth_asym_id_1 
_pdbx_validate_close_contact.auth_comp_id_1 
_pdbx_validate_close_contact.auth_seq_id_1 
_pdbx_validate_close_contact.PDB_ins_code_1 
_pdbx_validate_close_contact.label_alt_id_1 
_pdbx_validate_close_contact.auth_atom_id_2 
_pdbx_validate_close_contact.auth_asym_id_2 
_pdbx_validate_close_contact.auth_comp_id_2 
_pdbx_validate_close_contact.auth_seq_id_2 
_pdbx_validate_close_contact.PDB_ins_code_2 
_pdbx_validate_close_contact.label_alt_id_2 
_pdbx_validate_close_contact.dist 
1 1 OG A SER 61  ? ? OE2 A GLU 71  ? ? 1.93 
2 1 O  A HOH 180 ? ? O   A HOH 227 ? ? 2.18 
# 
_pdbx_validate_rmsd_bond.id                        1 
_pdbx_validate_rmsd_bond.PDB_model_num             1 
_pdbx_validate_rmsd_bond.auth_atom_id_1            CB 
_pdbx_validate_rmsd_bond.auth_asym_id_1            A 
_pdbx_validate_rmsd_bond.auth_comp_id_1            VAL 
_pdbx_validate_rmsd_bond.auth_seq_id_1             87 
_pdbx_validate_rmsd_bond.PDB_ins_code_1            ? 
_pdbx_validate_rmsd_bond.label_alt_id_1            ? 
_pdbx_validate_rmsd_bond.auth_atom_id_2            CG1 
_pdbx_validate_rmsd_bond.auth_asym_id_2            A 
_pdbx_validate_rmsd_bond.auth_comp_id_2            VAL 
_pdbx_validate_rmsd_bond.auth_seq_id_2             87 
_pdbx_validate_rmsd_bond.PDB_ins_code_2            ? 
_pdbx_validate_rmsd_bond.label_alt_id_2            ? 
_pdbx_validate_rmsd_bond.bond_value                1.652 
_pdbx_validate_rmsd_bond.bond_target_value         1.524 
_pdbx_validate_rmsd_bond.bond_deviation            0.128 
_pdbx_validate_rmsd_bond.bond_standard_deviation   0.021 
_pdbx_validate_rmsd_bond.linker_flag               N 
# 
loop_
_pdbx_validate_torsion.id 
_pdbx_validate_torsion.PDB_model_num 
_pdbx_validate_torsion.auth_comp_id 
_pdbx_validate_torsion.auth_asym_id 
_pdbx_validate_torsion.auth_seq_id 
_pdbx_validate_torsion.PDB_ins_code 
_pdbx_validate_torsion.label_alt_id 
_pdbx_validate_torsion.phi 
_pdbx_validate_torsion.psi 
1 1 ILE A 4   ? ? 48.46   -100.45 
2 1 ASN A 102 ? ? -171.29 -13.55  
3 1 ASP A 111 ? ? -62.48  11.71   
4 1 SER A 112 ? ? -48.39  26.95   
5 1 ASN A 133 ? ? 135.45  -43.61  
6 1 HIS A 134 ? ? 177.78  -169.69 
# 
loop_
_pdbx_validate_peptide_omega.id 
_pdbx_validate_peptide_omega.PDB_model_num 
_pdbx_validate_peptide_omega.auth_comp_id_1 
_pdbx_validate_peptide_omega.auth_asym_id_1 
_pdbx_validate_peptide_omega.auth_seq_id_1 
_pdbx_validate_peptide_omega.PDB_ins_code_1 
_pdbx_validate_peptide_omega.label_alt_id_1 
_pdbx_validate_peptide_omega.auth_comp_id_2 
_pdbx_validate_peptide_omega.auth_asym_id_2 
_pdbx_validate_peptide_omega.auth_seq_id_2 
_pdbx_validate_peptide_omega.PDB_ins_code_2 
_pdbx_validate_peptide_omega.label_alt_id_2 
_pdbx_validate_peptide_omega.omega 
1 1 ASP A 111 ? ? SER A 112 ? ? 129.86 
2 1 ASP A 132 ? ? ASN A 133 ? ? 141.65 
# 
_pdbx_validate_chiral.id              1 
_pdbx_validate_chiral.PDB_model_num   1 
_pdbx_validate_chiral.auth_atom_id    CA 
_pdbx_validate_chiral.label_alt_id    ? 
_pdbx_validate_chiral.auth_asym_id    A 
_pdbx_validate_chiral.auth_comp_id    ILE 
_pdbx_validate_chiral.auth_seq_id     4 
_pdbx_validate_chiral.PDB_ins_code    ? 
_pdbx_validate_chiral.details         PLANAR 
_pdbx_validate_chiral.omega           . 
# 
_pdbx_SG_project.id                    1 
_pdbx_SG_project.project_name          'PSI, Protein Structure Initiative' 
_pdbx_SG_project.full_name_of_center   'New York SGX Research Center for Structural Genomics' 
_pdbx_SG_project.initial_of_center     NYSGXRC 
# 
_diffrn_reflns.diffrn_id                   1 
_diffrn_reflns.pdbx_d_res_high             1.716 
_diffrn_reflns.pdbx_d_res_low              24.668 
_diffrn_reflns.pdbx_number_obs             16818 
_diffrn_reflns.pdbx_Rmerge_I_obs           0.300 
_diffrn_reflns.pdbx_Rsym_value             0.300 
_diffrn_reflns.pdbx_chi_squared            ? 
_diffrn_reflns.av_sigmaI_over_netI         1.20 
_diffrn_reflns.pdbx_redundancy             13.60 
_diffrn_reflns.pdbx_percent_possible_obs   98.50 
_diffrn_reflns.number                      228867 
_diffrn_reflns.pdbx_observed_criterion     ? 
_diffrn_reflns.limit_h_max                 ? 
_diffrn_reflns.limit_h_min                 ? 
_diffrn_reflns.limit_k_max                 ? 
_diffrn_reflns.limit_k_min                 ? 
_diffrn_reflns.limit_l_max                 ? 
_diffrn_reflns.limit_l_min                 ? 
# 
loop_
_pdbx_diffrn_reflns_shell.diffrn_id 
_pdbx_diffrn_reflns_shell.d_res_high 
_pdbx_diffrn_reflns_shell.d_res_low 
_pdbx_diffrn_reflns_shell.number_obs 
_pdbx_diffrn_reflns_shell.rejects 
_pdbx_diffrn_reflns_shell.Rmerge_I_obs 
_pdbx_diffrn_reflns_shell.Rsym_value 
_pdbx_diffrn_reflns_shell.chi_squared 
_pdbx_diffrn_reflns_shell.redundancy 
_pdbx_diffrn_reflns_shell.percent_possible_obs 
1 5.42 24.67 ? ? 0.138 0.138 ? 11.80 98.80  
1 3.83 5.42  ? ? 0.142 0.142 ? 13.20 100.00 
1 3.13 3.83  ? ? 0.160 0.160 ? 13.80 100.00 
1 2.71 3.13  ? ? 0.204 0.204 ? 14.00 100.00 
1 2.42 2.71  ? ? 0.291 0.291 ? 14.10 100.00 
1 2.21 2.42  ? ? 0.439 0.439 ? 14.10 100.00 
1 2.05 2.21  ? ? 0.633 0.633 ? 14.10 100.00 
1 1.92 2.05  ? ? 1.115 1.115 ? 14.10 100.00 
1 1.81 1.92  ? ? 4.335 4.335 ? 14.00 100.00 
# 
_phasing.method   SAD 
# 
loop_
_pdbx_unobs_or_zero_occ_residues.id 
_pdbx_unobs_or_zero_occ_residues.PDB_model_num 
_pdbx_unobs_or_zero_occ_residues.polymer_flag 
_pdbx_unobs_or_zero_occ_residues.occupancy_flag 
_pdbx_unobs_or_zero_occ_residues.auth_asym_id 
_pdbx_unobs_or_zero_occ_residues.auth_comp_id 
_pdbx_unobs_or_zero_occ_residues.auth_seq_id 
_pdbx_unobs_or_zero_occ_residues.PDB_ins_code 
_pdbx_unobs_or_zero_occ_residues.label_asym_id 
_pdbx_unobs_or_zero_occ_residues.label_comp_id 
_pdbx_unobs_or_zero_occ_residues.label_seq_id 
1  1 Y 1 A MET 1   ? A MET 1   
2  1 Y 1 A SER 2   ? A SER 2   
3  1 Y 1 A SER 136 ? A SER 136 
4  1 Y 1 A ASN 137 ? A ASN 137 
5  1 Y 1 A GLU 138 ? A GLU 138 
6  1 Y 1 A GLY 139 ? A GLY 139 
7  1 Y 1 A HIS 140 ? A HIS 140 
8  1 Y 1 A HIS 141 ? A HIS 141 
9  1 Y 1 A HIS 142 ? A HIS 142 
10 1 Y 1 A HIS 143 ? A HIS 143 
11 1 Y 1 A HIS 144 ? A HIS 144 
12 1 Y 1 A HIS 145 ? A HIS 145 
# 
loop_
_chem_comp_atom.comp_id 
_chem_comp_atom.atom_id 
_chem_comp_atom.type_symbol 
_chem_comp_atom.pdbx_aromatic_flag 
_chem_comp_atom.pdbx_stereo_config 
_chem_comp_atom.pdbx_ordinal 
ALA N    N N N 1   
ALA CA   C N S 2   
ALA C    C N N 3   
ALA O    O N N 4   
ALA CB   C N N 5   
ALA OXT  O N N 6   
ALA H    H N N 7   
ALA H2   H N N 8   
ALA HA   H N N 9   
ALA HB1  H N N 10  
ALA HB2  H N N 11  
ALA HB3  H N N 12  
ALA HXT  H N N 13  
ARG N    N N N 14  
ARG CA   C N S 15  
ARG C    C N N 16  
ARG O    O N N 17  
ARG CB   C N N 18  
ARG CG   C N N 19  
ARG CD   C N N 20  
ARG NE   N N N 21  
ARG CZ   C N N 22  
ARG NH1  N N N 23  
ARG NH2  N N N 24  
ARG OXT  O N N 25  
ARG H    H N N 26  
ARG H2   H N N 27  
ARG HA   H N N 28  
ARG HB2  H N N 29  
ARG HB3  H N N 30  
ARG HG2  H N N 31  
ARG HG3  H N N 32  
ARG HD2  H N N 33  
ARG HD3  H N N 34  
ARG HE   H N N 35  
ARG HH11 H N N 36  
ARG HH12 H N N 37  
ARG HH21 H N N 38  
ARG HH22 H N N 39  
ARG HXT  H N N 40  
ASN N    N N N 41  
ASN CA   C N S 42  
ASN C    C N N 43  
ASN O    O N N 44  
ASN CB   C N N 45  
ASN CG   C N N 46  
ASN OD1  O N N 47  
ASN ND2  N N N 48  
ASN OXT  O N N 49  
ASN H    H N N 50  
ASN H2   H N N 51  
ASN HA   H N N 52  
ASN HB2  H N N 53  
ASN HB3  H N N 54  
ASN HD21 H N N 55  
ASN HD22 H N N 56  
ASN HXT  H N N 57  
ASP N    N N N 58  
ASP CA   C N S 59  
ASP C    C N N 60  
ASP O    O N N 61  
ASP CB   C N N 62  
ASP CG   C N N 63  
ASP OD1  O N N 64  
ASP OD2  O N N 65  
ASP OXT  O N N 66  
ASP H    H N N 67  
ASP H2   H N N 68  
ASP HA   H N N 69  
ASP HB2  H N N 70  
ASP HB3  H N N 71  
ASP HD2  H N N 72  
ASP HXT  H N N 73  
GLN N    N N N 74  
GLN CA   C N S 75  
GLN C    C N N 76  
GLN O    O N N 77  
GLN CB   C N N 78  
GLN CG   C N N 79  
GLN CD   C N N 80  
GLN OE1  O N N 81  
GLN NE2  N N N 82  
GLN OXT  O N N 83  
GLN H    H N N 84  
GLN H2   H N N 85  
GLN HA   H N N 86  
GLN HB2  H N N 87  
GLN HB3  H N N 88  
GLN HG2  H N N 89  
GLN HG3  H N N 90  
GLN HE21 H N N 91  
GLN HE22 H N N 92  
GLN HXT  H N N 93  
GLU N    N N N 94  
GLU CA   C N S 95  
GLU C    C N N 96  
GLU O    O N N 97  
GLU CB   C N N 98  
GLU CG   C N N 99  
GLU CD   C N N 100 
GLU OE1  O N N 101 
GLU OE2  O N N 102 
GLU OXT  O N N 103 
GLU H    H N N 104 
GLU H2   H N N 105 
GLU HA   H N N 106 
GLU HB2  H N N 107 
GLU HB3  H N N 108 
GLU HG2  H N N 109 
GLU HG3  H N N 110 
GLU HE2  H N N 111 
GLU HXT  H N N 112 
GLY N    N N N 113 
GLY CA   C N N 114 
GLY C    C N N 115 
GLY O    O N N 116 
GLY OXT  O N N 117 
GLY H    H N N 118 
GLY H2   H N N 119 
GLY HA2  H N N 120 
GLY HA3  H N N 121 
GLY HXT  H N N 122 
HIS N    N N N 123 
HIS CA   C N S 124 
HIS C    C N N 125 
HIS O    O N N 126 
HIS CB   C N N 127 
HIS CG   C Y N 128 
HIS ND1  N Y N 129 
HIS CD2  C Y N 130 
HIS CE1  C Y N 131 
HIS NE2  N Y N 132 
HIS OXT  O N N 133 
HIS H    H N N 134 
HIS H2   H N N 135 
HIS HA   H N N 136 
HIS HB2  H N N 137 
HIS HB3  H N N 138 
HIS HD1  H N N 139 
HIS HD2  H N N 140 
HIS HE1  H N N 141 
HIS HE2  H N N 142 
HIS HXT  H N N 143 
HOH O    O N N 144 
HOH H1   H N N 145 
HOH H2   H N N 146 
ILE N    N N N 147 
ILE CA   C N S 148 
ILE C    C N N 149 
ILE O    O N N 150 
ILE CB   C N S 151 
ILE CG1  C N N 152 
ILE CG2  C N N 153 
ILE CD1  C N N 154 
ILE OXT  O N N 155 
ILE H    H N N 156 
ILE H2   H N N 157 
ILE HA   H N N 158 
ILE HB   H N N 159 
ILE HG12 H N N 160 
ILE HG13 H N N 161 
ILE HG21 H N N 162 
ILE HG22 H N N 163 
ILE HG23 H N N 164 
ILE HD11 H N N 165 
ILE HD12 H N N 166 
ILE HD13 H N N 167 
ILE HXT  H N N 168 
LEU N    N N N 169 
LEU CA   C N S 170 
LEU C    C N N 171 
LEU O    O N N 172 
LEU CB   C N N 173 
LEU CG   C N N 174 
LEU CD1  C N N 175 
LEU CD2  C N N 176 
LEU OXT  O N N 177 
LEU H    H N N 178 
LEU H2   H N N 179 
LEU HA   H N N 180 
LEU HB2  H N N 181 
LEU HB3  H N N 182 
LEU HG   H N N 183 
LEU HD11 H N N 184 
LEU HD12 H N N 185 
LEU HD13 H N N 186 
LEU HD21 H N N 187 
LEU HD22 H N N 188 
LEU HD23 H N N 189 
LEU HXT  H N N 190 
LYS N    N N N 191 
LYS CA   C N S 192 
LYS C    C N N 193 
LYS O    O N N 194 
LYS CB   C N N 195 
LYS CG   C N N 196 
LYS CD   C N N 197 
LYS CE   C N N 198 
LYS NZ   N N N 199 
LYS OXT  O N N 200 
LYS H    H N N 201 
LYS H2   H N N 202 
LYS HA   H N N 203 
LYS HB2  H N N 204 
LYS HB3  H N N 205 
LYS HG2  H N N 206 
LYS HG3  H N N 207 
LYS HD2  H N N 208 
LYS HD3  H N N 209 
LYS HE2  H N N 210 
LYS HE3  H N N 211 
LYS HZ1  H N N 212 
LYS HZ2  H N N 213 
LYS HZ3  H N N 214 
LYS HXT  H N N 215 
MET N    N N N 216 
MET CA   C N S 217 
MET C    C N N 218 
MET O    O N N 219 
MET CB   C N N 220 
MET CG   C N N 221 
MET SD   S N N 222 
MET CE   C N N 223 
MET OXT  O N N 224 
MET H    H N N 225 
MET H2   H N N 226 
MET HA   H N N 227 
MET HB2  H N N 228 
MET HB3  H N N 229 
MET HG2  H N N 230 
MET HG3  H N N 231 
MET HE1  H N N 232 
MET HE2  H N N 233 
MET HE3  H N N 234 
MET HXT  H N N 235 
PHE N    N N N 236 
PHE CA   C N S 237 
PHE C    C N N 238 
PHE O    O N N 239 
PHE CB   C N N 240 
PHE CG   C Y N 241 
PHE CD1  C Y N 242 
PHE CD2  C Y N 243 
PHE CE1  C Y N 244 
PHE CE2  C Y N 245 
PHE CZ   C Y N 246 
PHE OXT  O N N 247 
PHE H    H N N 248 
PHE H2   H N N 249 
PHE HA   H N N 250 
PHE HB2  H N N 251 
PHE HB3  H N N 252 
PHE HD1  H N N 253 
PHE HD2  H N N 254 
PHE HE1  H N N 255 
PHE HE2  H N N 256 
PHE HZ   H N N 257 
PHE HXT  H N N 258 
PRO N    N N N 259 
PRO CA   C N S 260 
PRO C    C N N 261 
PRO O    O N N 262 
PRO CB   C N N 263 
PRO CG   C N N 264 
PRO CD   C N N 265 
PRO OXT  O N N 266 
PRO H    H N N 267 
PRO HA   H N N 268 
PRO HB2  H N N 269 
PRO HB3  H N N 270 
PRO HG2  H N N 271 
PRO HG3  H N N 272 
PRO HD2  H N N 273 
PRO HD3  H N N 274 
PRO HXT  H N N 275 
SER N    N N N 276 
SER CA   C N S 277 
SER C    C N N 278 
SER O    O N N 279 
SER CB   C N N 280 
SER OG   O N N 281 
SER OXT  O N N 282 
SER H    H N N 283 
SER H2   H N N 284 
SER HA   H N N 285 
SER HB2  H N N 286 
SER HB3  H N N 287 
SER HG   H N N 288 
SER HXT  H N N 289 
THR N    N N N 290 
THR CA   C N S 291 
THR C    C N N 292 
THR O    O N N 293 
THR CB   C N R 294 
THR OG1  O N N 295 
THR CG2  C N N 296 
THR OXT  O N N 297 
THR H    H N N 298 
THR H2   H N N 299 
THR HA   H N N 300 
THR HB   H N N 301 
THR HG1  H N N 302 
THR HG21 H N N 303 
THR HG22 H N N 304 
THR HG23 H N N 305 
THR HXT  H N N 306 
TRP N    N N N 307 
TRP CA   C N S 308 
TRP C    C N N 309 
TRP O    O N N 310 
TRP CB   C N N 311 
TRP CG   C Y N 312 
TRP CD1  C Y N 313 
TRP CD2  C Y N 314 
TRP NE1  N Y N 315 
TRP CE2  C Y N 316 
TRP CE3  C Y N 317 
TRP CZ2  C Y N 318 
TRP CZ3  C Y N 319 
TRP CH2  C Y N 320 
TRP OXT  O N N 321 
TRP H    H N N 322 
TRP H2   H N N 323 
TRP HA   H N N 324 
TRP HB2  H N N 325 
TRP HB3  H N N 326 
TRP HD1  H N N 327 
TRP HE1  H N N 328 
TRP HE3  H N N 329 
TRP HZ2  H N N 330 
TRP HZ3  H N N 331 
TRP HH2  H N N 332 
TRP HXT  H N N 333 
TYR N    N N N 334 
TYR CA   C N S 335 
TYR C    C N N 336 
TYR O    O N N 337 
TYR CB   C N N 338 
TYR CG   C Y N 339 
TYR CD1  C Y N 340 
TYR CD2  C Y N 341 
TYR CE1  C Y N 342 
TYR CE2  C Y N 343 
TYR CZ   C Y N 344 
TYR OH   O N N 345 
TYR OXT  O N N 346 
TYR H    H N N 347 
TYR H2   H N N 348 
TYR HA   H N N 349 
TYR HB2  H N N 350 
TYR HB3  H N N 351 
TYR HD1  H N N 352 
TYR HD2  H N N 353 
TYR HE1  H N N 354 
TYR HE2  H N N 355 
TYR HH   H N N 356 
TYR HXT  H N N 357 
VAL N    N N N 358 
VAL CA   C N S 359 
VAL C    C N N 360 
VAL O    O N N 361 
VAL CB   C N N 362 
VAL CG1  C N N 363 
VAL CG2  C N N 364 
VAL OXT  O N N 365 
VAL H    H N N 366 
VAL H2   H N N 367 
VAL HA   H N N 368 
VAL HB   H N N 369 
VAL HG11 H N N 370 
VAL HG12 H N N 371 
VAL HG13 H N N 372 
VAL HG21 H N N 373 
VAL HG22 H N N 374 
VAL HG23 H N N 375 
VAL HXT  H N N 376 
# 
loop_
_chem_comp_bond.comp_id 
_chem_comp_bond.atom_id_1 
_chem_comp_bond.atom_id_2 
_chem_comp_bond.value_order 
_chem_comp_bond.pdbx_aromatic_flag 
_chem_comp_bond.pdbx_stereo_config 
_chem_comp_bond.pdbx_ordinal 
ALA N   CA   sing N N 1   
ALA N   H    sing N N 2   
ALA N   H2   sing N N 3   
ALA CA  C    sing N N 4   
ALA CA  CB   sing N N 5   
ALA CA  HA   sing N N 6   
ALA C   O    doub N N 7   
ALA C   OXT  sing N N 8   
ALA CB  HB1  sing N N 9   
ALA CB  HB2  sing N N 10  
ALA CB  HB3  sing N N 11  
ALA OXT HXT  sing N N 12  
ARG N   CA   sing N N 13  
ARG N   H    sing N N 14  
ARG N   H2   sing N N 15  
ARG CA  C    sing N N 16  
ARG CA  CB   sing N N 17  
ARG CA  HA   sing N N 18  
ARG C   O    doub N N 19  
ARG C   OXT  sing N N 20  
ARG CB  CG   sing N N 21  
ARG CB  HB2  sing N N 22  
ARG CB  HB3  sing N N 23  
ARG CG  CD   sing N N 24  
ARG CG  HG2  sing N N 25  
ARG CG  HG3  sing N N 26  
ARG CD  NE   sing N N 27  
ARG CD  HD2  sing N N 28  
ARG CD  HD3  sing N N 29  
ARG NE  CZ   sing N N 30  
ARG NE  HE   sing N N 31  
ARG CZ  NH1  sing N N 32  
ARG CZ  NH2  doub N N 33  
ARG NH1 HH11 sing N N 34  
ARG NH1 HH12 sing N N 35  
ARG NH2 HH21 sing N N 36  
ARG NH2 HH22 sing N N 37  
ARG OXT HXT  sing N N 38  
ASN N   CA   sing N N 39  
ASN N   H    sing N N 40  
ASN N   H2   sing N N 41  
ASN CA  C    sing N N 42  
ASN CA  CB   sing N N 43  
ASN CA  HA   sing N N 44  
ASN C   O    doub N N 45  
ASN C   OXT  sing N N 46  
ASN CB  CG   sing N N 47  
ASN CB  HB2  sing N N 48  
ASN CB  HB3  sing N N 49  
ASN CG  OD1  doub N N 50  
ASN CG  ND2  sing N N 51  
ASN ND2 HD21 sing N N 52  
ASN ND2 HD22 sing N N 53  
ASN OXT HXT  sing N N 54  
ASP N   CA   sing N N 55  
ASP N   H    sing N N 56  
ASP N   H2   sing N N 57  
ASP CA  C    sing N N 58  
ASP CA  CB   sing N N 59  
ASP CA  HA   sing N N 60  
ASP C   O    doub N N 61  
ASP C   OXT  sing N N 62  
ASP CB  CG   sing N N 63  
ASP CB  HB2  sing N N 64  
ASP CB  HB3  sing N N 65  
ASP CG  OD1  doub N N 66  
ASP CG  OD2  sing N N 67  
ASP OD2 HD2  sing N N 68  
ASP OXT HXT  sing N N 69  
GLN N   CA   sing N N 70  
GLN N   H    sing N N 71  
GLN N   H2   sing N N 72  
GLN CA  C    sing N N 73  
GLN CA  CB   sing N N 74  
GLN CA  HA   sing N N 75  
GLN C   O    doub N N 76  
GLN C   OXT  sing N N 77  
GLN CB  CG   sing N N 78  
GLN CB  HB2  sing N N 79  
GLN CB  HB3  sing N N 80  
GLN CG  CD   sing N N 81  
GLN CG  HG2  sing N N 82  
GLN CG  HG3  sing N N 83  
GLN CD  OE1  doub N N 84  
GLN CD  NE2  sing N N 85  
GLN NE2 HE21 sing N N 86  
GLN NE2 HE22 sing N N 87  
GLN OXT HXT  sing N N 88  
GLU N   CA   sing N N 89  
GLU N   H    sing N N 90  
GLU N   H2   sing N N 91  
GLU CA  C    sing N N 92  
GLU CA  CB   sing N N 93  
GLU CA  HA   sing N N 94  
GLU C   O    doub N N 95  
GLU C   OXT  sing N N 96  
GLU CB  CG   sing N N 97  
GLU CB  HB2  sing N N 98  
GLU CB  HB3  sing N N 99  
GLU CG  CD   sing N N 100 
GLU CG  HG2  sing N N 101 
GLU CG  HG3  sing N N 102 
GLU CD  OE1  doub N N 103 
GLU CD  OE2  sing N N 104 
GLU OE2 HE2  sing N N 105 
GLU OXT HXT  sing N N 106 
GLY N   CA   sing N N 107 
GLY N   H    sing N N 108 
GLY N   H2   sing N N 109 
GLY CA  C    sing N N 110 
GLY CA  HA2  sing N N 111 
GLY CA  HA3  sing N N 112 
GLY C   O    doub N N 113 
GLY C   OXT  sing N N 114 
GLY OXT HXT  sing N N 115 
HIS N   CA   sing N N 116 
HIS N   H    sing N N 117 
HIS N   H2   sing N N 118 
HIS CA  C    sing N N 119 
HIS CA  CB   sing N N 120 
HIS CA  HA   sing N N 121 
HIS C   O    doub N N 122 
HIS C   OXT  sing N N 123 
HIS CB  CG   sing N N 124 
HIS CB  HB2  sing N N 125 
HIS CB  HB3  sing N N 126 
HIS CG  ND1  sing Y N 127 
HIS CG  CD2  doub Y N 128 
HIS ND1 CE1  doub Y N 129 
HIS ND1 HD1  sing N N 130 
HIS CD2 NE2  sing Y N 131 
HIS CD2 HD2  sing N N 132 
HIS CE1 NE2  sing Y N 133 
HIS CE1 HE1  sing N N 134 
HIS NE2 HE2  sing N N 135 
HIS OXT HXT  sing N N 136 
HOH O   H1   sing N N 137 
HOH O   H2   sing N N 138 
ILE N   CA   sing N N 139 
ILE N   H    sing N N 140 
ILE N   H2   sing N N 141 
ILE CA  C    sing N N 142 
ILE CA  CB   sing N N 143 
ILE CA  HA   sing N N 144 
ILE C   O    doub N N 145 
ILE C   OXT  sing N N 146 
ILE CB  CG1  sing N N 147 
ILE CB  CG2  sing N N 148 
ILE CB  HB   sing N N 149 
ILE CG1 CD1  sing N N 150 
ILE CG1 HG12 sing N N 151 
ILE CG1 HG13 sing N N 152 
ILE CG2 HG21 sing N N 153 
ILE CG2 HG22 sing N N 154 
ILE CG2 HG23 sing N N 155 
ILE CD1 HD11 sing N N 156 
ILE CD1 HD12 sing N N 157 
ILE CD1 HD13 sing N N 158 
ILE OXT HXT  sing N N 159 
LEU N   CA   sing N N 160 
LEU N   H    sing N N 161 
LEU N   H2   sing N N 162 
LEU CA  C    sing N N 163 
LEU CA  CB   sing N N 164 
LEU CA  HA   sing N N 165 
LEU C   O    doub N N 166 
LEU C   OXT  sing N N 167 
LEU CB  CG   sing N N 168 
LEU CB  HB2  sing N N 169 
LEU CB  HB3  sing N N 170 
LEU CG  CD1  sing N N 171 
LEU CG  CD2  sing N N 172 
LEU CG  HG   sing N N 173 
LEU CD1 HD11 sing N N 174 
LEU CD1 HD12 sing N N 175 
LEU CD1 HD13 sing N N 176 
LEU CD2 HD21 sing N N 177 
LEU CD2 HD22 sing N N 178 
LEU CD2 HD23 sing N N 179 
LEU OXT HXT  sing N N 180 
LYS N   CA   sing N N 181 
LYS N   H    sing N N 182 
LYS N   H2   sing N N 183 
LYS CA  C    sing N N 184 
LYS CA  CB   sing N N 185 
LYS CA  HA   sing N N 186 
LYS C   O    doub N N 187 
LYS C   OXT  sing N N 188 
LYS CB  CG   sing N N 189 
LYS CB  HB2  sing N N 190 
LYS CB  HB3  sing N N 191 
LYS CG  CD   sing N N 192 
LYS CG  HG2  sing N N 193 
LYS CG  HG3  sing N N 194 
LYS CD  CE   sing N N 195 
LYS CD  HD2  sing N N 196 
LYS CD  HD3  sing N N 197 
LYS CE  NZ   sing N N 198 
LYS CE  HE2  sing N N 199 
LYS CE  HE3  sing N N 200 
LYS NZ  HZ1  sing N N 201 
LYS NZ  HZ2  sing N N 202 
LYS NZ  HZ3  sing N N 203 
LYS OXT HXT  sing N N 204 
MET N   CA   sing N N 205 
MET N   H    sing N N 206 
MET N   H2   sing N N 207 
MET CA  C    sing N N 208 
MET CA  CB   sing N N 209 
MET CA  HA   sing N N 210 
MET C   O    doub N N 211 
MET C   OXT  sing N N 212 
MET CB  CG   sing N N 213 
MET CB  HB2  sing N N 214 
MET CB  HB3  sing N N 215 
MET CG  SD   sing N N 216 
MET CG  HG2  sing N N 217 
MET CG  HG3  sing N N 218 
MET SD  CE   sing N N 219 
MET CE  HE1  sing N N 220 
MET CE  HE2  sing N N 221 
MET CE  HE3  sing N N 222 
MET OXT HXT  sing N N 223 
PHE N   CA   sing N N 224 
PHE N   H    sing N N 225 
PHE N   H2   sing N N 226 
PHE CA  C    sing N N 227 
PHE CA  CB   sing N N 228 
PHE CA  HA   sing N N 229 
PHE C   O    doub N N 230 
PHE C   OXT  sing N N 231 
PHE CB  CG   sing N N 232 
PHE CB  HB2  sing N N 233 
PHE CB  HB3  sing N N 234 
PHE CG  CD1  doub Y N 235 
PHE CG  CD2  sing Y N 236 
PHE CD1 CE1  sing Y N 237 
PHE CD1 HD1  sing N N 238 
PHE CD2 CE2  doub Y N 239 
PHE CD2 HD2  sing N N 240 
PHE CE1 CZ   doub Y N 241 
PHE CE1 HE1  sing N N 242 
PHE CE2 CZ   sing Y N 243 
PHE CE2 HE2  sing N N 244 
PHE CZ  HZ   sing N N 245 
PHE OXT HXT  sing N N 246 
PRO N   CA   sing N N 247 
PRO N   CD   sing N N 248 
PRO N   H    sing N N 249 
PRO CA  C    sing N N 250 
PRO CA  CB   sing N N 251 
PRO CA  HA   sing N N 252 
PRO C   O    doub N N 253 
PRO C   OXT  sing N N 254 
PRO CB  CG   sing N N 255 
PRO CB  HB2  sing N N 256 
PRO CB  HB3  sing N N 257 
PRO CG  CD   sing N N 258 
PRO CG  HG2  sing N N 259 
PRO CG  HG3  sing N N 260 
PRO CD  HD2  sing N N 261 
PRO CD  HD3  sing N N 262 
PRO OXT HXT  sing N N 263 
SER N   CA   sing N N 264 
SER N   H    sing N N 265 
SER N   H2   sing N N 266 
SER CA  C    sing N N 267 
SER CA  CB   sing N N 268 
SER CA  HA   sing N N 269 
SER C   O    doub N N 270 
SER C   OXT  sing N N 271 
SER CB  OG   sing N N 272 
SER CB  HB2  sing N N 273 
SER CB  HB3  sing N N 274 
SER OG  HG   sing N N 275 
SER OXT HXT  sing N N 276 
THR N   CA   sing N N 277 
THR N   H    sing N N 278 
THR N   H2   sing N N 279 
THR CA  C    sing N N 280 
THR CA  CB   sing N N 281 
THR CA  HA   sing N N 282 
THR C   O    doub N N 283 
THR C   OXT  sing N N 284 
THR CB  OG1  sing N N 285 
THR CB  CG2  sing N N 286 
THR CB  HB   sing N N 287 
THR OG1 HG1  sing N N 288 
THR CG2 HG21 sing N N 289 
THR CG2 HG22 sing N N 290 
THR CG2 HG23 sing N N 291 
THR OXT HXT  sing N N 292 
TRP N   CA   sing N N 293 
TRP N   H    sing N N 294 
TRP N   H2   sing N N 295 
TRP CA  C    sing N N 296 
TRP CA  CB   sing N N 297 
TRP CA  HA   sing N N 298 
TRP C   O    doub N N 299 
TRP C   OXT  sing N N 300 
TRP CB  CG   sing N N 301 
TRP CB  HB2  sing N N 302 
TRP CB  HB3  sing N N 303 
TRP CG  CD1  doub Y N 304 
TRP CG  CD2  sing Y N 305 
TRP CD1 NE1  sing Y N 306 
TRP CD1 HD1  sing N N 307 
TRP CD2 CE2  doub Y N 308 
TRP CD2 CE3  sing Y N 309 
TRP NE1 CE2  sing Y N 310 
TRP NE1 HE1  sing N N 311 
TRP CE2 CZ2  sing Y N 312 
TRP CE3 CZ3  doub Y N 313 
TRP CE3 HE3  sing N N 314 
TRP CZ2 CH2  doub Y N 315 
TRP CZ2 HZ2  sing N N 316 
TRP CZ3 CH2  sing Y N 317 
TRP CZ3 HZ3  sing N N 318 
TRP CH2 HH2  sing N N 319 
TRP OXT HXT  sing N N 320 
TYR N   CA   sing N N 321 
TYR N   H    sing N N 322 
TYR N   H2   sing N N 323 
TYR CA  C    sing N N 324 
TYR CA  CB   sing N N 325 
TYR CA  HA   sing N N 326 
TYR C   O    doub N N 327 
TYR C   OXT  sing N N 328 
TYR CB  CG   sing N N 329 
TYR CB  HB2  sing N N 330 
TYR CB  HB3  sing N N 331 
TYR CG  CD1  doub Y N 332 
TYR CG  CD2  sing Y N 333 
TYR CD1 CE1  sing Y N 334 
TYR CD1 HD1  sing N N 335 
TYR CD2 CE2  doub Y N 336 
TYR CD2 HD2  sing N N 337 
TYR CE1 CZ   doub Y N 338 
TYR CE1 HE1  sing N N 339 
TYR CE2 CZ   sing Y N 340 
TYR CE2 HE2  sing N N 341 
TYR CZ  OH   sing N N 342 
TYR OH  HH   sing N N 343 
TYR OXT HXT  sing N N 344 
VAL N   CA   sing N N 345 
VAL N   H    sing N N 346 
VAL N   H2   sing N N 347 
VAL CA  C    sing N N 348 
VAL CA  CB   sing N N 349 
VAL CA  HA   sing N N 350 
VAL C   O    doub N N 351 
VAL C   OXT  sing N N 352 
VAL CB  CG1  sing N N 353 
VAL CB  CG2  sing N N 354 
VAL CB  HB   sing N N 355 
VAL CG1 HG11 sing N N 356 
VAL CG1 HG12 sing N N 357 
VAL CG1 HG13 sing N N 358 
VAL CG2 HG21 sing N N 359 
VAL CG2 HG22 sing N N 360 
VAL CG2 HG23 sing N N 361 
VAL OXT HXT  sing N N 362 
# 
_atom_sites.entry_id                    2P84 
_atom_sites.fract_transf_matrix[1][1]   -0.00285711 
_atom_sites.fract_transf_matrix[1][2]   0.00787562 
_atom_sites.fract_transf_matrix[1][3]   0.01839612 
_atom_sites.fract_transf_matrix[2][1]   -0.00366479 
_atom_sites.fract_transf_matrix[2][2]   -0.00789128 
_atom_sites.fract_transf_matrix[2][3]   0.00280918 
_atom_sites.fract_transf_matrix[3][1]   0.01582804 
_atom_sites.fract_transf_matrix[3][2]   -0.00561923 
_atom_sites.fract_transf_matrix[3][3]   0.00486392 
_atom_sites.fract_transf_vector[1]      0.458704 
_atom_sites.fract_transf_vector[2]      0.196323 
_atom_sites.fract_transf_vector[3]      0.457154 
# 
loop_
_atom_type.symbol 
C 
N 
O 
S 
# 
loop_
_atom_site.group_PDB 
_atom_site.id 
_atom_site.type_symbol 
_atom_site.label_atom_id 
_atom_site.label_alt_id 
_atom_site.label_comp_id 
_atom_site.label_asym_id 
_atom_site.label_entity_id 
_atom_site.label_seq_id 
_atom_site.pdbx_PDB_ins_code 
_atom_site.Cartn_x 
_atom_site.Cartn_y 
_atom_site.Cartn_z 
_atom_site.occupancy 
_atom_site.B_iso_or_equiv 
_atom_site.pdbx_formal_charge 
_atom_site.auth_seq_id 
_atom_site.auth_comp_id 
_atom_site.auth_asym_id 
_atom_site.auth_atom_id 
_atom_site.pdbx_PDB_model_num 
ATOM   1    N N   . LEU A 1 3   ? -12.690 13.921  1.184   1.00 50.84 ? 3   LEU A N   1 
ATOM   2    C CA  . LEU A 1 3   ? -11.295 14.058  0.747   1.00 49.51 ? 3   LEU A CA  1 
ATOM   3    C C   . LEU A 1 3   ? -10.612 12.761  1.258   1.00 49.55 ? 3   LEU A C   1 
ATOM   4    O O   . LEU A 1 3   ? -9.880  12.038  0.515   1.00 50.15 ? 3   LEU A O   1 
ATOM   5    C CB  . LEU A 1 3   ? -10.686 15.400  1.267   1.00 50.35 ? 3   LEU A CB  1 
ATOM   6    C CG  . LEU A 1 3   ? -11.557 16.659  1.597   1.00 51.06 ? 3   LEU A CG  1 
ATOM   7    C CD1 . LEU A 1 3   ? -11.509 16.937  3.112   1.00 51.04 ? 3   LEU A CD1 1 
ATOM   8    C CD2 . LEU A 1 3   ? -11.232 18.065  0.883   1.00 48.67 ? 3   LEU A CD2 1 
ATOM   9    N N   . ILE A 1 4   ? -10.934 12.443  2.511   1.00 48.38 ? 4   ILE A N   1 
ATOM   10   C CA  . ILE A 1 4   ? -10.822 11.099  3.051   1.00 46.74 ? 4   ILE A CA  1 
ATOM   11   C C   . ILE A 1 4   ? -9.615  10.184  2.931   1.00 44.56 ? 4   ILE A C   1 
ATOM   12   O O   . ILE A 1 4   ? -8.684  10.410  3.655   1.00 45.36 ? 4   ILE A O   1 
ATOM   13   C CB  . ILE A 1 4   ? -12.067 10.525  3.775   1.00 46.61 ? 4   ILE A CB  1 
ATOM   14   C CG1 . ILE A 1 4   ? -12.203 11.130  5.168   1.00 47.77 ? 4   ILE A CG1 1 
ATOM   15   C CG2 . ILE A 1 4   ? -11.971 9.013   3.922   1.00 47.67 ? 4   ILE A CG2 1 
ATOM   16   C CD1 . ILE A 1 4   ? -13.301 10.471  5.980   1.00 47.25 ? 4   ILE A CD1 1 
ATOM   17   N N   . PRO A 1 5   ? -9.595  9.200   2.013   1.00 42.92 ? 5   PRO A N   1 
ATOM   18   C CA  . PRO A 1 5   ? -8.523  8.203   2.226   1.00 41.41 ? 5   PRO A CA  1 
ATOM   19   C C   . PRO A 1 5   ? -7.159  8.803   2.100   1.00 36.40 ? 5   PRO A C   1 
ATOM   20   O O   . PRO A 1 5   ? -6.982  9.796   1.386   1.00 38.56 ? 5   PRO A O   1 
ATOM   21   C CB  . PRO A 1 5   ? -8.735  7.164   1.115   1.00 41.25 ? 5   PRO A CB  1 
ATOM   22   C CG  . PRO A 1 5   ? -9.935  7.582   0.358   1.00 42.96 ? 5   PRO A CG  1 
ATOM   23   C CD  . PRO A 1 5   ? -10.396 8.934   0.805   1.00 43.27 ? 5   PRO A CD  1 
ATOM   24   N N   . LYS A 1 6   ? -6.197  8.222   2.800   1.00 32.82 ? 6   LYS A N   1 
ATOM   25   C CA  . LYS A 1 6   ? -4.825  8.616   2.680   1.00 29.78 ? 6   LYS A CA  1 
ATOM   26   C C   . LYS A 1 6   ? -4.204  7.809   1.526   1.00 27.35 ? 6   LYS A C   1 
ATOM   27   O O   . LYS A 1 6   ? -4.599  6.681   1.294   1.00 26.84 ? 6   LYS A O   1 
ATOM   28   C CB  . LYS A 1 6   ? -4.090  8.326   3.978   1.00 30.07 ? 6   LYS A CB  1 
ATOM   29   C CG  . LYS A 1 6   ? -4.619  9.187   5.167   1.00 30.43 ? 6   LYS A CG  1 
ATOM   30   C CD  . LYS A 1 6   ? -3.927  8.794   6.479   1.00 34.38 ? 6   LYS A CD  1 
ATOM   31   C CE  . LYS A 1 6   ? -4.898  8.286   7.571   1.00 39.71 ? 6   LYS A CE  1 
ATOM   32   N NZ  . LYS A 1 6   ? -5.454  9.287   8.549   1.00 44.11 ? 6   LYS A NZ  1 
ATOM   33   N N   . PHE A 1 7   ? -3.245  8.394   0.842   1.00 24.85 ? 7   PHE A N   1 
ATOM   34   C CA  . PHE A 1 7   ? -2.574  7.768   -0.289  1.00 25.34 ? 7   PHE A CA  1 
ATOM   35   C C   . PHE A 1 7   ? -1.036  7.697   -0.097  1.00 24.80 ? 7   PHE A C   1 
ATOM   36   O O   . PHE A 1 7   ? -0.428  8.475   0.667   1.00 24.97 ? 7   PHE A O   1 
ATOM   37   C CB  . PHE A 1 7   ? -2.869  8.584   -1.544  1.00 26.07 ? 7   PHE A CB  1 
ATOM   38   C CG  . PHE A 1 7   ? -4.311  8.617   -1.930  1.00 26.69 ? 7   PHE A CG  1 
ATOM   39   C CD1 . PHE A 1 7   ? -4.878  7.541   -2.622  1.00 27.75 ? 7   PHE A CD1 1 
ATOM   40   C CD2 . PHE A 1 7   ? -5.117  9.692   -1.605  1.00 28.73 ? 7   PHE A CD2 1 
ATOM   41   C CE1 . PHE A 1 7   ? -6.238  7.565   -3.044  1.00 26.57 ? 7   PHE A CE1 1 
ATOM   42   C CE2 . PHE A 1 7   ? -6.502  9.700   -2.042  1.00 25.05 ? 7   PHE A CE2 1 
ATOM   43   C CZ  . PHE A 1 7   ? -7.013  8.631   -2.711  1.00 27.65 ? 7   PHE A CZ  1 
ATOM   44   N N   . ARG A 1 8   ? -0.439  6.696   -0.726  1.00 24.87 ? 8   ARG A N   1 
ATOM   45   C CA  . ARG A 1 8   ? 1.025   6.584   -0.844  1.00 23.76 ? 8   ARG A CA  1 
ATOM   46   C C   . ARG A 1 8   ? 1.338   6.091   -2.239  1.00 23.74 ? 8   ARG A C   1 
ATOM   47   O O   . ARG A 1 8   ? 0.481   5.441   -2.909  1.00 21.49 ? 8   ARG A O   1 
ATOM   48   C CB  . ARG A 1 8   ? 1.574   5.653   0.219   1.00 24.23 ? 8   ARG A CB  1 
ATOM   49   C CG  . ARG A 1 8   ? 1.116   4.213   0.142   1.00 23.73 ? 8   ARG A CG  1 
ATOM   50   C CD  . ARG A 1 8   ? 1.901   3.323   1.129   1.00 25.58 ? 8   ARG A CD  1 
ATOM   51   N NE  . ARG A 1 8   ? 1.605   1.903   0.894   1.00 23.27 ? 8   ARG A NE  1 
ATOM   52   C CZ  . ARG A 1 8   ? 1.806   0.895   1.736   1.00 22.82 ? 8   ARG A CZ  1 
ATOM   53   N NH1 . ARG A 1 8   ? 2.394   1.062   2.925   1.00 24.98 ? 8   ARG A NH1 1 
ATOM   54   N NH2 . ARG A 1 8   ? 1.441   -0.318  1.336   1.00 24.21 ? 8   ARG A NH2 1 
ATOM   55   N N   . GLU A 1 9   ? 2.553   6.388   -2.721  1.00 24.17 ? 9   GLU A N   1 
ATOM   56   C CA  . GLU A 1 9   ? 2.936   6.063   -4.070  1.00 23.98 ? 9   GLU A CA  1 
ATOM   57   C C   . GLU A 1 9   ? 4.286   5.354   -3.977  1.00 24.05 ? 9   GLU A C   1 
ATOM   58   O O   . GLU A 1 9   ? 5.206   5.833   -3.300  1.00 27.23 ? 9   GLU A O   1 
ATOM   59   C CB  . GLU A 1 9   ? 3.133   7.343   -4.917  1.00 23.89 ? 9   GLU A CB  1 
ATOM   60   C CG  . GLU A 1 9   ? 3.626   7.120   -6.342  1.00 26.06 ? 9   GLU A CG  1 
ATOM   61   C CD  . GLU A 1 9   ? 4.387   8.373   -6.894  1.00 28.20 ? 9   GLU A CD  1 
ATOM   62   O OE1 . GLU A 1 9   ? 5.116   9.021   -6.095  1.00 29.35 ? 9   GLU A OE1 1 
ATOM   63   O OE2 . GLU A 1 9   ? 4.200   8.682   -8.090  1.00 27.78 ? 9   GLU A OE2 1 
ATOM   64   N N   . PHE A 1 10  ? 4.441   4.345   -4.790  1.00 24.68 ? 10  PHE A N   1 
ATOM   65   C CA  . PHE A 1 10  ? 5.737   3.693   -4.951  1.00 25.13 ? 10  PHE A CA  1 
ATOM   66   C C   . PHE A 1 10  ? 6.252   4.010   -6.337  1.00 24.92 ? 10  PHE A C   1 
ATOM   67   O O   . PHE A 1 10  ? 5.531   3.873   -7.336  1.00 27.25 ? 10  PHE A O   1 
ATOM   68   C CB  . PHE A 1 10  ? 5.618   2.184   -4.795  1.00 22.75 ? 10  PHE A CB  1 
ATOM   69   C CG  . PHE A 1 10  ? 6.958   1.469   -4.984  1.00 23.37 ? 10  PHE A CG  1 
ATOM   70   C CD1 . PHE A 1 10  ? 7.853   1.431   -3.939  1.00 25.72 ? 10  PHE A CD1 1 
ATOM   71   C CD2 . PHE A 1 10  ? 7.275   0.859   -6.154  1.00 20.80 ? 10  PHE A CD2 1 
ATOM   72   C CE1 . PHE A 1 10  ? 9.070   0.821   -4.054  1.00 24.15 ? 10  PHE A CE1 1 
ATOM   73   C CE2 . PHE A 1 10  ? 8.506   0.231   -6.295  1.00 23.54 ? 10  PHE A CE2 1 
ATOM   74   C CZ  . PHE A 1 10  ? 9.373   0.206   -5.240  1.00 21.09 ? 10  PHE A CZ  1 
ATOM   75   N N   . ASP A 1 11  ? 7.514   4.398   -6.426  1.00 28.86 ? 11  ASP A N   1 
ATOM   76   C CA  . ASP A 1 11  ? 8.158   4.748   -7.715  1.00 29.01 ? 11  ASP A CA  1 
ATOM   77   C C   . ASP A 1 11  ? 9.436   3.926   -7.803  1.00 29.15 ? 11  ASP A C   1 
ATOM   78   O O   . ASP A 1 11  ? 10.299  4.048   -6.931  1.00 27.98 ? 11  ASP A O   1 
ATOM   79   C CB  . ASP A 1 11  ? 8.455   6.252   -7.824  1.00 29.68 ? 11  ASP A CB  1 
ATOM   80   C CG  . ASP A 1 11  ? 9.035   6.624   -9.188  1.00 29.23 ? 11  ASP A CG  1 
ATOM   81   O OD1 . ASP A 1 11  ? 10.131  6.074   -9.518  1.00 30.11 ? 11  ASP A OD1 1 
ATOM   82   O OD2 . ASP A 1 11  ? 8.415   7.465   -9.926  1.00 30.02 ? 11  ASP A OD2 1 
ATOM   83   N N   . ARG A 1 12  ? 9.481   3.021   -8.761  1.00 32.09 ? 12  ARG A N   1 
ATOM   84   C CA  . ARG A 1 12  ? 10.526  2.006   -8.808  1.00 33.71 ? 12  ARG A CA  1 
ATOM   85   C C   . ARG A 1 12  ? 11.904  2.661   -9.069  1.00 34.64 ? 12  ARG A C   1 
ATOM   86   O O   . ARG A 1 12  ? 12.941  2.170   -8.586  1.00 34.49 ? 12  ARG A O   1 
ATOM   87   C CB  . ARG A 1 12  ? 10.170  0.935   -9.843  1.00 35.18 ? 12  ARG A CB  1 
ATOM   88   C CG  . ARG A 1 12  ? 11.216  -0.136  -10.113 1.00 38.73 ? 12  ARG A CG  1 
ATOM   89   C CD  . ARG A 1 12  ? 11.641  -0.940  -8.875  1.00 45.51 ? 12  ARG A CD  1 
ATOM   90   N NE  . ARG A 1 12  ? 10.589  -1.839  -8.385  1.00 45.62 ? 12  ARG A NE  1 
ATOM   91   C CZ  . ARG A 1 12  ? 10.671  -2.545  -7.267  1.00 46.99 ? 12  ARG A CZ  1 
ATOM   92   N NH1 . ARG A 1 12  ? 11.756  -2.438  -6.512  1.00 49.58 ? 12  ARG A NH1 1 
ATOM   93   N NH2 . ARG A 1 12  ? 9.662   -3.353  -6.880  1.00 49.14 ? 12  ARG A NH2 1 
ATOM   94   N N   . GLU A 1 13  ? 11.904  3.803   -9.752  1.00 35.02 ? 13  GLU A N   1 
ATOM   95   C CA  . GLU A 1 13  ? 13.174  4.501   -10.012 1.00 36.00 ? 13  GLU A CA  1 
ATOM   96   C C   . GLU A 1 13  ? 13.700  5.192   -8.766  1.00 36.43 ? 13  GLU A C   1 
ATOM   97   O O   . GLU A 1 13  ? 14.878  5.096   -8.466  1.00 36.80 ? 13  GLU A O   1 
ATOM   98   C CB  . GLU A 1 13  ? 13.059  5.478   -11.170 1.00 36.73 ? 13  GLU A CB  1 
ATOM   99   C CG  . GLU A 1 13  ? 12.992  4.828   -12.557 1.00 41.29 ? 13  GLU A CG  1 
ATOM   100  C CD  . GLU A 1 13  ? 14.138  3.850   -12.803 1.00 47.27 ? 13  GLU A CD  1 
ATOM   101  O OE1 . GLU A 1 13  ? 15.278  4.173   -12.402 1.00 49.17 ? 13  GLU A OE1 1 
ATOM   102  O OE2 . GLU A 1 13  ? 13.863  2.738   -13.336 1.00 51.17 ? 13  GLU A OE2 1 
ATOM   103  N N   . ARG A 1 14  ? 12.821  5.844   -8.008  1.00 35.77 ? 14  ARG A N   1 
ATOM   104  C CA  . ARG A 1 14  ? 13.165  6.356   -6.720  1.00 35.53 ? 14  ARG A CA  1 
ATOM   105  C C   . ARG A 1 14  ? 13.721  5.287   -5.809  1.00 37.39 ? 14  ARG A C   1 
ATOM   106  O O   . ARG A 1 14  ? 14.685  5.518   -5.057  1.00 37.56 ? 14  ARG A O   1 
ATOM   107  C CB  . ARG A 1 14  ? 11.958  6.963   -6.038  1.00 35.35 ? 14  ARG A CB  1 
ATOM   108  C CG  . ARG A 1 14  ? 11.533  8.313   -6.604  1.00 34.48 ? 14  ARG A CG  1 
ATOM   109  C CD  . ARG A 1 14  ? 10.793  9.156   -5.561  1.00 34.22 ? 14  ARG A CD  1 
ATOM   110  N NE  . ARG A 1 14  ? 9.652   8.473   -4.988  1.00 32.46 ? 14  ARG A NE  1 
ATOM   111  C CZ  . ARG A 1 14  ? 8.385   8.645   -5.366  1.00 32.16 ? 14  ARG A CZ  1 
ATOM   112  N NH1 . ARG A 1 14  ? 8.059   9.557   -6.272  1.00 29.19 ? 14  ARG A NH1 1 
ATOM   113  N NH2 . ARG A 1 14  ? 7.440   7.911   -4.798  1.00 29.66 ? 14  ARG A NH2 1 
ATOM   114  N N   . HIS A 1 15  ? 13.108  4.114   -5.860  1.00 38.08 ? 15  HIS A N   1 
ATOM   115  C CA  . HIS A 1 15  ? 13.565  3.018   -5.036  1.00 40.14 ? 15  HIS A CA  1 
ATOM   116  C C   . HIS A 1 15  ? 14.991  2.576   -5.389  1.00 41.22 ? 15  HIS A C   1 
ATOM   117  O O   . HIS A 1 15  ? 15.761  2.305   -4.482  1.00 41.48 ? 15  HIS A O   1 
ATOM   118  C CB  . HIS A 1 15  ? 12.618  1.836   -5.165  1.00 38.74 ? 15  HIS A CB  1 
ATOM   119  C CG  . HIS A 1 15  ? 12.834  0.788   -4.119  1.00 38.14 ? 15  HIS A CG  1 
ATOM   120  N ND1 . HIS A 1 15  ? 12.797  1.064   -2.769  1.00 37.70 ? 15  HIS A ND1 1 
ATOM   121  C CD2 . HIS A 1 15  ? 13.072  -0.534  -4.228  1.00 38.40 ? 15  HIS A CD2 1 
ATOM   122  C CE1 . HIS A 1 15  ? 13.016  -0.047  -2.092  1.00 35.43 ? 15  HIS A CE1 1 
ATOM   123  N NE2 . HIS A 1 15  ? 13.151  -1.038  -2.956  1.00 36.64 ? 15  HIS A NE2 1 
ATOM   124  N N   . ARG A 1 16  ? 15.313  2.493   -6.681  1.00 43.29 ? 16  ARG A N   1 
ATOM   125  C CA  . ARG A 1 16  ? 16.687  2.198   -7.136  1.00 45.72 ? 16  ARG A CA  1 
ATOM   126  C C   . ARG A 1 16  ? 17.688  3.207   -6.589  1.00 46.65 ? 16  ARG A C   1 
ATOM   127  O O   . ARG A 1 16  ? 18.758  2.842   -6.105  1.00 47.38 ? 16  ARG A O   1 
ATOM   128  C CB  . ARG A 1 16  ? 16.835  2.288   -8.648  1.00 45.81 ? 16  ARG A CB  1 
ATOM   129  C CG  . ARG A 1 16  ? 15.941  1.425   -9.475  1.00 48.97 ? 16  ARG A CG  1 
ATOM   130  C CD  . ARG A 1 16  ? 16.538  1.208   -10.878 1.00 49.93 ? 16  ARG A CD  1 
ATOM   131  N NE  . ARG A 1 16  ? 15.497  1.019   -11.886 1.00 53.92 ? 16  ARG A NE  1 
ATOM   132  C CZ  . ARG A 1 16  ? 14.629  -0.001  -11.910 1.00 56.07 ? 16  ARG A CZ  1 
ATOM   133  N NH1 . ARG A 1 16  ? 14.649  -0.970  -10.999 1.00 55.98 ? 16  ARG A NH1 1 
ATOM   134  N NH2 . ARG A 1 16  ? 13.718  -0.062  -12.872 1.00 57.36 ? 16  ARG A NH2 1 
ATOM   135  N N   . THR A 1 17  ? 17.345  4.482   -6.723  1.00 47.46 ? 17  THR A N   1 
ATOM   136  C CA  . THR A 1 17  ? 18.201  5.579   -6.290  1.00 47.89 ? 17  THR A CA  1 
ATOM   137  C C   . THR A 1 17  ? 18.371  5.617   -4.783  1.00 48.40 ? 17  THR A C   1 
ATOM   138  O O   . THR A 1 17  ? 17.382  5.651   -4.072  1.00 48.73 ? 17  THR A O   1 
ATOM   139  C CB  . THR A 1 17  ? 17.597  6.916   -6.747  1.00 47.60 ? 17  THR A CB  1 
ATOM   140  O OG1 . THR A 1 17  ? 17.503  6.915   -8.179  1.00 44.42 ? 17  THR A OG1 1 
ATOM   141  C CG2 . THR A 1 17  ? 18.449  8.101   -6.240  1.00 47.84 ? 17  THR A CG2 1 
ATOM   142  N N   . ASP A 1 18  ? 19.625  5.649   -4.301  1.00 49.91 ? 18  ASP A N   1 
ATOM   143  C CA  . ASP A 1 18  ? 19.926  5.563   -2.846  1.00 49.97 ? 18  ASP A CA  1 
ATOM   144  C C   . ASP A 1 18  ? 19.370  6.673   -1.969  1.00 50.22 ? 18  ASP A C   1 
ATOM   145  O O   . ASP A 1 18  ? 18.729  6.372   -0.946  1.00 51.71 ? 18  ASP A O   1 
ATOM   146  C CB  . ASP A 1 18  ? 21.427  5.481   -2.571  1.00 51.17 ? 18  ASP A CB  1 
ATOM   147  C CG  . ASP A 1 18  ? 22.038  4.162   -3.012  1.00 53.87 ? 18  ASP A CG  1 
ATOM   148  O OD1 . ASP A 1 18  ? 21.500  3.070   -2.639  1.00 58.63 ? 18  ASP A OD1 1 
ATOM   149  O OD2 . ASP A 1 18  ? 23.078  4.227   -3.716  1.00 58.90 ? 18  ASP A OD2 1 
ATOM   150  N N   . TYR A 1 19  ? 19.627  7.933   -2.316  1.00 49.37 ? 19  TYR A N   1 
ATOM   151  C CA  . TYR A 1 19  ? 19.166  9.048   -1.473  1.00 49.22 ? 19  TYR A CA  1 
ATOM   152  C C   . TYR A 1 19  ? 17.639  9.267   -1.514  1.00 48.73 ? 19  TYR A C   1 
ATOM   153  O O   . TYR A 1 19  ? 17.095  9.952   -0.631  1.00 49.44 ? 19  TYR A O   1 
ATOM   154  C CB  . TYR A 1 19  ? 19.899  10.367  -1.808  1.00 49.75 ? 19  TYR A CB  1 
ATOM   155  C CG  . TYR A 1 19  ? 19.532  10.961  -3.149  1.00 50.43 ? 19  TYR A CG  1 
ATOM   156  C CD1 . TYR A 1 19  ? 20.025  10.409  -4.322  1.00 50.69 ? 19  TYR A CD1 1 
ATOM   157  C CD2 . TYR A 1 19  ? 18.705  12.071  -3.242  1.00 50.66 ? 19  TYR A CD2 1 
ATOM   158  C CE1 . TYR A 1 19  ? 19.717  10.932  -5.546  1.00 51.87 ? 19  TYR A CE1 1 
ATOM   159  C CE2 . TYR A 1 19  ? 18.364  12.599  -4.477  1.00 50.62 ? 19  TYR A CE2 1 
ATOM   160  C CZ  . TYR A 1 19  ? 18.889  12.025  -5.623  1.00 50.83 ? 19  TYR A CZ  1 
ATOM   161  O OH  . TYR A 1 19  ? 18.608  12.511  -6.876  1.00 52.79 ? 19  TYR A OH  1 
ATOM   162  N N   . GLN A 1 20  ? 16.955  8.704   -2.525  1.00 47.55 ? 20  GLN A N   1 
ATOM   163  C CA  . GLN A 1 20  ? 15.501  8.888   -2.668  1.00 45.97 ? 20  GLN A CA  1 
ATOM   164  C C   . GLN A 1 20  ? 14.718  7.710   -2.040  1.00 45.22 ? 20  GLN A C   1 
ATOM   165  O O   . GLN A 1 20  ? 15.224  6.584   -1.925  1.00 45.30 ? 20  GLN A O   1 
ATOM   166  C CB  . GLN A 1 20  ? 15.125  9.046   -4.148  1.00 46.61 ? 20  GLN A CB  1 
ATOM   167  C CG  . GLN A 1 20  ? 15.700  10.288  -4.839  1.00 45.60 ? 20  GLN A CG  1 
ATOM   168  C CD  . GLN A 1 20  ? 15.246  10.434  -6.292  1.00 46.87 ? 20  GLN A CD  1 
ATOM   169  O OE1 . GLN A 1 20  ? 14.949  9.447   -6.977  1.00 47.90 ? 20  GLN A OE1 1 
ATOM   170  N NE2 . GLN A 1 20  ? 15.196  11.682  -6.773  1.00 49.14 ? 20  GLN A NE2 1 
ATOM   171  N N   . LYS A 1 21  ? 13.483  7.978   -1.644  1.00 42.24 ? 21  LYS A N   1 
ATOM   172  C CA  . LYS A 1 21  ? 12.652  6.961   -1.008  1.00 40.66 ? 21  LYS A CA  1 
ATOM   173  C C   . LYS A 1 21  ? 11.667  6.455   -2.066  1.00 37.73 ? 21  LYS A C   1 
ATOM   174  O O   . LYS A 1 21  ? 10.986  7.246   -2.706  1.00 36.90 ? 21  LYS A O   1 
ATOM   175  C CB  . LYS A 1 21  ? 11.877  7.545   0.158   1.00 41.38 ? 21  LYS A CB  1 
ATOM   176  C CG  . LYS A 1 21  ? 12.714  7.986   1.306   1.00 42.68 ? 21  LYS A CG  1 
ATOM   177  C CD  . LYS A 1 21  ? 11.880  8.855   2.285   1.00 44.36 ? 21  LYS A CD  1 
ATOM   178  C CE  . LYS A 1 21  ? 12.730  9.376   3.456   1.00 47.01 ? 21  LYS A CE  1 
ATOM   179  N NZ  . LYS A 1 21  ? 13.753  10.409  3.008   1.00 50.77 ? 21  LYS A NZ  1 
ATOM   180  N N   . GLY A 1 22  ? 11.613  5.146   -2.270  1.00 34.51 ? 22  GLY A N   1 
ATOM   181  C CA  . GLY A 1 22  ? 10.727  4.584   -3.236  1.00 33.26 ? 22  GLY A CA  1 
ATOM   182  C C   . GLY A 1 22  ? 9.288   4.892   -2.870  1.00 30.32 ? 22  GLY A C   1 
ATOM   183  O O   . GLY A 1 22  ? 8.491   5.190   -3.748  1.00 29.35 ? 22  GLY A O   1 
ATOM   184  N N   . MET A 1 23  ? 8.978   4.832   -1.588  1.00 29.74 ? 23  MET A N   1 
ATOM   185  C CA  . MET A 1 23  ? 7.597   4.989   -1.112  1.00 29.78 ? 23  MET A CA  1 
ATOM   186  C C   . MET A 1 23  ? 7.447   6.421   -0.662  1.00 29.63 ? 23  MET A C   1 
ATOM   187  O O   . MET A 1 23  ? 8.226   6.923   0.135   1.00 32.10 ? 23  MET A O   1 
ATOM   188  C CB  . MET A 1 23  ? 7.246   3.959   -0.028  1.00 29.49 ? 23  MET A CB  1 
ATOM   189  C CG  . MET A 1 23  ? 5.774   3.751   0.309   1.00 29.33 ? 23  MET A CG  1 
ATOM   190  S SD  . MET A 1 23  ? 4.806   3.122   -1.027  1.00 19.09 ? 23  MET A SD  1 
ATOM   191  C CE  . MET A 1 23  ? 4.809   1.293   -0.503  1.00 23.11 ? 23  MET A CE  1 
ATOM   192  N N   . SER A 1 24  ? 6.435   7.097   -1.188  1.00 28.88 ? 24  SER A N   1 
ATOM   193  C CA  . SER A 1 24  ? 6.087   8.371   -0.739  1.00 27.86 ? 24  SER A CA  1 
ATOM   194  C C   . SER A 1 24  ? 4.672   8.450   -0.142  1.00 26.85 ? 24  SER A C   1 
ATOM   195  O O   . SER A 1 24  ? 3.720   8.169   -0.845  1.00 25.34 ? 24  SER A O   1 
ATOM   196  C CB  . SER A 1 24  ? 6.121   9.287   -1.939  1.00 29.21 ? 24  SER A CB  1 
ATOM   197  O OG  . SER A 1 24  ? 5.683   10.567  -1.537  1.00 31.12 ? 24  SER A OG  1 
ATOM   198  N N   . TYR A 1 25  ? 4.570   8.877   1.107   1.00 27.44 ? 25  TYR A N   1 
ATOM   199  C CA  . TYR A 1 25  ? 3.281   9.132   1.794   1.00 28.42 ? 25  TYR A CA  1 
ATOM   200  C C   . TYR A 1 25  ? 2.790   10.512  1.474   1.00 29.19 ? 25  TYR A C   1 
ATOM   201  O O   . TYR A 1 25  ? 3.515   11.501  1.676   1.00 28.94 ? 25  TYR A O   1 
ATOM   202  C CB  . TYR A 1 25  ? 3.398   8.852   3.286   1.00 28.85 ? 25  TYR A CB  1 
ATOM   203  C CG  . TYR A 1 25  ? 3.596   7.378   3.515   1.00 27.61 ? 25  TYR A CG  1 
ATOM   204  C CD1 . TYR A 1 25  ? 2.521   6.540   3.845   1.00 28.66 ? 25  TYR A CD1 1 
ATOM   205  C CD2 . TYR A 1 25  ? 4.850   6.786   3.306   1.00 27.86 ? 25  TYR A CD2 1 
ATOM   206  C CE1 . TYR A 1 25  ? 2.699   5.193   3.984   1.00 29.33 ? 25  TYR A CE1 1 
ATOM   207  C CE2 . TYR A 1 25  ? 5.035   5.443   3.432   1.00 28.50 ? 25  TYR A CE2 1 
ATOM   208  C CZ  . TYR A 1 25  ? 3.960   4.632   3.800   1.00 27.76 ? 25  TYR A CZ  1 
ATOM   209  O OH  . TYR A 1 25  ? 4.109   3.251   3.876   1.00 29.79 ? 25  TYR A OH  1 
ATOM   210  N N   . ALA A 1 26  ? 1.582   10.618  0.914   1.00 29.37 ? 26  ALA A N   1 
ATOM   211  C CA  . ALA A 1 26  ? 1.080   11.918  0.486   1.00 30.39 ? 26  ALA A CA  1 
ATOM   212  C C   . ALA A 1 26  ? 0.804   12.979  1.587   1.00 30.95 ? 26  ALA A C   1 
ATOM   213  O O   . ALA A 1 26  ? 0.498   12.658  2.705   1.00 29.58 ? 26  ALA A O   1 
ATOM   214  C CB  . ALA A 1 26  ? -0.188  11.743  -0.308  1.00 29.67 ? 26  ALA A CB  1 
ATOM   215  N N   . GLU A 1 27  ? 0.878   14.270  1.209   1.00 32.48 ? 27  GLU A N   1 
ATOM   216  C CA  . GLU A 1 27  ? 0.300   15.363  2.003   1.00 33.64 ? 27  GLU A CA  1 
ATOM   217  C C   . GLU A 1 27  ? -0.929  15.844  1.199   1.00 32.96 ? 27  GLU A C   1 
ATOM   218  O O   . GLU A 1 27  ? -0.870  16.038  -0.021  1.00 33.38 ? 27  GLU A O   1 
ATOM   219  C CB  . GLU A 1 27  ? 1.317   16.517  2.199   1.00 34.89 ? 27  GLU A CB  1 
ATOM   220  C CG  . GLU A 1 27  ? 0.935   17.498  3.317   1.00 37.69 ? 27  GLU A CG  1 
ATOM   221  C CD  . GLU A 1 27  ? 1.453   18.936  3.094   1.00 41.32 ? 27  GLU A CD  1 
ATOM   222  O OE1 . GLU A 1 27  ? 2.700   19.117  2.910   1.00 48.90 ? 27  GLU A OE1 1 
ATOM   223  O OE2 . GLU A 1 27  ? 0.594   19.880  3.114   1.00 50.27 ? 27  GLU A OE2 1 
ATOM   224  N N   . GLN A 1 28  ? -2.067  15.974  1.852   1.00 33.22 ? 28  GLN A N   1 
ATOM   225  C CA  . GLN A 1 28  ? -3.260  16.481  1.177   1.00 33.86 ? 28  GLN A CA  1 
ATOM   226  C C   . GLN A 1 28  ? -3.422  17.990  1.459   1.00 33.39 ? 28  GLN A C   1 
ATOM   227  O O   . GLN A 1 28  ? -3.245  18.428  2.586   1.00 31.91 ? 28  GLN A O   1 
ATOM   228  C CB  . GLN A 1 28  ? -4.496  15.744  1.646   1.00 33.80 ? 28  GLN A CB  1 
ATOM   229  C CG  . GLN A 1 28  ? -5.832  16.282  1.081   1.00 34.41 ? 28  GLN A CG  1 
ATOM   230  C CD  . GLN A 1 28  ? -6.996  15.539  1.734   1.00 37.21 ? 28  GLN A CD  1 
ATOM   231  O OE1 . GLN A 1 28  ? -6.858  14.362  2.015   1.00 47.57 ? 28  GLN A OE1 1 
ATOM   232  N NE2 . GLN A 1 28  ? -8.112  16.216  2.013   1.00 44.06 ? 28  GLN A NE2 1 
ATOM   233  N N   . GLN A 1 29  ? -3.721  18.758  0.419   1.00 33.21 ? 29  GLN A N   1 
ATOM   234  C CA  . GLN A 1 29  ? -3.926  20.173  0.558   1.00 33.62 ? 29  GLN A CA  1 
ATOM   235  C C   . GLN A 1 29  ? -5.297  20.527  0.011   1.00 31.94 ? 29  GLN A C   1 
ATOM   236  O O   . GLN A 1 29  ? -5.546  20.318  -1.159  1.00 30.62 ? 29  GLN A O   1 
ATOM   237  C CB  . GLN A 1 29  ? -2.826  20.925  -0.169  1.00 33.37 ? 29  GLN A CB  1 
ATOM   238  C CG  . GLN A 1 29  ? -3.136  22.343  -0.587  1.00 35.35 ? 29  GLN A CG  1 
ATOM   239  C CD  . GLN A 1 29  ? -1.925  22.975  -1.295  1.00 37.46 ? 29  GLN A CD  1 
ATOM   240  O OE1 . GLN A 1 29  ? -1.594  22.626  -2.437  1.00 44.66 ? 29  GLN A OE1 1 
ATOM   241  N NE2 . GLN A 1 29  ? -1.237  23.867  -0.599  1.00 46.23 ? 29  GLN A NE2 1 
ATOM   242  N N   . ASP A 1 30  ? -6.153  21.055  0.887   1.00 32.78 ? 30  ASP A N   1 
ATOM   243  C CA  . ASP A 1 30  ? -7.506  21.490  0.527   1.00 33.31 ? 30  ASP A CA  1 
ATOM   244  C C   . ASP A 1 30  ? -7.467  22.935  -0.009  1.00 33.93 ? 30  ASP A C   1 
ATOM   245  O O   . ASP A 1 30  ? -6.746  23.769  0.521   1.00 34.06 ? 30  ASP A O   1 
ATOM   246  C CB  . ASP A 1 30  ? -8.418  21.483  1.737   1.00 33.32 ? 30  ASP A CB  1 
ATOM   247  C CG  . ASP A 1 30  ? -8.550  20.125  2.371   1.00 34.90 ? 30  ASP A CG  1 
ATOM   248  O OD1 . ASP A 1 30  ? -8.386  19.106  1.653   1.00 36.29 ? 30  ASP A OD1 1 
ATOM   249  O OD2 . ASP A 1 30  ? -8.844  20.075  3.583   1.00 36.01 ? 30  ASP A OD2 1 
ATOM   250  N N   . PHE A 1 31  ? -8.244  23.214  -1.042  1.00 34.23 ? 31  PHE A N   1 
ATOM   251  C CA  . PHE A 1 31  ? -8.449  24.584  -1.497  1.00 34.80 ? 31  PHE A CA  1 
ATOM   252  C C   . PHE A 1 31  ? -9.928  24.714  -1.922  1.00 34.88 ? 31  PHE A C   1 
ATOM   253  O O   . PHE A 1 31  ? -10.712 23.774  -1.709  1.00 34.54 ? 31  PHE A O   1 
ATOM   254  C CB  . PHE A 1 31  ? -7.423  24.967  -2.575  1.00 35.28 ? 31  PHE A CB  1 
ATOM   255  C CG  . PHE A 1 31  ? -7.502  24.144  -3.824  1.00 34.71 ? 31  PHE A CG  1 
ATOM   256  C CD1 . PHE A 1 31  ? -8.064  24.656  -4.971  1.00 35.20 ? 31  PHE A CD1 1 
ATOM   257  C CD2 . PHE A 1 31  ? -7.003  22.856  -3.849  1.00 34.31 ? 31  PHE A CD2 1 
ATOM   258  C CE1 . PHE A 1 31  ? -8.157  23.898  -6.108  1.00 35.75 ? 31  PHE A CE1 1 
ATOM   259  C CE2 . PHE A 1 31  ? -7.089  22.100  -4.985  1.00 32.74 ? 31  PHE A CE2 1 
ATOM   260  C CZ  . PHE A 1 31  ? -7.654  22.586  -6.100  1.00 34.79 ? 31  PHE A CZ  1 
ATOM   261  N N   . ASP A 1 32  ? -10.322 25.850  -2.489  1.00 35.23 ? 32  ASP A N   1 
ATOM   262  C CA  A ASP A 1 32  ? -11.756 26.172  -2.677  0.50 35.22 ? 32  ASP A CA  1 
ATOM   263  C CA  B ASP A 1 32  ? -11.754 26.175  -2.677  0.50 35.07 ? 32  ASP A CA  1 
ATOM   264  C C   . ASP A 1 32  ? -12.453 25.390  -3.794  1.00 34.96 ? 32  ASP A C   1 
ATOM   265  O O   . ASP A 1 32  ? -13.702 25.292  -3.847  1.00 35.18 ? 32  ASP A O   1 
ATOM   266  C CB  A ASP A 1 32  ? -11.941 27.671  -2.879  0.50 35.87 ? 32  ASP A CB  1 
ATOM   267  C CB  B ASP A 1 32  ? -11.923 27.679  -2.868  0.50 35.56 ? 32  ASP A CB  1 
ATOM   268  C CG  A ASP A 1 32  ? -11.153 28.210  -4.055  0.50 38.17 ? 32  ASP A CG  1 
ATOM   269  C CG  B ASP A 1 32  ? -11.533 28.468  -1.627  0.50 36.98 ? 32  ASP A CG  1 
ATOM   270  O OD1 A ASP A 1 32  ? -10.423 27.434  -4.730  0.50 39.78 ? 32  ASP A OD1 1 
ATOM   271  O OD1 B ASP A 1 32  ? -12.061 28.160  -0.533  0.50 36.59 ? 32  ASP A OD1 1 
ATOM   272  O OD2 A ASP A 1 32  ? -11.278 29.427  -4.304  0.50 41.44 ? 32  ASP A OD2 1 
ATOM   273  O OD2 B ASP A 1 32  ? -10.704 29.409  -1.741  0.50 40.75 ? 32  ASP A OD2 1 
ATOM   274  N N   . MET A 1 33  ? -11.666 24.816  -4.685  1.00 33.88 ? 33  MET A N   1 
ATOM   275  C CA  . MET A 1 33  ? -12.207 24.013  -5.735  1.00 33.41 ? 33  MET A CA  1 
ATOM   276  C C   . MET A 1 33  ? -11.702 22.553  -5.697  1.00 31.60 ? 33  MET A C   1 
ATOM   277  O O   . MET A 1 33  ? -11.691 21.903  -6.725  1.00 32.41 ? 33  MET A O   1 
ATOM   278  C CB  . MET A 1 33  ? -11.922 24.631  -7.106  1.00 33.99 ? 33  MET A CB  1 
ATOM   279  C CG  . MET A 1 33  ? -12.512 26.051  -7.350  1.00 36.38 ? 33  MET A CG  1 
ATOM   280  S SD  . MET A 1 33  ? -12.274 26.567  -9.071  1.00 37.76 ? 33  MET A SD  1 
ATOM   281  C CE  . MET A 1 33  ? -13.429 25.643  -10.023 1.00 36.94 ? 33  MET A CE  1 
ATOM   282  N N   . GLY A 1 34  ? -11.271 22.080  -4.536  1.00 30.18 ? 34  GLY A N   1 
ATOM   283  C CA  . GLY A 1 34  ? -10.948 20.642  -4.338  1.00 29.00 ? 34  GLY A CA  1 
ATOM   284  C C   . GLY A 1 34  ? -9.816  20.342  -3.395  1.00 27.60 ? 34  GLY A C   1 
ATOM   285  O O   . GLY A 1 34  ? -9.668  20.974  -2.337  1.00 27.67 ? 34  GLY A O   1 
ATOM   286  N N   . PHE A 1 35  ? -9.023  19.335  -3.762  1.00 25.57 ? 35  PHE A N   1 
ATOM   287  C CA  . PHE A 1 35  ? -7.860  18.956  -2.972  1.00 26.84 ? 35  PHE A CA  1 
ATOM   288  C C   . PHE A 1 35  ? -6.772  18.373  -3.890  1.00 26.08 ? 35  PHE A C   1 
ATOM   289  O O   . PHE A 1 35  ? -7.063  17.874  -4.971  1.00 26.56 ? 35  PHE A O   1 
ATOM   290  C CB  . PHE A 1 35  ? -8.198  17.971  -1.809  1.00 26.35 ? 35  PHE A CB  1 
ATOM   291  C CG  . PHE A 1 35  ? -8.771  16.660  -2.238  1.00 27.33 ? 35  PHE A CG  1 
ATOM   292  C CD1 . PHE A 1 35  ? -7.949  15.541  -2.448  1.00 27.83 ? 35  PHE A CD1 1 
ATOM   293  C CD2 . PHE A 1 35  ? -10.145 16.515  -2.386  1.00 27.97 ? 35  PHE A CD2 1 
ATOM   294  C CE1 . PHE A 1 35  ? -8.519  14.334  -2.836  1.00 26.45 ? 35  PHE A CE1 1 
ATOM   295  C CE2 . PHE A 1 35  ? -10.696 15.350  -2.784  1.00 26.84 ? 35  PHE A CE2 1 
ATOM   296  C CZ  . PHE A 1 35  ? -9.908  14.242  -2.990  1.00 27.52 ? 35  PHE A CZ  1 
ATOM   297  N N   . THR A 1 36  ? -5.538  18.446  -3.405  1.00 26.55 ? 36  THR A N   1 
ATOM   298  C CA  . THR A 1 36  ? -4.364  17.960  -4.106  1.00 26.71 ? 36  THR A CA  1 
ATOM   299  C C   . THR A 1 36  ? -3.676  16.978  -3.196  1.00 25.25 ? 36  THR A C   1 
ATOM   300  O O   . THR A 1 36  ? -3.443  17.279  -2.017  1.00 25.33 ? 36  THR A O   1 
ATOM   301  C CB  . THR A 1 36  ? -3.366  19.166  -4.424  1.00 26.67 ? 36  THR A CB  1 
ATOM   302  O OG1 . THR A 1 36  ? -4.023  20.033  -5.320  1.00 29.40 ? 36  THR A OG1 1 
ATOM   303  C CG2 . THR A 1 36  ? -2.085  18.685  -5.116  1.00 26.71 ? 36  THR A CG2 1 
ATOM   304  N N   . ILE A 1 37  ? -3.345  15.814  -3.778  1.00 25.65 ? 37  ILE A N   1 
ATOM   305  C CA  . ILE A 1 37  ? -2.575  14.801  -3.146  1.00 26.78 ? 37  ILE A CA  1 
ATOM   306  C C   . ILE A 1 37  ? -1.135  14.937  -3.659  1.00 26.16 ? 37  ILE A C   1 
ATOM   307  O O   . ILE A 1 37  ? -0.873  14.682  -4.812  1.00 26.97 ? 37  ILE A O   1 
ATOM   308  C CB  . ILE A 1 37  ? -3.165  13.410  -3.508  1.00 26.01 ? 37  ILE A CB  1 
ATOM   309  C CG1 . ILE A 1 37  ? -4.627  13.345  -3.028  1.00 25.62 ? 37  ILE A CG1 1 
ATOM   310  C CG2 . ILE A 1 37  ? -2.279  12.268  -2.928  1.00 26.37 ? 37  ILE A CG2 1 
ATOM   311  C CD1 . ILE A 1 37  ? -4.822  13.690  -1.587  1.00 27.21 ? 37  ILE A CD1 1 
ATOM   312  N N   . TRP A 1 38  ? -0.238  15.327  -2.784  1.00 28.37 ? 38  TRP A N   1 
ATOM   313  C CA  . TRP A 1 38  ? 1.171   15.606  -3.129  1.00 30.36 ? 38  TRP A CA  1 
ATOM   314  C C   . TRP A 1 38  ? 2.114   14.468  -2.719  1.00 29.21 ? 38  TRP A C   1 
ATOM   315  O O   . TRP A 1 38  ? 2.218   14.132  -1.533  1.00 28.88 ? 38  TRP A O   1 
ATOM   316  C CB  . TRP A 1 38  ? 1.638   16.810  -2.338  1.00 31.97 ? 38  TRP A CB  1 
ATOM   317  C CG  . TRP A 1 38  ? 1.082   18.082  -2.722  1.00 33.79 ? 38  TRP A CG  1 
ATOM   318  C CD1 . TRP A 1 38  ? 0.049   18.722  -2.137  1.00 34.28 ? 38  TRP A CD1 1 
ATOM   319  C CD2 . TRP A 1 38  ? 1.597   18.964  -3.736  1.00 35.38 ? 38  TRP A CD2 1 
ATOM   320  N NE1 . TRP A 1 38  ? -0.133  19.951  -2.734  1.00 33.71 ? 38  TRP A NE1 1 
ATOM   321  C CE2 . TRP A 1 38  ? 0.798   20.117  -3.723  1.00 32.59 ? 38  TRP A CE2 1 
ATOM   322  C CE3 . TRP A 1 38  ? 2.663   18.885  -4.650  1.00 33.47 ? 38  TRP A CE3 1 
ATOM   323  C CZ2 . TRP A 1 38  ? 1.030   21.212  -4.598  1.00 35.29 ? 38  TRP A CZ2 1 
ATOM   324  C CZ3 . TRP A 1 38  ? 2.881   19.957  -5.525  1.00 34.51 ? 38  TRP A CZ3 1 
ATOM   325  C CH2 . TRP A 1 38  ? 2.064   21.098  -5.492  1.00 35.10 ? 38  TRP A CH2 1 
ATOM   326  N N   . PHE A 1 39  ? 2.839   13.940  -3.702  1.00 30.00 ? 39  PHE A N   1 
ATOM   327  C CA  . PHE A 1 39  ? 3.905   12.951  -3.446  1.00 30.90 ? 39  PHE A CA  1 
ATOM   328  C C   . PHE A 1 39  ? 5.261   13.600  -3.808  1.00 31.08 ? 39  PHE A C   1 
ATOM   329  O O   . PHE A 1 39  ? 5.331   14.710  -4.422  1.00 33.09 ? 39  PHE A O   1 
ATOM   330  C CB  . PHE A 1 39  ? 3.728   11.700  -4.316  1.00 29.37 ? 39  PHE A CB  1 
ATOM   331  C CG  . PHE A 1 39  ? 2.365   11.074  -4.260  1.00 29.86 ? 39  PHE A CG  1 
ATOM   332  C CD1 . PHE A 1 39  ? 1.964   10.368  -3.130  1.00 27.80 ? 39  PHE A CD1 1 
ATOM   333  C CD2 . PHE A 1 39  ? 1.545   11.076  -5.343  1.00 27.78 ? 39  PHE A CD2 1 
ATOM   334  C CE1 . PHE A 1 39  ? 0.738   9.725   -3.081  1.00 28.48 ? 39  PHE A CE1 1 
ATOM   335  C CE2 . PHE A 1 39  ? 0.306   10.357  -5.317  1.00 27.20 ? 39  PHE A CE2 1 
ATOM   336  C CZ  . PHE A 1 39  ? -0.081  9.727   -4.166  1.00 27.02 ? 39  PHE A CZ  1 
ATOM   337  N N   . ASP A 1 40  ? 6.333   12.877  -3.492  1.00 32.03 ? 40  ASP A N   1 
ATOM   338  C CA  . ASP A 1 40  ? 7.662   13.168  -4.061  1.00 32.18 ? 40  ASP A CA  1 
ATOM   339  C C   . ASP A 1 40  ? 7.585   13.210  -5.575  1.00 31.06 ? 40  ASP A C   1 
ATOM   340  O O   . ASP A 1 40  ? 6.719   12.611  -6.220  1.00 30.61 ? 40  ASP A O   1 
ATOM   341  C CB  . ASP A 1 40  ? 8.692   12.103  -3.670  1.00 33.17 ? 40  ASP A CB  1 
ATOM   342  C CG  . ASP A 1 40  ? 8.864   11.923  -2.182  1.00 38.03 ? 40  ASP A CG  1 
ATOM   343  O OD1 . ASP A 1 40  ? 8.653   12.888  -1.401  1.00 44.79 ? 40  ASP A OD1 1 
ATOM   344  O OD2 . ASP A 1 40  ? 9.261   10.786  -1.769  1.00 46.57 ? 40  ASP A OD2 1 
ATOM   345  N N   . HIS A 1 41  ? 8.521   13.921  -6.192  1.00 30.94 ? 41  HIS A N   1 
ATOM   346  C CA  . HIS A 1 41  ? 8.556   14.047  -7.638  1.00 30.75 ? 41  HIS A CA  1 
ATOM   347  C C   . HIS A 1 41  ? 8.680   12.666  -8.268  1.00 31.02 ? 41  HIS A C   1 
ATOM   348  O O   . HIS A 1 41  ? 9.413   11.798  -7.723  1.00 30.39 ? 41  HIS A O   1 
ATOM   349  C CB  . HIS A 1 41  ? 9.736   14.946  -8.023  1.00 31.49 ? 41  HIS A CB  1 
ATOM   350  C CG  . HIS A 1 41  ? 9.666   15.500  -9.399  1.00 31.17 ? 41  HIS A CG  1 
ATOM   351  N ND1 . HIS A 1 41  ? 9.874   14.735  -10.514 1.00 34.06 ? 41  HIS A ND1 1 
ATOM   352  C CD2 . HIS A 1 41  ? 9.417   16.757  -9.840  1.00 31.64 ? 41  HIS A CD2 1 
ATOM   353  C CE1 . HIS A 1 41  ? 9.773   15.499  -11.592 1.00 32.33 ? 41  HIS A CE1 1 
ATOM   354  N NE2 . HIS A 1 41  ? 9.488   16.728  -11.204 1.00 33.76 ? 41  HIS A NE2 1 
ATOM   355  N N   . ILE A 1 42  ? 7.939   12.450  -9.355  1.00 30.05 ? 42  ILE A N   1 
ATOM   356  C CA  . ILE A 1 42  ? 7.985   11.218  -10.145 1.00 30.89 ? 42  ILE A CA  1 
ATOM   357  C C   . ILE A 1 42  ? 9.365   11.042  -10.764 1.00 31.92 ? 42  ILE A C   1 
ATOM   358  O O   . ILE A 1 42  ? 10.055  12.014  -11.092 1.00 30.41 ? 42  ILE A O   1 
ATOM   359  C CB  . ILE A 1 42  ? 6.947   11.213  -11.273 1.00 30.71 ? 42  ILE A CB  1 
ATOM   360  C CG1 . ILE A 1 42  ? 6.783   9.843   -11.903 1.00 31.73 ? 42  ILE A CG1 1 
ATOM   361  C CG2 . ILE A 1 42  ? 7.290   12.248  -12.428 1.00 29.74 ? 42  ILE A CG2 1 
ATOM   362  C CD1 . ILE A 1 42  ? 5.586   9.780   -12.806 1.00 31.21 ? 42  ILE A CD1 1 
ATOM   363  N N   . GLU A 1 43  ? 9.753   9.803   -10.928 1.00 33.23 ? 43  GLU A N   1 
ATOM   364  C CA  . GLU A 1 43  ? 11.051  9.458   -11.543 1.00 33.92 ? 43  GLU A CA  1 
ATOM   365  C C   . GLU A 1 43  ? 10.933  8.385   -12.633 1.00 34.93 ? 43  GLU A C   1 
ATOM   366  O O   . GLU A 1 43  ? 11.767  8.319   -13.552 1.00 32.67 ? 43  GLU A O   1 
ATOM   367  C CB  . GLU A 1 43  ? 12.011  8.990   -10.454 1.00 35.09 ? 43  GLU A CB  1 
ATOM   368  C CG  . GLU A 1 43  ? 12.316  10.003  -9.383  1.00 37.00 ? 43  GLU A CG  1 
ATOM   369  C CD  . GLU A 1 43  ? 13.173  11.221  -9.889  1.00 40.99 ? 43  GLU A CD  1 
ATOM   370  O OE1 . GLU A 1 43  ? 13.414  11.348  -11.111 1.00 41.22 ? 43  GLU A OE1 1 
ATOM   371  O OE2 . GLU A 1 43  ? 13.554  12.055  -9.035  1.00 43.36 ? 43  GLU A OE2 1 
ATOM   372  N N   . ASP A 1 44  ? 9.885   7.555   -12.551 1.00 35.00 ? 44  ASP A N   1 
ATOM   373  C CA  . ASP A 1 44  ? 9.579   6.586   -13.607 1.00 36.00 ? 44  ASP A CA  1 
ATOM   374  C C   . ASP A 1 44  ? 8.806   7.283   -14.752 1.00 36.90 ? 44  ASP A C   1 
ATOM   375  O O   . ASP A 1 44  ? 7.581   7.201   -14.889 1.00 37.49 ? 44  ASP A O   1 
ATOM   376  C CB  . ASP A 1 44  ? 8.815   5.422   -12.965 1.00 36.01 ? 44  ASP A CB  1 
ATOM   377  C CG  . ASP A 1 44  ? 8.819   4.153   -13.811 1.00 35.93 ? 44  ASP A CG  1 
ATOM   378  O OD1 . ASP A 1 44  ? 9.222   4.215   -14.983 1.00 38.19 ? 44  ASP A OD1 1 
ATOM   379  O OD2 . ASP A 1 44  ? 8.361   3.104   -13.300 1.00 36.51 ? 44  ASP A OD2 1 
ATOM   380  N N   . LEU A 1 45  ? 9.550   7.959   -15.620 1.00 37.78 ? 45  LEU A N   1 
ATOM   381  C CA  . LEU A 1 45  ? 8.961   8.902   -16.605 1.00 38.15 ? 45  LEU A CA  1 
ATOM   382  C C   . LEU A 1 45  ? 8.234   8.224   -17.772 1.00 38.64 ? 45  LEU A C   1 
ATOM   383  O O   . LEU A 1 45  ? 7.370   8.826   -18.436 1.00 39.77 ? 45  LEU A O   1 
ATOM   384  C CB  . LEU A 1 45  ? 10.060  9.816   -17.130 1.00 39.05 ? 45  LEU A CB  1 
ATOM   385  C CG  . LEU A 1 45  ? 10.874  10.566  -16.055 1.00 38.56 ? 45  LEU A CG  1 
ATOM   386  C CD1 . LEU A 1 45  ? 12.038  11.315  -16.671 1.00 38.97 ? 45  LEU A CD1 1 
ATOM   387  C CD2 . LEU A 1 45  ? 9.999   11.531  -15.217 1.00 38.55 ? 45  LEU A CD2 1 
ATOM   388  N N   . ASP A 1 46  ? 8.548   6.953   -18.005 1.00 39.33 ? 46  ASP A N   1 
ATOM   389  C CA  . ASP A 1 46  ? 7.762   6.130   -18.908 1.00 39.09 ? 46  ASP A CA  1 
ATOM   390  C C   . ASP A 1 46  ? 6.274   5.988   -18.514 1.00 38.74 ? 46  ASP A C   1 
ATOM   391  O O   . ASP A 1 46  ? 5.441   5.584   -19.360 1.00 37.38 ? 46  ASP A O   1 
ATOM   392  C CB  . ASP A 1 46  ? 8.437   4.769   -19.073 1.00 40.73 ? 46  ASP A CB  1 
ATOM   393  C CG  . ASP A 1 46  ? 9.750   4.860   -19.885 1.00 44.14 ? 46  ASP A CG  1 
ATOM   394  O OD1 . ASP A 1 46  ? 10.180  5.982   -20.219 1.00 49.99 ? 46  ASP A OD1 1 
ATOM   395  O OD2 . ASP A 1 46  ? 10.340  3.795   -20.188 1.00 50.64 ? 46  ASP A OD2 1 
ATOM   396  N N   . LEU A 1 47  ? 5.942   6.330   -17.262 1.00 37.34 ? 47  LEU A N   1 
ATOM   397  C CA  . LEU A 1 47  ? 4.561   6.318   -16.782 1.00 39.03 ? 47  LEU A CA  1 
ATOM   398  C C   . LEU A 1 47  ? 3.692   7.474   -17.268 1.00 39.80 ? 47  LEU A C   1 
ATOM   399  O O   . LEU A 1 47  ? 2.457   7.407   -17.171 1.00 39.73 ? 47  LEU A O   1 
ATOM   400  C CB  . LEU A 1 47  ? 4.523   6.265   -15.246 1.00 37.59 ? 47  LEU A CB  1 
ATOM   401  C CG  . LEU A 1 47  ? 5.150   5.042   -14.578 1.00 35.23 ? 47  LEU A CG  1 
ATOM   402  C CD1 . LEU A 1 47  ? 5.241   5.169   -13.011 1.00 32.71 ? 47  LEU A CD1 1 
ATOM   403  C CD2 . LEU A 1 47  ? 4.388   3.809   -14.999 1.00 37.82 ? 47  LEU A CD2 1 
ATOM   404  N N   . ILE A 1 48  ? 4.339   8.509   -17.806 1.00 41.68 ? 48  ILE A N   1 
ATOM   405  C CA  . ILE A 1 48  ? 3.674   9.728   -18.226 1.00 42.99 ? 48  ILE A CA  1 
ATOM   406  C C   . ILE A 1 48  ? 3.258   9.555   -19.666 1.00 44.93 ? 48  ILE A C   1 
ATOM   407  O O   . ILE A 1 48  ? 4.112   9.463   -20.575 1.00 45.45 ? 48  ILE A O   1 
ATOM   408  C CB  . ILE A 1 48  ? 4.604   10.965  -18.158 1.00 42.81 ? 48  ILE A CB  1 
ATOM   409  C CG1 . ILE A 1 48  ? 5.319   11.037  -16.796 1.00 42.88 ? 48  ILE A CG1 1 
ATOM   410  C CG2 . ILE A 1 48  ? 3.770   12.211  -18.439 1.00 42.61 ? 48  ILE A CG2 1 
ATOM   411  C CD1 . ILE A 1 48  ? 6.296   12.196  -16.641 1.00 43.33 ? 48  ILE A CD1 1 
ATOM   412  N N   . GLU A 1 49  ? 1.955   9.505   -19.884 1.00 45.76 ? 49  GLU A N   1 
ATOM   413  C CA  . GLU A 1 49  ? 1.422   9.400   -21.229 1.00 47.32 ? 49  GLU A CA  1 
ATOM   414  C C   . GLU A 1 49  ? 1.374   10.749  -21.960 1.00 47.73 ? 49  GLU A C   1 
ATOM   415  O O   . GLU A 1 49  ? 1.507   11.797  -21.353 1.00 47.78 ? 49  GLU A O   1 
ATOM   416  C CB  . GLU A 1 49  ? 0.043   8.746   -21.160 1.00 47.14 ? 49  GLU A CB  1 
ATOM   417  C CG  . GLU A 1 49  ? 0.140   7.277   -20.825 1.00 48.21 ? 49  GLU A CG  1 
ATOM   418  C CD  . GLU A 1 49  ? -1.029  6.753   -20.011 1.00 50.12 ? 49  GLU A CD  1 
ATOM   419  O OE1 . GLU A 1 49  ? -1.144  7.136   -18.813 1.00 55.41 ? 49  GLU A OE1 1 
ATOM   420  O OE2 . GLU A 1 49  ? -1.819  5.921   -20.544 1.00 54.53 ? 49  GLU A OE2 1 
ATOM   421  N N   . LYS A 1 50  ? 1.201   10.686  -23.280 1.00 49.18 ? 50  LYS A N   1 
ATOM   422  C CA  . LYS A 1 50  ? 1.007   11.870  -24.141 1.00 50.14 ? 50  LYS A CA  1 
ATOM   423  C C   . LYS A 1 50  ? -0.185  12.708  -23.677 1.00 50.60 ? 50  LYS A C   1 
ATOM   424  O O   . LYS A 1 50  ? -0.109  13.944  -23.601 1.00 51.38 ? 50  LYS A O   1 
ATOM   425  C CB  . LYS A 1 50  ? 0.760   11.421  -25.586 1.00 50.95 ? 50  LYS A CB  1 
ATOM   426  C CG  . LYS A 1 50  ? 1.911   10.639  -26.228 1.00 51.67 ? 50  LYS A CG  1 
ATOM   427  C CD  . LYS A 1 50  ? 1.455   9.930   -27.516 1.00 52.37 ? 50  LYS A CD  1 
ATOM   428  C CE  . LYS A 1 50  ? 2.374   8.751   -27.954 1.00 53.42 ? 50  LYS A CE  1 
ATOM   429  N NZ  . LYS A 1 50  ? 1.801   7.416   -27.613 1.00 54.10 ? 50  LYS A NZ  1 
ATOM   430  N N   . ASP A 1 51  ? -1.277  12.029  -23.343 1.00 50.43 ? 51  ASP A N   1 
ATOM   431  C CA  . ASP A 1 51  ? -2.496  12.700  -22.899 1.00 49.91 ? 51  ASP A CA  1 
ATOM   432  C C   . ASP A 1 51  ? -2.414  13.349  -21.509 1.00 49.07 ? 51  ASP A C   1 
ATOM   433  O O   . ASP A 1 51  ? -3.403  13.908  -21.048 1.00 49.69 ? 51  ASP A O   1 
ATOM   434  C CB  . ASP A 1 51  ? -3.700  11.742  -22.978 1.00 50.91 ? 51  ASP A CB  1 
ATOM   435  C CG  . ASP A 1 51  ? -3.640  10.599  -21.956 1.00 53.28 ? 51  ASP A CG  1 
ATOM   436  O OD1 . ASP A 1 51  ? -2.569  10.343  -21.357 1.00 56.77 ? 51  ASP A OD1 1 
ATOM   437  O OD2 . ASP A 1 51  ? -4.682  9.936   -21.757 1.00 56.08 ? 51  ASP A OD2 1 
ATOM   438  N N   . GLY A 1 52  ? -1.263  13.265  -20.843 1.00 47.65 ? 52  GLY A N   1 
ATOM   439  C CA  . GLY A 1 52  ? -1.055  13.910  -19.521 1.00 46.03 ? 52  GLY A CA  1 
ATOM   440  C C   . GLY A 1 52  ? -1.315  13.011  -18.308 1.00 44.40 ? 52  GLY A C   1 
ATOM   441  O O   . GLY A 1 52  ? -0.895  13.316  -17.183 1.00 44.74 ? 52  GLY A O   1 
ATOM   442  N N   . THR A 1 53  ? -2.034  11.916  -18.550 1.00 42.42 ? 53  THR A N   1 
ATOM   443  C CA  . THR A 1 53  ? -2.330  10.899  -17.537 1.00 40.45 ? 53  THR A CA  1 
ATOM   444  C C   . THR A 1 53  ? -1.055  10.169  -17.143 1.00 38.54 ? 53  THR A C   1 
ATOM   445  O O   . THR A 1 53  ? -0.200  9.889   -18.008 1.00 37.00 ? 53  THR A O   1 
ATOM   446  C CB  . THR A 1 53  ? -3.285  9.859   -18.090 1.00 40.60 ? 53  THR A CB  1 
ATOM   447  O OG1 . THR A 1 53  ? -2.641  9.177   -19.158 1.00 44.37 ? 53  THR A OG1 1 
ATOM   448  C CG2 . THR A 1 53  ? -4.592  10.516  -18.653 1.00 41.56 ? 53  THR A CG2 1 
ATOM   449  N N   . ILE A 1 54  ? -0.928  9.875   -15.844 1.00 35.51 ? 54  ILE A N   1 
ATOM   450  C CA  . ILE A 1 54  ? 0.283   9.261   -15.306 1.00 33.67 ? 54  ILE A CA  1 
ATOM   451  C C   . ILE A 1 54  ? -0.121  7.981   -14.589 1.00 32.34 ? 54  ILE A C   1 
ATOM   452  O O   . ILE A 1 54  ? -0.795  8.057   -13.597 1.00 31.17 ? 54  ILE A O   1 
ATOM   453  C CB  . ILE A 1 54  ? 0.991   10.195  -14.283 1.00 32.36 ? 54  ILE A CB  1 
ATOM   454  C CG1 . ILE A 1 54  ? 1.323   11.544  -14.938 1.00 32.73 ? 54  ILE A CG1 1 
ATOM   455  C CG2 . ILE A 1 54  ? 2.270   9.533   -13.676 1.00 34.06 ? 54  ILE A CG2 1 
ATOM   456  C CD1 . ILE A 1 54  ? 2.080   12.457  -14.073 1.00 31.51 ? 54  ILE A CD1 1 
ATOM   457  N N   . ASN A 1 55  ? 0.380   6.845   -15.030 1.00 31.95 ? 55  ASN A N   1 
ATOM   458  C CA  . ASN A 1 55  ? 0.018   5.552   -14.429 1.00 32.27 ? 55  ASN A CA  1 
ATOM   459  C C   . ASN A 1 55  ? 0.930   5.161   -13.255 1.00 31.04 ? 55  ASN A C   1 
ATOM   460  O O   . ASN A 1 55  ? 1.414   4.023   -13.170 1.00 31.51 ? 55  ASN A O   1 
ATOM   461  C CB  . ASN A 1 55  ? -0.020  4.500   -15.526 1.00 34.31 ? 55  ASN A CB  1 
ATOM   462  C CG  . ASN A 1 55  ? -1.063  4.818   -16.536 1.00 39.40 ? 55  ASN A CG  1 
ATOM   463  O OD1 . ASN A 1 55  ? -2.230  5.031   -16.172 1.00 49.42 ? 55  ASN A OD1 1 
ATOM   464  N ND2 . ASN A 1 55  ? -0.673  4.897   -17.810 1.00 43.80 ? 55  ASN A ND2 1 
ATOM   465  N N   . ARG A 1 56  ? 1.072   6.107   -12.326 1.00 30.01 ? 56  ARG A N   1 
ATOM   466  C CA  . ARG A 1 56  ? 1.791   5.927   -11.056 1.00 27.80 ? 56  ARG A CA  1 
ATOM   467  C C   . ARG A 1 56  ? 1.092   4.889   -10.168 1.00 26.88 ? 56  ARG A C   1 
ATOM   468  O O   . ARG A 1 56  ? -0.147  4.732   -10.200 1.00 26.71 ? 56  ARG A O   1 
ATOM   469  C CB  . ARG A 1 56  ? 1.996   7.214   -10.288 1.00 28.86 ? 56  ARG A CB  1 
ATOM   470  C CG  . ARG A 1 56  ? 0.769   8.114   -10.115 1.00 27.83 ? 56  ARG A CG  1 
ATOM   471  C CD  . ARG A 1 56  ? 1.011   9.113   -9.004  1.00 27.55 ? 56  ARG A CD  1 
ATOM   472  N NE  . ARG A 1 56  ? 2.144   10.031  -9.258  1.00 28.90 ? 56  ARG A NE  1 
ATOM   473  C CZ  . ARG A 1 56  ? 2.062   11.214  -9.883  1.00 30.02 ? 56  ARG A CZ  1 
ATOM   474  N NH1 . ARG A 1 56  ? 0.952   11.608  -10.486 1.00 30.37 ? 56  ARG A NH1 1 
ATOM   475  N NH2 . ARG A 1 56  ? 3.142   11.971  -10.007 1.00 27.26 ? 56  ARG A NH2 1 
ATOM   476  N N   . ILE A 1 57  ? 1.932   4.129   -9.482  1.00 25.19 ? 57  ILE A N   1 
ATOM   477  C CA  . ILE A 1 57  ? 1.483   3.045   -8.557  1.00 25.09 ? 57  ILE A CA  1 
ATOM   478  C C   . ILE A 1 57  ? 1.057   3.739   -7.228  1.00 25.59 ? 57  ILE A C   1 
ATOM   479  O O   . ILE A 1 57  ? 1.895   4.170   -6.414  1.00 25.33 ? 57  ILE A O   1 
ATOM   480  C CB  . ILE A 1 57  ? 2.609   2.029   -8.188  1.00 24.00 ? 57  ILE A CB  1 
ATOM   481  C CG1 . ILE A 1 57  ? 3.156   1.315   -9.439  1.00 23.54 ? 57  ILE A CG1 1 
ATOM   482  C CG2 . ILE A 1 57  ? 2.023   1.023   -7.247  1.00 24.08 ? 57  ILE A CG2 1 
ATOM   483  C CD1 . ILE A 1 57  ? 4.333   0.366   -9.183  1.00 25.19 ? 57  ILE A CD1 1 
ATOM   484  N N   . VAL A 1 58  ? -0.246  3.817   -7.033  1.00 24.40 ? 58  VAL A N   1 
ATOM   485  C CA  . VAL A 1 58  ? -0.836  4.512   -5.894  1.00 23.90 ? 58  VAL A CA  1 
ATOM   486  C C   . VAL A 1 58  ? -1.643  3.524   -5.095  1.00 23.97 ? 58  VAL A C   1 
ATOM   487  O O   . VAL A 1 58  ? -2.372  2.740   -5.674  1.00 25.79 ? 58  VAL A O   1 
ATOM   488  C CB  . VAL A 1 58  ? -1.731  5.705   -6.296  1.00 24.80 ? 58  VAL A CB  1 
ATOM   489  C CG1 . VAL A 1 58  ? -2.346  6.412   -5.069  1.00 22.79 ? 58  VAL A CG1 1 
ATOM   490  C CG2 . VAL A 1 58  ? -0.884  6.730   -7.126  1.00 25.16 ? 58  VAL A CG2 1 
ATOM   491  N N   . MET A 1 59  ? -1.544  3.633   -3.775  1.00 22.56 ? 59  MET A N   1 
ATOM   492  C CA  . MET A 1 59  ? -2.198  2.694   -2.846  1.00 21.76 ? 59  MET A CA  1 
ATOM   493  C C   . MET A 1 59  ? -3.032  3.575   -1.883  1.00 23.13 ? 59  MET A C   1 
ATOM   494  O O   . MET A 1 59  ? -2.587  4.699   -1.516  1.00 24.29 ? 59  MET A O   1 
ATOM   495  C CB  . MET A 1 59  ? -1.156  1.922   -2.048  1.00 21.35 ? 59  MET A CB  1 
ATOM   496  C CG  . MET A 1 59  ? -0.470  0.842   -2.846  1.00 20.41 ? 59  MET A CG  1 
ATOM   497  S SD  . MET A 1 59  ? 1.308   0.492   -2.341  1.00 17.15 ? 59  MET A SD  1 
ATOM   498  C CE  . MET A 1 59  ? 2.007   1.967   -2.981  1.00 18.96 ? 59  MET A CE  1 
ATOM   499  N N   . MET A 1 60  ? -4.233  3.127   -1.514  1.00 23.46 ? 60  MET A N   1 
ATOM   500  C CA  . MET A 1 60  ? -5.081  3.863   -0.585  1.00 24.52 ? 60  MET A CA  1 
ATOM   501  C C   . MET A 1 60  ? -5.016  3.181   0.775   1.00 24.28 ? 60  MET A C   1 
ATOM   502  O O   . MET A 1 60  ? -4.898  1.908   0.821   1.00 24.29 ? 60  MET A O   1 
ATOM   503  C CB  . MET A 1 60  ? -6.520  3.826   -1.149  1.00 24.78 ? 60  MET A CB  1 
ATOM   504  C CG  . MET A 1 60  ? -7.551  4.451   -0.325  1.00 26.51 ? 60  MET A CG  1 
ATOM   505  S SD  . MET A 1 60  ? -9.172  4.691   -1.286  1.00 29.70 ? 60  MET A SD  1 
ATOM   506  C CE  . MET A 1 60  ? -8.826  3.880   -2.688  1.00 15.32 ? 60  MET A CE  1 
ATOM   507  N N   . SER A 1 61  ? -5.076  3.993   1.855   1.00 24.88 ? 61  SER A N   1 
ATOM   508  C CA  . SER A 1 61  ? -5.308  3.516   3.228   1.00 24.94 ? 61  SER A CA  1 
ATOM   509  C C   . SER A 1 61  ? -6.654  2.791   3.394   1.00 24.57 ? 61  SER A C   1 
ATOM   510  O O   . SER A 1 61  ? -7.659  3.142   2.727   1.00 22.71 ? 61  SER A O   1 
ATOM   511  C CB  . SER A 1 61  ? -5.252  4.710   4.181   1.00 25.88 ? 61  SER A CB  1 
ATOM   512  O OG  . SER A 1 61  ? -5.405  4.273   5.492   1.00 33.30 ? 61  SER A OG  1 
ATOM   513  N N   . THR A 1 62  ? -6.674  1.717   4.200   1.00 23.35 ? 62  THR A N   1 
ATOM   514  C CA  . THR A 1 62  ? -7.894  1.066   4.591   1.00 23.24 ? 62  THR A CA  1 
ATOM   515  C C   . THR A 1 62  ? -8.706  1.842   5.649   1.00 23.78 ? 62  THR A C   1 
ATOM   516  O O   . THR A 1 62  ? -9.853  1.505   5.886   1.00 25.13 ? 62  THR A O   1 
ATOM   517  C CB  . THR A 1 62  ? -7.606  -0.284  5.239   1.00 22.70 ? 62  THR A CB  1 
ATOM   518  O OG1 . THR A 1 62  ? -6.922  -0.084  6.495   1.00 21.57 ? 62  THR A OG1 1 
ATOM   519  C CG2 . THR A 1 62  ? -6.741  -1.230  4.297   1.00 22.99 ? 62  THR A CG2 1 
ATOM   520  N N   . GLY A 1 63  ? -8.109  2.854   6.267   1.00 23.92 ? 63  GLY A N   1 
ATOM   521  C CA  . GLY A 1 63  ? -8.698  3.531   7.392   1.00 23.74 ? 63  GLY A CA  1 
ATOM   522  C C   . GLY A 1 63  ? -8.607  2.750   8.701   1.00 25.36 ? 63  GLY A C   1 
ATOM   523  O O   . GLY A 1 63  ? -9.246  3.151   9.686   1.00 25.77 ? 63  GLY A O   1 
ATOM   524  N N   . LEU A 1 64  ? -7.803  1.661   8.730   1.00 24.26 ? 64  LEU A N   1 
ATOM   525  C CA  . LEU A 1 64  ? -7.730  0.772   9.844   1.00 23.92 ? 64  LEU A CA  1 
ATOM   526  C C   . LEU A 1 64  ? -6.305  0.779   10.372  1.00 22.67 ? 64  LEU A C   1 
ATOM   527  O O   . LEU A 1 64  ? -5.378  0.976   9.592   1.00 23.16 ? 64  LEU A O   1 
ATOM   528  C CB  . LEU A 1 64  ? -8.171  -0.663  9.482   1.00 22.67 ? 64  LEU A CB  1 
ATOM   529  C CG  . LEU A 1 64  ? -9.637  -0.795  8.983   1.00 23.68 ? 64  LEU A CG  1 
ATOM   530  C CD1 . LEU A 1 64  ? -9.907  -2.215  8.722   1.00 28.49 ? 64  LEU A CD1 1 
ATOM   531  C CD2 . LEU A 1 64  ? -10.552 -0.312  10.065  1.00 26.47 ? 64  LEU A CD2 1 
ATOM   532  N N   . LYS A 1 65  ? -6.210  0.634   11.701  1.00 22.61 ? 65  LYS A N   1 
ATOM   533  C CA  . LYS A 1 65  ? -4.894  0.535   12.369  1.00 23.92 ? 65  LYS A CA  1 
ATOM   534  C C   . LYS A 1 65  ? -4.510  -0.886  12.693  1.00 23.33 ? 65  LYS A C   1 
ATOM   535  O O   . LYS A 1 65  ? -5.386  -1.732  13.051  1.00 22.23 ? 65  LYS A O   1 
ATOM   536  C CB  . LYS A 1 65  ? -4.944  1.369   13.662  1.00 26.01 ? 65  LYS A CB  1 
ATOM   537  C CG  . LYS A 1 65  ? -5.271  2.875   13.583  1.00 29.16 ? 65  LYS A CG  1 
ATOM   538  C CD  . LYS A 1 65  ? -4.397  3.687   12.716  1.00 30.86 ? 65  LYS A CD  1 
ATOM   539  C CE  . LYS A 1 65  ? -4.723  5.154   12.816  1.00 32.65 ? 65  LYS A CE  1 
ATOM   540  N NZ  . LYS A 1 65  ? -3.956  5.921   11.770  1.00 33.39 ? 65  LYS A NZ  1 
ATOM   541  N N   . ASP A 1 66  ? -3.209  -1.201  12.617  1.00 23.91 ? 66  ASP A N   1 
ATOM   542  C CA  . ASP A 1 66  ? -2.741  -2.522  13.107  1.00 25.40 ? 66  ASP A CA  1 
ATOM   543  C C   . ASP A 1 66  ? -2.423  -2.503  14.629  1.00 25.71 ? 66  ASP A C   1 
ATOM   544  O O   . ASP A 1 66  ? -2.693  -1.530  15.322  1.00 24.53 ? 66  ASP A O   1 
ATOM   545  C CB  . ASP A 1 66  ? -1.536  -2.991  12.244  1.00 26.19 ? 66  ASP A CB  1 
ATOM   546  C CG  . ASP A 1 66  ? -0.179  -2.355  12.647  1.00 24.64 ? 66  ASP A CG  1 
ATOM   547  O OD1 . ASP A 1 66  ? -0.078  -1.430  13.530  1.00 28.15 ? 66  ASP A OD1 1 
ATOM   548  O OD2 . ASP A 1 66  ? 0.862   -2.856  12.091  1.00 28.90 ? 66  ASP A OD2 1 
ATOM   549  N N   . LYS A 1 67  ? -1.839  -3.583  15.144  1.00 28.04 ? 67  LYS A N   1 
ATOM   550  C CA  . LYS A 1 67  ? -1.565  -3.689  16.593  1.00 28.14 ? 67  LYS A CA  1 
ATOM   551  C C   . LYS A 1 67  ? -0.515  -2.713  17.104  1.00 27.68 ? 67  LYS A C   1 
ATOM   552  O O   . LYS A 1 67  ? -0.402  -2.500  18.322  1.00 27.14 ? 67  LYS A O   1 
ATOM   553  C CB  . LYS A 1 67  ? -1.148  -5.103  16.940  1.00 28.90 ? 67  LYS A CB  1 
ATOM   554  C CG  . LYS A 1 67  ? 0.231   -5.473  16.451  1.00 31.01 ? 67  LYS A CG  1 
ATOM   555  C CD  . LYS A 1 67  ? 0.635   -6.893  17.001  1.00 32.33 ? 67  LYS A CD  1 
ATOM   556  C CE  . LYS A 1 67  ? 1.994   -6.843  17.650  1.00 36.82 ? 67  LYS A CE  1 
ATOM   557  N NZ  . LYS A 1 67  ? 2.967   -6.009  16.835  1.00 41.28 ? 67  LYS A NZ  1 
ATOM   558  N N   . ASN A 1 68  ? 0.224   -2.115  16.193  1.00 27.68 ? 68  ASN A N   1 
ATOM   559  C CA  . ASN A 1 68  ? 1.233   -1.137  16.508  1.00 27.58 ? 68  ASN A CA  1 
ATOM   560  C C   . ASN A 1 68  ? 0.773   0.245   16.105  1.00 27.56 ? 68  ASN A C   1 
ATOM   561  O O   . ASN A 1 68  ? 1.581   1.134   16.031  1.00 25.25 ? 68  ASN A O   1 
ATOM   562  C CB  . ASN A 1 68  ? 2.532   -1.513  15.800  1.00 28.13 ? 68  ASN A CB  1 
ATOM   563  C CG  . ASN A 1 68  ? 3.091   -2.855  16.274  1.00 29.62 ? 68  ASN A CG  1 
ATOM   564  O OD1 . ASN A 1 68  ? 2.963   -3.199  17.451  1.00 34.31 ? 68  ASN A OD1 1 
ATOM   565  N ND2 . ASN A 1 68  ? 3.645   -3.660  15.331  1.00 29.81 ? 68  ASN A ND2 1 
ATOM   566  N N   . VAL A 1 69  ? -0.538  0.374   15.880  1.00 27.97 ? 69  VAL A N   1 
ATOM   567  C CA  A VAL A 1 69  ? -1.216  1.603   15.468  0.50 27.89 ? 69  VAL A CA  1 
ATOM   568  C CA  B VAL A 1 69  ? -1.196  1.646   15.496  0.50 27.86 ? 69  VAL A CA  1 
ATOM   569  C C   . VAL A 1 69  ? -0.617  2.271   14.221  1.00 28.68 ? 69  VAL A C   1 
ATOM   570  O O   . VAL A 1 69  ? -0.651  3.485   14.056  1.00 28.79 ? 69  VAL A O   1 
ATOM   571  C CB  A VAL A 1 69  ? -1.439  2.518   16.713  0.50 28.75 ? 69  VAL A CB  1 
ATOM   572  C CB  B VAL A 1 69  ? -1.302  2.713   16.700  0.50 28.58 ? 69  VAL A CB  1 
ATOM   573  C CG1 A VAL A 1 69  ? -1.439  3.996   16.371  0.50 27.23 ? 69  VAL A CG1 1 
ATOM   574  C CG1 B VAL A 1 69  ? 0.018   3.389   17.013  0.50 25.89 ? 69  VAL A CG1 1 
ATOM   575  C CG2 A VAL A 1 69  ? -2.729  2.067   17.412  0.50 27.33 ? 69  VAL A CG2 1 
ATOM   576  C CG2 B VAL A 1 69  ? -2.361  3.769   16.408  0.50 28.47 ? 69  VAL A CG2 1 
ATOM   577  N N   . LYS A 1 70  ? -0.150  1.429   13.304  1.00 27.82 ? 70  LYS A N   1 
ATOM   578  C CA  . LYS A 1 70  ? 0.224   1.815   11.989  1.00 28.01 ? 70  LYS A CA  1 
ATOM   579  C C   . LYS A 1 70  ? -1.031  1.705   11.128  1.00 25.61 ? 70  LYS A C   1 
ATOM   580  O O   . LYS A 1 70  ? -1.767  0.749   11.189  1.00 22.95 ? 70  LYS A O   1 
ATOM   581  C CB  . LYS A 1 70  ? 1.290   0.874   11.458  1.00 29.43 ? 70  LYS A CB  1 
ATOM   582  C CG  . LYS A 1 70  ? 2.076   1.370   10.260  1.00 32.46 ? 70  LYS A CG  1 
ATOM   583  C CD  . LYS A 1 70  ? 2.838   0.166   9.599   1.00 33.25 ? 70  LYS A CD  1 
ATOM   584  C CE  . LYS A 1 70  ? 4.253   0.480   9.199   1.00 37.87 ? 70  LYS A CE  1 
ATOM   585  N NZ  . LYS A 1 70  ? 5.241   -0.737  9.292   1.00 38.20 ? 70  LYS A NZ  1 
ATOM   586  N N   . GLU A 1 71  ? -1.227  2.713   10.324  1.00 25.83 ? 71  GLU A N   1 
ATOM   587  C CA  . GLU A 1 71  ? -2.281  2.685   9.318   1.00 25.03 ? 71  GLU A CA  1 
ATOM   588  C C   . GLU A 1 71  ? -1.965  1.536   8.319   1.00 24.06 ? 71  GLU A C   1 
ATOM   589  O O   . GLU A 1 71  ? -0.846  1.370   7.824   1.00 25.10 ? 71  GLU A O   1 
ATOM   590  C CB  . GLU A 1 71  ? -2.291  4.063   8.643   1.00 26.36 ? 71  GLU A CB  1 
ATOM   591  C CG  . GLU A 1 71  ? -3.329  4.277   7.602   1.00 29.01 ? 71  GLU A CG  1 
ATOM   592  C CD  . GLU A 1 71  ? -4.653  4.748   8.149   1.00 35.52 ? 71  GLU A CD  1 
ATOM   593  O OE1 . GLU A 1 71  ? -4.793  5.042   9.352   1.00 38.37 ? 71  GLU A OE1 1 
ATOM   594  O OE2 . GLU A 1 71  ? -5.599  4.825   7.332   1.00 37.76 ? 71  GLU A OE2 1 
ATOM   595  N N   . ILE A 1 72  ? -2.941  0.701   8.058   1.00 24.02 ? 72  ILE A N   1 
ATOM   596  C CA  . ILE A 1 72  ? -2.811  -0.364  7.091   1.00 23.24 ? 72  ILE A CA  1 
ATOM   597  C C   . ILE A 1 72  ? -3.205  0.125   5.711   1.00 23.41 ? 72  ILE A C   1 
ATOM   598  O O   . ILE A 1 72  ? -4.314  0.689   5.526   1.00 21.29 ? 72  ILE A O   1 
ATOM   599  C CB  . ILE A 1 72  ? -3.701  -1.572  7.477   1.00 21.85 ? 72  ILE A CB  1 
ATOM   600  C CG1 . ILE A 1 72  ? -3.398  -2.034  8.897   1.00 23.12 ? 72  ILE A CG1 1 
ATOM   601  C CG2 . ILE A 1 72  ? -3.677  -2.648  6.393   1.00 21.02 ? 72  ILE A CG2 1 
ATOM   602  C CD1 . ILE A 1 72  ? -4.398  -3.076  9.457   1.00 22.14 ? 72  ILE A CD1 1 
ATOM   603  N N   . TYR A 1 73  ? -2.331  -0.106  4.726   1.00 21.83 ? 73  TYR A N   1 
ATOM   604  C CA  . TYR A 1 73  ? -2.562  0.345   3.382   1.00 22.78 ? 73  TYR A CA  1 
ATOM   605  C C   . TYR A 1 73  ? -2.712  -0.849  2.458   1.00 21.10 ? 73  TYR A C   1 
ATOM   606  O O   . TYR A 1 73  ? -2.187  -1.933  2.703   1.00 21.26 ? 73  TYR A O   1 
ATOM   607  C CB  . TYR A 1 73  ? -1.396  1.209   2.854   1.00 24.56 ? 73  TYR A CB  1 
ATOM   608  C CG  . TYR A 1 73  ? -1.319  2.642   3.343   1.00 25.44 ? 73  TYR A CG  1 
ATOM   609  C CD1 . TYR A 1 73  ? -1.643  3.709   2.510   1.00 27.70 ? 73  TYR A CD1 1 
ATOM   610  C CD2 . TYR A 1 73  ? -0.869  2.940   4.643   1.00 24.19 ? 73  TYR A CD2 1 
ATOM   611  C CE1 . TYR A 1 73  ? -1.591  5.004   2.970   1.00 25.10 ? 73  TYR A CE1 1 
ATOM   612  C CE2 . TYR A 1 73  ? -0.812  4.236   5.117   1.00 28.42 ? 73  TYR A CE2 1 
ATOM   613  C CZ  . TYR A 1 73  ? -1.143  5.281   4.267   1.00 27.18 ? 73  TYR A CZ  1 
ATOM   614  O OH  . TYR A 1 73  ? -1.002  6.573   4.744   1.00 28.17 ? 73  TYR A OH  1 
ATOM   615  N N   . GLU A 1 74  ? -3.419  -0.622  1.369   1.00 20.58 ? 74  GLU A N   1 
ATOM   616  C CA  . GLU A 1 74  ? -3.323  -1.409  0.194   1.00 20.76 ? 74  GLU A CA  1 
ATOM   617  C C   . GLU A 1 74  ? -1.826  -1.798  -0.150  1.00 20.68 ? 74  GLU A C   1 
ATOM   618  O O   . GLU A 1 74  ? -0.975  -0.937  -0.199  1.00 19.36 ? 74  GLU A O   1 
ATOM   619  C CB  . GLU A 1 74  ? -3.982  -0.677  -0.950  1.00 22.21 ? 74  GLU A CB  1 
ATOM   620  C CG  . GLU A 1 74  ? -3.991  -1.356  -2.261  1.00 21.60 ? 74  GLU A CG  1 
ATOM   621  C CD  . GLU A 1 74  ? -4.662  -0.535  -3.390  1.00 23.97 ? 74  GLU A CD  1 
ATOM   622  O OE1 . GLU A 1 74  ? -4.957  0.686   -3.221  1.00 28.87 ? 74  GLU A OE1 1 
ATOM   623  O OE2 . GLU A 1 74  ? -4.836  -1.151  -4.445  1.00 28.05 ? 74  GLU A OE2 1 
ATOM   624  N N   . SER A 1 75  ? -1.637  -3.106  -0.292  1.00 20.71 ? 75  SER A N   1 
ATOM   625  C CA  . SER A 1 75  ? -0.429  -3.810  -0.675  1.00 20.91 ? 75  SER A CA  1 
ATOM   626  C C   . SER A 1 75  ? 0.550   -3.983  0.429   1.00 21.56 ? 75  SER A C   1 
ATOM   627  O O   . SER A 1 75  ? 1.687   -4.457  0.206   1.00 21.88 ? 75  SER A O   1 
ATOM   628  C CB  . SER A 1 75  ? 0.241   -3.147  -1.862  1.00 21.52 ? 75  SER A CB  1 
ATOM   629  O OG  . SER A 1 75  ? -0.671  -2.997  -2.984  1.00 22.96 ? 75  SER A OG  1 
ATOM   630  N N   . ASP A 1 76  ? 0.103   -3.683  1.646   1.00 22.49 ? 76  ASP A N   1 
ATOM   631  C CA  . ASP A 1 76  ? 0.817   -4.124  2.816   1.00 22.66 ? 76  ASP A CA  1 
ATOM   632  C C   . ASP A 1 76  ? 0.765   -5.639  2.965   1.00 22.54 ? 76  ASP A C   1 
ATOM   633  O O   . ASP A 1 76  ? -0.198  -6.321  2.603   1.00 24.53 ? 76  ASP A O   1 
ATOM   634  C CB  . ASP A 1 76  ? 0.252   -3.464  4.107   1.00 21.66 ? 76  ASP A CB  1 
ATOM   635  C CG  . ASP A 1 76  ? 0.789   -2.034  4.381   1.00 24.87 ? 76  ASP A CG  1 
ATOM   636  O OD1 . ASP A 1 76  ? 1.880   -1.708  3.899   1.00 26.12 ? 76  ASP A OD1 1 
ATOM   637  O OD2 . ASP A 1 76  ? 0.151   -1.274  5.195   1.00 24.70 ? 76  ASP A OD2 1 
ATOM   638  N N   . ILE A 1 77  ? 1.846   -6.179  3.486   1.00 22.22 ? 77  ILE A N   1 
ATOM   639  C CA  . ILE A 1 77  ? 1.874   -7.539  4.019   1.00 22.25 ? 77  ILE A CA  1 
ATOM   640  C C   . ILE A 1 77  ? 1.680   -7.514  5.550   1.00 22.42 ? 77  ILE A C   1 
ATOM   641  O O   . ILE A 1 77  ? 2.364   -6.770  6.279   1.00 22.57 ? 77  ILE A O   1 
ATOM   642  C CB  . ILE A 1 77  ? 3.222   -8.216  3.586   1.00 22.50 ? 77  ILE A CB  1 
ATOM   643  C CG1 . ILE A 1 77  ? 3.333   -8.172  2.062   1.00 24.20 ? 77  ILE A CG1 1 
ATOM   644  C CG2 . ILE A 1 77  ? 3.288   -9.656  4.138   1.00 23.83 ? 77  ILE A CG2 1 
ATOM   645  C CD1 . ILE A 1 77  ? 4.783   -8.294  1.528   1.00 23.25 ? 77  ILE A CD1 1 
ATOM   646  N N   . VAL A 1 78  ? 0.727   -8.322  6.035   1.00 21.77 ? 78  VAL A N   1 
ATOM   647  C CA  . VAL A 1 78  ? 0.260   -8.302  7.382   1.00 23.45 ? 78  VAL A CA  1 
ATOM   648  C C   . VAL A 1 78  ? 0.276   -9.724  7.842   1.00 23.91 ? 78  VAL A C   1 
ATOM   649  O O   . VAL A 1 78  ? 0.034   -10.625 7.029   1.00 23.96 ? 78  VAL A O   1 
ATOM   650  C CB  . VAL A 1 78  ? -1.198  -7.832  7.547   1.00 20.90 ? 78  VAL A CB  1 
ATOM   651  C CG1 . VAL A 1 78  ? -1.295  -6.348  7.317   1.00 22.93 ? 78  VAL A CG1 1 
ATOM   652  C CG2 . VAL A 1 78  ? -2.177  -8.531  6.606   1.00 22.82 ? 78  VAL A CG2 1 
ATOM   653  N N   . ARG A 1 79  ? 0.485   -9.875  9.135   1.00 25.56 ? 79  ARG A N   1 
ATOM   654  C CA  . ARG A 1 79  ? 0.470   -11.152 9.803   1.00 28.60 ? 79  ARG A CA  1 
ATOM   655  C C   . ARG A 1 79  ? -0.631  -11.058 10.809  1.00 29.13 ? 79  ARG A C   1 
ATOM   656  O O   . ARG A 1 79  ? -0.753  -10.038 11.507  1.00 27.95 ? 79  ARG A O   1 
ATOM   657  C CB  . ARG A 1 79  ? 1.802   -11.322 10.527  1.00 29.17 ? 79  ARG A CB  1 
ATOM   658  C CG  . ARG A 1 79  ? 1.819   -12.414 11.505  1.00 32.25 ? 79  ARG A CG  1 
ATOM   659  C CD  . ARG A 1 79  ? 3.261   -12.603 11.929  1.00 33.53 ? 79  ARG A CD  1 
ATOM   660  N NE  . ARG A 1 79  ? 3.636   -11.674 12.977  1.00 37.14 ? 79  ARG A NE  1 
ATOM   661  C CZ  . ARG A 1 79  ? 4.860   -11.668 13.515  1.00 41.13 ? 79  ARG A CZ  1 
ATOM   662  N NH1 . ARG A 1 79  ? 5.772   -12.495 13.050  1.00 42.57 ? 79  ARG A NH1 1 
ATOM   663  N NH2 . ARG A 1 79  ? 5.178   -10.854 14.513  1.00 41.78 ? 79  ARG A NH2 1 
ATOM   664  N N   . ASN A 1 80  ? -1.381  -12.132 10.945  1.00 29.62 ? 80  ASN A N   1 
ATOM   665  C CA  . ASN A 1 80  ? -2.427  -12.216 11.962  1.00 31.50 ? 80  ASN A CA  1 
ATOM   666  C C   . ASN A 1 80  ? -1.922  -12.876 13.263  1.00 31.48 ? 80  ASN A C   1 
ATOM   667  O O   . ASN A 1 80  ? -0.738  -13.200 13.382  1.00 27.60 ? 80  ASN A O   1 
ATOM   668  C CB  . ASN A 1 80  ? -3.696  -12.883 11.413  1.00 31.44 ? 80  ASN A CB  1 
ATOM   669  C CG  . ASN A 1 80  ? -3.603  -14.406 11.308  1.00 31.78 ? 80  ASN A CG  1 
ATOM   670  O OD1 . ASN A 1 80  ? -2.593  -15.063 11.641  1.00 31.55 ? 80  ASN A OD1 1 
ATOM   671  N ND2 . ASN A 1 80  ? -4.645  -14.956 10.798  1.00 35.10 ? 80  ASN A ND2 1 
ATOM   672  N N   . LEU A 1 81  ? -2.795  -12.996 14.268  1.00 33.98 ? 81  LEU A N   1 
ATOM   673  C CA  . LEU A 1 81  ? -2.342  -13.543 15.588  1.00 36.04 ? 81  LEU A CA  1 
ATOM   674  C C   . LEU A 1 81  ? -1.974  -14.993 15.563  1.00 37.43 ? 81  LEU A C   1 
ATOM   675  O O   . LEU A 1 81  ? -1.347  -15.523 16.501  1.00 38.18 ? 81  LEU A O   1 
ATOM   676  C CB  . LEU A 1 81  ? -3.408  -13.334 16.673  1.00 37.66 ? 81  LEU A CB  1 
ATOM   677  C CG  . LEU A 1 81  ? -3.692  -11.940 17.198  1.00 39.96 ? 81  LEU A CG  1 
ATOM   678  C CD1 . LEU A 1 81  ? -4.805  -12.006 18.240  1.00 41.02 ? 81  LEU A CD1 1 
ATOM   679  C CD2 . LEU A 1 81  ? -2.437  -11.398 17.801  1.00 43.57 ? 81  LEU A CD2 1 
ATOM   680  N N   . TYR A 1 82  ? -2.389  -15.656 14.497  1.00 38.16 ? 82  TYR A N   1 
ATOM   681  C CA  . TYR A 1 82  ? -2.148  -17.060 14.360  1.00 38.82 ? 82  TYR A CA  1 
ATOM   682  C C   . TYR A 1 82  ? -0.914  -17.314 13.526  1.00 39.14 ? 82  TYR A C   1 
ATOM   683  O O   . TYR A 1 82  ? -0.614  -18.444 13.232  1.00 41.20 ? 82  TYR A O   1 
ATOM   684  C CB  . TYR A 1 82  ? -3.347  -17.696 13.700  1.00 39.67 ? 82  TYR A CB  1 
ATOM   685  C CG  . TYR A 1 82  ? -4.649  -17.207 14.266  1.00 40.34 ? 82  TYR A CG  1 
ATOM   686  C CD1 . TYR A 1 82  ? -4.880  -17.226 15.645  1.00 40.95 ? 82  TYR A CD1 1 
ATOM   687  C CD2 . TYR A 1 82  ? -5.656  -16.768 13.443  1.00 41.41 ? 82  TYR A CD2 1 
ATOM   688  C CE1 . TYR A 1 82  ? -6.069  -16.808 16.165  1.00 38.20 ? 82  TYR A CE1 1 
ATOM   689  C CE2 . TYR A 1 82  ? -6.832  -16.331 13.954  1.00 42.59 ? 82  TYR A CE2 1 
ATOM   690  C CZ  . TYR A 1 82  ? -7.049  -16.363 15.331  1.00 43.52 ? 82  TYR A CZ  1 
ATOM   691  O OH  . TYR A 1 82  ? -8.272  -15.968 15.872  1.00 42.77 ? 82  TYR A OH  1 
ATOM   692  N N   . GLY A 1 83  ? -0.206  -16.270 13.122  1.00 38.54 ? 83  GLY A N   1 
ATOM   693  C CA  . GLY A 1 83  ? 0.987   -16.441 12.319  1.00 37.71 ? 83  GLY A CA  1 
ATOM   694  C C   . GLY A 1 83  ? 0.790   -16.509 10.812  1.00 37.53 ? 83  GLY A C   1 
ATOM   695  O O   . GLY A 1 83  ? 1.778   -16.702 10.071  1.00 38.31 ? 83  GLY A O   1 
ATOM   696  N N   . GLU A 1 84  ? -0.445  -16.323 10.349  1.00 36.08 ? 84  GLU A N   1 
ATOM   697  C CA  . GLU A 1 84  ? -0.757  -16.411 8.898   1.00 34.96 ? 84  GLU A CA  1 
ATOM   698  C C   . GLU A 1 84  ? -0.464  -15.070 8.186   1.00 32.42 ? 84  GLU A C   1 
ATOM   699  O O   . GLU A 1 84  ? -0.777  -14.041 8.748   1.00 30.59 ? 84  GLU A O   1 
ATOM   700  C CB  . GLU A 1 84  ? -2.217  -16.789 8.720   1.00 35.22 ? 84  GLU A CB  1 
ATOM   701  C CG  . GLU A 1 84  ? -2.633  -18.078 9.495   1.00 39.91 ? 84  GLU A CG  1 
ATOM   702  C CD  . GLU A 1 84  ? -4.136  -18.214 9.756   1.00 39.64 ? 84  GLU A CD  1 
ATOM   703  O OE1 . GLU A 1 84  ? -4.536  -19.263 10.331  1.00 49.97 ? 84  GLU A OE1 1 
ATOM   704  O OE2 . GLU A 1 84  ? -4.929  -17.297 9.422   1.00 47.61 ? 84  GLU A OE2 1 
ATOM   705  N N   . LEU A 1 85  ? 0.127   -15.093 6.987   1.00 29.99 ? 85  LEU A N   1 
ATOM   706  C CA  . LEU A 1 85  ? 0.438   -13.841 6.256   1.00 28.10 ? 85  LEU A CA  1 
ATOM   707  C C   . LEU A 1 85  ? -0.558  -13.614 5.121   1.00 26.49 ? 85  LEU A C   1 
ATOM   708  O O   . LEU A 1 85  ? -0.915  -14.557 4.430   1.00 23.38 ? 85  LEU A O   1 
ATOM   709  C CB  . LEU A 1 85  ? 1.849   -13.831 5.686   1.00 29.14 ? 85  LEU A CB  1 
ATOM   710  C CG  . LEU A 1 85  ? 3.054   -13.426 6.547   1.00 31.76 ? 85  LEU A CG  1 
ATOM   711  C CD1 . LEU A 1 85  ? 2.987   -14.105 7.865   1.00 32.97 ? 85  LEU A CD1 1 
ATOM   712  C CD2 . LEU A 1 85  ? 4.323   -13.801 5.765   1.00 30.21 ? 85  LEU A CD2 1 
ATOM   713  N N   . TYR A 1 86  ? -0.883  -12.334 4.836   1.00 24.18 ? 86  TYR A N   1 
ATOM   714  C CA  . TYR A 1 86  ? -1.796  -11.993 3.765   1.00 22.90 ? 86  TYR A CA  1 
ATOM   715  C C   . TYR A 1 86  ? -1.296  -10.734 3.133   1.00 23.14 ? 86  TYR A C   1 
ATOM   716  O O   . TYR A 1 86  ? -0.552  -10.022 3.782   1.00 23.06 ? 86  TYR A O   1 
ATOM   717  C CB  . TYR A 1 86  ? -3.204  -11.730 4.249   1.00 24.88 ? 86  TYR A CB  1 
ATOM   718  C CG  . TYR A 1 86  ? -3.820  -12.855 5.022   1.00 25.58 ? 86  TYR A CG  1 
ATOM   719  C CD1 . TYR A 1 86  ? -4.549  -13.869 4.406   1.00 29.04 ? 86  TYR A CD1 1 
ATOM   720  C CD2 . TYR A 1 86  ? -3.657  -12.913 6.393   1.00 25.93 ? 86  TYR A CD2 1 
ATOM   721  C CE1 . TYR A 1 86  ? -5.104  -14.877 5.148   1.00 26.57 ? 86  TYR A CE1 1 
ATOM   722  C CE2 . TYR A 1 86  ? -4.176  -13.933 7.132   1.00 28.08 ? 86  TYR A CE2 1 
ATOM   723  C CZ  . TYR A 1 86  ? -4.903  -14.900 6.521   1.00 30.85 ? 86  TYR A CZ  1 
ATOM   724  O OH  . TYR A 1 86  ? -5.385  -15.917 7.306   1.00 34.50 ? 86  TYR A OH  1 
ATOM   725  N N   . VAL A 1 87  ? -1.722  -10.472 1.904   1.00 21.36 ? 87  VAL A N   1 
ATOM   726  C CA  . VAL A 1 87  ? -1.441  -9.184  1.265   1.00 19.78 ? 87  VAL A CA  1 
ATOM   727  C C   . VAL A 1 87  ? -2.805  -8.434  1.287   1.00 21.43 ? 87  VAL A C   1 
ATOM   728  O O   . VAL A 1 87  ? -3.813  -9.050  1.001   1.00 22.34 ? 87  VAL A O   1 
ATOM   729  C CB  . VAL A 1 87  ? -0.990  -9.327  -0.130  1.00 19.61 ? 87  VAL A CB  1 
ATOM   730  C CG1 . VAL A 1 87  ? -0.846  -7.829  -0.814  1.00 18.42 ? 87  VAL A CG1 1 
ATOM   731  C CG2 . VAL A 1 87  ? 0.437   -10.023 -0.130  1.00 21.72 ? 87  VAL A CG2 1 
ATOM   732  N N   . VAL A 1 88  ? -2.771  -7.151  1.597   1.00 19.38 ? 88  VAL A N   1 
ATOM   733  C CA  . VAL A 1 88  ? -3.994  -6.343  1.629   1.00 20.66 ? 88  VAL A CA  1 
ATOM   734  C C   . VAL A 1 88  ? -4.292  -5.928  0.187   1.00 21.65 ? 88  VAL A C   1 
ATOM   735  O O   . VAL A 1 88  ? -3.462  -5.258  -0.474  1.00 20.68 ? 88  VAL A O   1 
ATOM   736  C CB  . VAL A 1 88  ? -3.860  -5.122  2.525   1.00 20.71 ? 88  VAL A CB  1 
ATOM   737  C CG1 . VAL A 1 88  ? -5.164  -4.255  2.491   1.00 17.95 ? 88  VAL A CG1 1 
ATOM   738  C CG2 . VAL A 1 88  ? -3.499  -5.494  3.990   1.00 22.46 ? 88  VAL A CG2 1 
ATOM   739  N N   . GLU A 1 89  ? -5.467  -6.258  -0.304  1.00 20.98 ? 89  GLU A N   1 
ATOM   740  C CA  . GLU A 1 89  ? -5.823  -5.964  -1.672  1.00 22.59 ? 89  GLU A CA  1 
ATOM   741  C C   . GLU A 1 89  ? -7.195  -5.226  -1.746  1.00 23.13 ? 89  GLU A C   1 
ATOM   742  O O   . GLU A 1 89  ? -8.041  -5.439  -0.906  1.00 23.28 ? 89  GLU A O   1 
ATOM   743  C CB  . GLU A 1 89  ? -5.901  -7.224  -2.485  1.00 23.10 ? 89  GLU A CB  1 
ATOM   744  C CG  . GLU A 1 89  ? -4.543  -7.947  -2.631  1.00 26.83 ? 89  GLU A CG  1 
ATOM   745  C CD  . GLU A 1 89  ? -4.529  -8.814  -3.916  1.00 28.74 ? 89  GLU A CD  1 
ATOM   746  O OE1 . GLU A 1 89  ? -3.704  -8.513  -4.795  1.00 33.90 ? 89  GLU A OE1 1 
ATOM   747  O OE2 . GLU A 1 89  ? -5.352  -9.766  -4.050  1.00 33.44 ? 89  GLU A OE2 1 
ATOM   748  N N   . TRP A 1 90  ? -7.317  -4.343  -2.720  1.00 22.82 ? 90  TRP A N   1 
ATOM   749  C CA  . TRP A 1 90  ? -8.638  -3.715  -3.073  1.00 22.06 ? 90  TRP A CA  1 
ATOM   750  C C   . TRP A 1 90  ? -9.285  -4.612  -4.128  1.00 23.80 ? 90  TRP A C   1 
ATOM   751  O O   . TRP A 1 90  ? -8.663  -4.924  -5.169  1.00 23.64 ? 90  TRP A O   1 
ATOM   752  C CB  . TRP A 1 90  ? -8.398  -2.322  -3.665  1.00 21.67 ? 90  TRP A CB  1 
ATOM   753  C CG  . TRP A 1 90  ? -9.760  -1.791  -4.114  1.00 22.09 ? 90  TRP A CG  1 
ATOM   754  C CD1 . TRP A 1 90  ? -10.256 -1.759  -5.376  1.00 25.21 ? 90  TRP A CD1 1 
ATOM   755  C CD2 . TRP A 1 90  ? -10.790 -1.340  -3.248  1.00 23.10 ? 90  TRP A CD2 1 
ATOM   756  N NE1 . TRP A 1 90  ? -11.571 -1.225  -5.347  1.00 22.75 ? 90  TRP A NE1 1 
ATOM   757  C CE2 . TRP A 1 90  ? -11.896 -0.965  -4.049  1.00 22.16 ? 90  TRP A CE2 1 
ATOM   758  C CE3 . TRP A 1 90  ? -10.883 -1.178  -1.867  1.00 18.22 ? 90  TRP A CE3 1 
ATOM   759  C CZ2 . TRP A 1 90  ? -13.093 -0.521  -3.493  1.00 24.36 ? 90  TRP A CZ2 1 
ATOM   760  C CZ3 . TRP A 1 90  ? -12.108 -0.689  -1.314  1.00 21.88 ? 90  TRP A CZ3 1 
ATOM   761  C CH2 . TRP A 1 90  ? -13.161 -0.342  -2.155  1.00 23.89 ? 90  TRP A CH2 1 
ATOM   762  N N   . LEU A 1 91  ? -10.495 -5.108  -3.848  1.00 25.21 ? 91  LEU A N   1 
ATOM   763  C CA  . LEU A 1 91  ? -11.162 -6.101  -4.730  1.00 25.78 ? 91  LEU A CA  1 
ATOM   764  C C   . LEU A 1 91  ? -12.679 -5.924  -4.662  1.00 26.57 ? 91  LEU A C   1 
ATOM   765  O O   . LEU A 1 91  ? -13.298 -6.114  -3.620  1.00 24.56 ? 91  LEU A O   1 
ATOM   766  C CB  . LEU A 1 91  ? -10.800 -7.529  -4.357  1.00 26.71 ? 91  LEU A CB  1 
ATOM   767  C CG  . LEU A 1 91  ? -11.515 -8.680  -5.046  1.00 27.51 ? 91  LEU A CG  1 
ATOM   768  C CD1 . LEU A 1 91  ? -11.298 -8.523  -6.526  1.00 32.12 ? 91  LEU A CD1 1 
ATOM   769  C CD2 . LEU A 1 91  ? -11.160 -10.112 -4.507  1.00 29.46 ? 91  LEU A CD2 1 
ATOM   770  N N   . ASP A 1 92  ? -13.214 -5.439  -5.767  1.00 27.47 ? 92  ASP A N   1 
ATOM   771  C CA  . ASP A 1 92  ? -14.664 -5.335  -5.981  1.00 26.45 ? 92  ASP A CA  1 
ATOM   772  C C   . ASP A 1 92  ? -15.388 -4.679  -4.821  1.00 25.08 ? 92  ASP A C   1 
ATOM   773  O O   . ASP A 1 92  ? -16.272 -5.234  -4.241  1.00 26.00 ? 92  ASP A O   1 
ATOM   774  C CB  . ASP A 1 92  ? -15.197 -6.730  -6.246  1.00 28.21 ? 92  ASP A CB  1 
ATOM   775  C CG  . ASP A 1 92  ? -14.668 -7.306  -7.536  1.00 31.36 ? 92  ASP A CG  1 
ATOM   776  O OD1 . ASP A 1 92  ? -14.324 -6.523  -8.464  1.00 36.21 ? 92  ASP A OD1 1 
ATOM   777  O OD2 . ASP A 1 92  ? -14.604 -8.557  -7.611  1.00 41.60 ? 92  ASP A OD2 1 
ATOM   778  N N   . GLY A 1 93  ? -14.970 -3.486  -4.452  1.00 23.65 ? 93  GLY A N   1 
ATOM   779  C CA  . GLY A 1 93  ? -15.661 -2.703  -3.417  1.00 23.91 ? 93  GLY A CA  1 
ATOM   780  C C   . GLY A 1 93  ? -15.234 -2.883  -1.976  1.00 23.80 ? 93  GLY A C   1 
ATOM   781  O O   . GLY A 1 93  ? -15.799 -2.220  -1.077  1.00 22.41 ? 93  GLY A O   1 
ATOM   782  N N   . SER A 1 94  ? -14.171 -3.680  -1.748  1.00 23.07 ? 94  SER A N   1 
ATOM   783  C CA  . SER A 1 94  ? -13.727 -3.876  -0.391  1.00 23.04 ? 94  SER A CA  1 
ATOM   784  C C   . SER A 1 94  ? -12.276 -4.171  -0.365  1.00 21.56 ? 94  SER A C   1 
ATOM   785  O O   . SER A 1 94  ? -11.758 -4.623  -1.347  1.00 20.21 ? 94  SER A O   1 
ATOM   786  C CB  . SER A 1 94  ? -14.451 -5.134  0.192   1.00 23.77 ? 94  SER A CB  1 
ATOM   787  O OG  . SER A 1 94  ? -14.025 -5.216  1.550   1.00 32.59 ? 94  SER A OG  1 
ATOM   788  N N   . PHE A 1 95  ? -11.652 -3.965  0.782   1.00 21.64 ? 95  PHE A N   1 
ATOM   789  C CA  . PHE A 1 95  ? -10.298 -4.462  1.021   1.00 22.22 ? 95  PHE A CA  1 
ATOM   790  C C   . PHE A 1 95  ? -10.466 -5.873  1.512   1.00 24.03 ? 95  PHE A C   1 
ATOM   791  O O   . PHE A 1 95  ? -11.407 -6.164  2.199   1.00 24.60 ? 95  PHE A O   1 
ATOM   792  C CB  . PHE A 1 95  ? -9.574  -3.639  2.057   1.00 23.08 ? 95  PHE A CB  1 
ATOM   793  C CG  . PHE A 1 95  ? -9.079  -2.304  1.565   1.00 23.99 ? 95  PHE A CG  1 
ATOM   794  C CD1 . PHE A 1 95  ? -7.989  -2.261  0.708   1.00 22.62 ? 95  PHE A CD1 1 
ATOM   795  C CD2 . PHE A 1 95  ? -9.718  -1.121  1.893   1.00 20.08 ? 95  PHE A CD2 1 
ATOM   796  C CE1 . PHE A 1 95  ? -7.495  -1.019  0.252   1.00 23.98 ? 95  PHE A CE1 1 
ATOM   797  C CE2 . PHE A 1 95  ? -9.253  0.148   1.365   1.00 22.61 ? 95  PHE A CE2 1 
ATOM   798  C CZ  . PHE A 1 95  ? -8.132  0.157   0.562   1.00 23.39 ? 95  PHE A CZ  1 
ATOM   799  N N   . VAL A 1 96  ? -9.531  -6.729  1.118   1.00 22.85 ? 96  VAL A N   1 
ATOM   800  C CA  . VAL A 1 96  ? -9.592  -8.132  1.383   1.00 22.47 ? 96  VAL A CA  1 
ATOM   801  C C   . VAL A 1 96  ? -8.143  -8.504  1.704   1.00 22.59 ? 96  VAL A C   1 
ATOM   802  O O   . VAL A 1 96  ? -7.206  -7.713  1.422   1.00 18.77 ? 96  VAL A O   1 
ATOM   803  C CB  . VAL A 1 96  ? -10.096 -8.921  0.184   1.00 21.41 ? 96  VAL A CB  1 
ATOM   804  C CG1 . VAL A 1 96  ? -11.545 -8.469  -0.198  1.00 20.16 ? 96  VAL A CG1 1 
ATOM   805  C CG2 . VAL A 1 96  ? -9.127  -8.859  -1.028  1.00 25.11 ? 96  VAL A CG2 1 
ATOM   806  N N   . LEU A 1 97  ? -8.028  -9.644  2.347   1.00 23.01 ? 97  LEU A N   1 
ATOM   807  C CA  . LEU A 1 97  ? -6.724  -10.234 2.663   1.00 25.01 ? 97  LEU A CA  1 
ATOM   808  C C   . LEU A 1 97  ? -6.545  -11.391 1.731   1.00 25.60 ? 97  LEU A C   1 
ATOM   809  O O   . LEU A 1 97  ? -7.393  -12.297 1.713   1.00 25.07 ? 97  LEU A O   1 
ATOM   810  C CB  . LEU A 1 97  ? -6.683  -10.693 4.088   1.00 26.04 ? 97  LEU A CB  1 
ATOM   811  C CG  . LEU A 1 97  ? -6.983  -9.592  5.097   1.00 29.41 ? 97  LEU A CG  1 
ATOM   812  C CD1 . LEU A 1 97  ? -7.228  -10.159 6.464   1.00 33.10 ? 97  LEU A CD1 1 
ATOM   813  C CD2 . LEU A 1 97  ? -5.915  -8.484  5.083   1.00 29.81 ? 97  LEU A CD2 1 
ATOM   814  N N   . THR A 1 98  ? -5.448  -11.360 0.980   1.00 26.45 ? 98  THR A N   1 
ATOM   815  C CA  . THR A 1 98  ? -5.203  -12.369 -0.028  1.00 28.46 ? 98  THR A CA  1 
ATOM   816  C C   . THR A 1 98  ? -4.103  -13.325 0.439   1.00 29.43 ? 98  THR A C   1 
ATOM   817  O O   . THR A 1 98  ? -3.042  -12.879 0.796   1.00 24.46 ? 98  THR A O   1 
ATOM   818  C CB  . THR A 1 98  ? -4.804  -11.676 -1.339  1.00 28.32 ? 98  THR A CB  1 
ATOM   819  O OG1 . THR A 1 98  ? -5.956  -10.946 -1.813  1.00 30.91 ? 98  THR A OG1 1 
ATOM   820  C CG2 . THR A 1 98  ? -4.352  -12.681 -2.392  1.00 25.09 ? 98  THR A CG2 1 
ATOM   821  N N   . GLU A 1 99  ? -4.419  -14.635 0.495   1.00 32.33 ? 99  GLU A N   1 
ATOM   822  C CA  . GLU A 1 99  ? -3.397  -15.638 0.797   1.00 35.43 ? 99  GLU A CA  1 
ATOM   823  C C   . GLU A 1 99  ? -2.450  -15.761 -0.387  1.00 36.91 ? 99  GLU A C   1 
ATOM   824  O O   . GLU A 1 99  ? -2.862  -15.744 -1.571  1.00 37.98 ? 99  GLU A O   1 
ATOM   825  C CB  . GLU A 1 99  ? -4.012  -16.992 1.077   1.00 35.66 ? 99  GLU A CB  1 
ATOM   826  C CG  . GLU A 1 99  ? -5.237  -16.963 1.943   1.00 38.14 ? 99  GLU A CG  1 
ATOM   827  C CD  . GLU A 1 99  ? -5.456  -18.290 2.679   1.00 41.81 ? 99  GLU A CD  1 
ATOM   828  O OE1 . GLU A 1 99  ? -6.142  -19.172 2.109   1.00 47.91 ? 99  GLU A OE1 1 
ATOM   829  O OE2 . GLU A 1 99  ? -4.909  -18.441 3.811   1.00 50.81 ? 99  GLU A OE2 1 
ATOM   830  N N   . PHE A 1 100 ? -1.168  -15.913 -0.094  1.00 38.37 ? 100 PHE A N   1 
ATOM   831  C CA  . PHE A 1 100 ? -0.208  -16.072 -1.167  1.00 40.82 ? 100 PHE A CA  1 
ATOM   832  C C   . PHE A 1 100 ? 0.739   -17.268 -1.006  1.00 43.69 ? 100 PHE A C   1 
ATOM   833  O O   . PHE A 1 100 ? 1.581   -17.492 -1.867  1.00 44.49 ? 100 PHE A O   1 
ATOM   834  C CB  . PHE A 1 100 ? 0.581   -14.785 -1.306  1.00 38.73 ? 100 PHE A CB  1 
ATOM   835  C CG  . PHE A 1 100 ? 1.329   -14.395 -0.079  1.00 36.17 ? 100 PHE A CG  1 
ATOM   836  C CD1 . PHE A 1 100 ? 0.773   -13.519 0.842   1.00 34.40 ? 100 PHE A CD1 1 
ATOM   837  C CD2 . PHE A 1 100 ? 2.625   -14.889 0.163   1.00 35.02 ? 100 PHE A CD2 1 
ATOM   838  C CE1 . PHE A 1 100 ? 1.481   -13.116 1.964   1.00 35.03 ? 100 PHE A CE1 1 
ATOM   839  C CE2 . PHE A 1 100 ? 3.332   -14.516 1.310   1.00 34.66 ? 100 PHE A CE2 1 
ATOM   840  C CZ  . PHE A 1 100 ? 2.782   -13.617 2.204   1.00 35.53 ? 100 PHE A CZ  1 
ATOM   841  N N   . TYR A 1 101 ? 0.621   -18.023 0.080   1.00 47.34 ? 101 TYR A N   1 
ATOM   842  C CA  . TYR A 1 101 ? 1.543   -19.158 0.302   1.00 50.10 ? 101 TYR A CA  1 
ATOM   843  C C   . TYR A 1 101 ? 1.290   -20.235 -0.742  1.00 52.26 ? 101 TYR A C   1 
ATOM   844  O O   . TYR A 1 101 ? 2.227   -20.807 -1.326  1.00 53.87 ? 101 TYR A O   1 
ATOM   845  C CB  . TYR A 1 101 ? 1.427   -19.708 1.715   1.00 51.84 ? 101 TYR A CB  1 
ATOM   846  C CG  . TYR A 1 101 ? 2.474   -19.109 2.598   1.00 53.71 ? 101 TYR A CG  1 
ATOM   847  C CD1 . TYR A 1 101 ? 2.344   -17.797 3.061   1.00 55.25 ? 101 TYR A CD1 1 
ATOM   848  C CD2 . TYR A 1 101 ? 3.630   -19.827 2.943   1.00 55.83 ? 101 TYR A CD2 1 
ATOM   849  C CE1 . TYR A 1 101 ? 3.314   -17.214 3.856   1.00 54.18 ? 101 TYR A CE1 1 
ATOM   850  C CE2 . TYR A 1 101 ? 4.626   -19.239 3.744   1.00 54.86 ? 101 TYR A CE2 1 
ATOM   851  C CZ  . TYR A 1 101 ? 4.446   -17.920 4.192   1.00 54.93 ? 101 TYR A CZ  1 
ATOM   852  O OH  . TYR A 1 101 ? 5.392   -17.297 4.989   1.00 55.10 ? 101 TYR A OH  1 
ATOM   853  N N   . ASN A 1 102 ? 0.020   -20.509 -0.969  1.00 53.56 ? 102 ASN A N   1 
ATOM   854  C CA  . ASN A 1 102 ? -0.402  -21.153 -2.224  1.00 54.42 ? 102 ASN A CA  1 
ATOM   855  C C   . ASN A 1 102 ? -1.889  -21.215 -2.428  1.00 54.89 ? 102 ASN A C   1 
ATOM   856  O O   . ASN A 1 102 ? -2.347  -21.531 -3.544  1.00 55.73 ? 102 ASN A O   1 
ATOM   857  C CB  . ASN A 1 102 ? 0.223   -22.542 -2.455  1.00 55.60 ? 102 ASN A CB  1 
ATOM   858  C CG  . ASN A 1 102 ? 1.072   -22.575 -3.721  1.00 57.77 ? 102 ASN A CG  1 
ATOM   859  O OD1 . ASN A 1 102 ? 1.456   -23.648 -4.218  1.00 63.02 ? 102 ASN A OD1 1 
ATOM   860  N ND2 . ASN A 1 102 ? 1.334   -21.391 -4.277  1.00 60.65 ? 102 ASN A ND2 1 
ATOM   861  N N   . GLY A 1 103 ? -2.630  -20.949 -1.356  1.00 54.41 ? 103 GLY A N   1 
ATOM   862  C CA  . GLY A 1 103 ? -3.965  -20.391 -1.479  1.00 53.76 ? 103 GLY A CA  1 
ATOM   863  C C   . GLY A 1 103 ? -3.887  -19.141 -2.334  1.00 53.47 ? 103 GLY A C   1 
ATOM   864  O O   . GLY A 1 103 ? -2.797  -18.572 -2.542  1.00 53.54 ? 103 GLY A O   1 
ATOM   865  N N   . GLY A 1 104 ? -5.034  -18.788 -2.900  1.00 52.63 ? 104 GLY A N   1 
ATOM   866  C CA  . GLY A 1 104 ? -5.263  -17.509 -3.570  1.00 52.12 ? 104 GLY A CA  1 
ATOM   867  C C   . GLY A 1 104 ? -6.590  -16.989 -3.050  1.00 51.86 ? 104 GLY A C   1 
ATOM   868  O O   . GLY A 1 104 ? -7.213  -16.113 -3.659  1.00 52.94 ? 104 GLY A O   1 
ATOM   869  N N   . TYR A 1 105 ? -7.009  -17.524 -1.903  1.00 50.46 ? 105 TYR A N   1 
ATOM   870  C CA  . TYR A 1 105 ? -8.261  -17.144 -1.290  1.00 49.24 ? 105 TYR A CA  1 
ATOM   871  C C   . TYR A 1 105 ? -8.205  -15.723 -0.731  1.00 46.76 ? 105 TYR A C   1 
ATOM   872  O O   . TYR A 1 105 ? -7.161  -15.263 -0.256  1.00 43.46 ? 105 TYR A O   1 
ATOM   873  C CB  . TYR A 1 105 ? -8.603  -18.107 -0.165  1.00 51.30 ? 105 TYR A CB  1 
ATOM   874  C CG  . TYR A 1 105 ? -9.013  -19.492 -0.642  1.00 53.86 ? 105 TYR A CG  1 
ATOM   875  C CD1 . TYR A 1 105 ? -8.320  -20.619 -0.226  1.00 55.13 ? 105 TYR A CD1 1 
ATOM   876  C CD2 . TYR A 1 105 ? -10.107 -19.668 -1.497  1.00 55.51 ? 105 TYR A CD2 1 
ATOM   877  C CE1 . TYR A 1 105 ? -8.700  -21.901 -0.632  1.00 55.62 ? 105 TYR A CE1 1 
ATOM   878  C CE2 . TYR A 1 105 ? -10.504 -20.940 -1.915  1.00 56.20 ? 105 TYR A CE2 1 
ATOM   879  C CZ  . TYR A 1 105 ? -9.792  -22.062 -1.474  1.00 56.47 ? 105 TYR A CZ  1 
ATOM   880  O OH  . TYR A 1 105 ? -10.156 -23.339 -1.865  1.00 56.11 ? 105 TYR A OH  1 
ATOM   881  N N   . ASP A 1 106 ? -9.355  -15.061 -0.778  1.00 44.39 ? 106 ASP A N   1 
ATOM   882  C CA  . ASP A 1 106 ? -9.495  -13.705 -0.293  1.00 44.45 ? 106 ASP A CA  1 
ATOM   883  C C   . ASP A 1 106 ? -10.466 -13.743 0.904   1.00 43.36 ? 106 ASP A C   1 
ATOM   884  O O   . ASP A 1 106 ? -11.418 -14.531 0.931   1.00 42.47 ? 106 ASP A O   1 
ATOM   885  C CB  . ASP A 1 106 ? -10.004 -12.761 -1.415  1.00 44.16 ? 106 ASP A CB  1 
ATOM   886  C CG  . ASP A 1 106 ? -9.249  -12.906 -2.753  1.00 45.91 ? 106 ASP A CG  1 
ATOM   887  O OD1 . ASP A 1 106 ? -8.057  -12.511 -2.900  1.00 42.98 ? 106 ASP A OD1 1 
ATOM   888  O OD2 . ASP A 1 106 ? -9.870  -13.371 -3.735  1.00 48.02 ? 106 ASP A OD2 1 
ATOM   889  N N   . HIS A 1 107 ? -10.202 -12.938 1.920   1.00 41.48 ? 107 HIS A N   1 
ATOM   890  C CA  . HIS A 1 107 ? -11.077 -12.819 3.071   1.00 41.77 ? 107 HIS A CA  1 
ATOM   891  C C   . HIS A 1 107 ? -11.323 -11.314 3.285   1.00 41.17 ? 107 HIS A C   1 
ATOM   892  O O   . HIS A 1 107 ? -10.372 -10.564 3.308   1.00 37.63 ? 107 HIS A O   1 
ATOM   893  C CB  . HIS A 1 107 ? -10.428 -13.485 4.276   1.00 41.52 ? 107 HIS A CB  1 
ATOM   894  C CG  . HIS A 1 107 ? -10.027 -14.916 4.034   1.00 42.94 ? 107 HIS A CG  1 
ATOM   895  N ND1 . HIS A 1 107 ? -8.749  -15.286 3.658   1.00 44.43 ? 107 HIS A ND1 1 
ATOM   896  C CD2 . HIS A 1 107 ? -10.753 -16.065 4.077   1.00 45.44 ? 107 HIS A CD2 1 
ATOM   897  C CE1 . HIS A 1 107 ? -8.707  -16.599 3.479   1.00 45.00 ? 107 HIS A CE1 1 
ATOM   898  N NE2 . HIS A 1 107 ? -9.907  -17.100 3.739   1.00 43.90 ? 107 HIS A NE2 1 
ATOM   899  N N   . TYR A 1 108 ? -12.582 -10.852 3.376   1.00 42.23 ? 108 TYR A N   1 
ATOM   900  C CA  A TYR A 1 108 ? -12.827 -9.417  3.640   0.50 42.46 ? 108 TYR A CA  1 
ATOM   901  C CA  B TYR A 1 108 ? -12.866 -9.440  3.669   0.50 42.69 ? 108 TYR A CA  1 
ATOM   902  C C   . TYR A 1 108 ? -12.080 -9.041  4.925   1.00 42.53 ? 108 TYR A C   1 
ATOM   903  O O   . TYR A 1 108 ? -12.109 -9.748  5.925   1.00 41.18 ? 108 TYR A O   1 
ATOM   904  C CB  A TYR A 1 108 ? -14.319 -9.010  3.801   0.50 42.94 ? 108 TYR A CB  1 
ATOM   905  C CB  B TYR A 1 108 ? -14.379 -9.201  3.902   0.50 43.69 ? 108 TYR A CB  1 
ATOM   906  C CG  A TYR A 1 108 ? -15.254 -9.402  2.683   0.50 43.19 ? 108 TYR A CG  1 
ATOM   907  C CG  B TYR A 1 108 ? -14.988 -10.206 4.874   0.50 44.22 ? 108 TYR A CG  1 
ATOM   908  C CD1 A TYR A 1 108 ? -15.075 -8.932  1.395   0.50 43.40 ? 108 TYR A CD1 1 
ATOM   909  C CD1 B TYR A 1 108 ? -14.710 -10.143 6.237   0.50 44.69 ? 108 TYR A CD1 1 
ATOM   910  C CD2 A TYR A 1 108 ? -16.350 -10.242 2.931   0.50 44.99 ? 108 TYR A CD2 1 
ATOM   911  C CD2 B TYR A 1 108 ? -15.821 -11.231 4.420   0.50 45.48 ? 108 TYR A CD2 1 
ATOM   912  C CE1 A TYR A 1 108 ? -15.951 -9.295  0.360   0.50 43.86 ? 108 TYR A CE1 1 
ATOM   913  C CE1 B TYR A 1 108 ? -15.249 -11.075 7.128   0.50 45.94 ? 108 TYR A CE1 1 
ATOM   914  C CE2 A TYR A 1 108 ? -17.233 -10.603 1.909   0.50 44.29 ? 108 TYR A CE2 1 
ATOM   915  C CE2 B TYR A 1 108 ? -16.372 -12.168 5.299   0.50 45.11 ? 108 TYR A CE2 1 
ATOM   916  C CZ  A TYR A 1 108 ? -17.020 -10.137 0.623   0.50 44.21 ? 108 TYR A CZ  1 
ATOM   917  C CZ  B TYR A 1 108 ? -16.078 -12.084 6.657   0.50 45.92 ? 108 TYR A CZ  1 
ATOM   918  O OH  A TYR A 1 108 ? -17.889 -10.507 -0.384  0.50 44.05 ? 108 TYR A OH  1 
ATOM   919  O OH  B TYR A 1 108 ? -16.608 -13.000 7.546   0.50 46.06 ? 108 TYR A OH  1 
ATOM   920  N N   . ILE A 1 109 ? -11.364 -7.922  4.871   1.00 43.18 ? 109 ILE A N   1 
ATOM   921  C CA  . ILE A 1 109 ? -10.584 -7.458  6.008   1.00 43.66 ? 109 ILE A CA  1 
ATOM   922  C C   . ILE A 1 109 ? -11.491 -7.268  7.227   1.00 44.02 ? 109 ILE A C   1 
ATOM   923  O O   . ILE A 1 109 ? -12.616 -6.724  7.118   1.00 43.94 ? 109 ILE A O   1 
ATOM   924  C CB  . ILE A 1 109 ? -9.899  -6.126  5.642   1.00 43.93 ? 109 ILE A CB  1 
ATOM   925  C CG1 . ILE A 1 109 ? -8.864  -5.754  6.685   1.00 45.54 ? 109 ILE A CG1 1 
ATOM   926  C CG2 . ILE A 1 109 ? -10.968 -5.028  5.448   1.00 42.36 ? 109 ILE A CG2 1 
ATOM   927  C CD1 . ILE A 1 109 ? -7.830  -4.750  6.139   1.00 44.33 ? 109 ILE A CD1 1 
ATOM   928  N N   . ILE A 1 110 ? -11.020 -7.689  8.393   1.00 43.70 ? 110 ILE A N   1 
ATOM   929  C CA  . ILE A 1 110 ? -11.886 -7.751  9.551   1.00 44.06 ? 110 ILE A CA  1 
ATOM   930  C C   . ILE A 1 110 ? -11.323 -6.789  10.598  1.00 45.21 ? 110 ILE A C   1 
ATOM   931  O O   . ILE A 1 110 ? -10.255 -7.057  11.137  1.00 45.43 ? 110 ILE A O   1 
ATOM   932  C CB  . ILE A 1 110 ? -11.975 -9.225  10.056  1.00 44.05 ? 110 ILE A CB  1 
ATOM   933  C CG1 . ILE A 1 110 ? -12.839 -9.388  11.322  1.00 43.18 ? 110 ILE A CG1 1 
ATOM   934  C CG2 . ILE A 1 110 ? -10.574 -9.847  10.257  1.00 44.82 ? 110 ILE A CG2 1 
ATOM   935  C CD1 . ILE A 1 110 ? -13.787 -8.249  11.636  1.00 42.28 ? 110 ILE A CD1 1 
ATOM   936  N N   . ASP A 1 111 ? -12.034 -5.670  10.855  1.00 46.17 ? 111 ASP A N   1 
ATOM   937  C CA  . ASP A 1 111 ? -11.544 -4.547  11.733  1.00 45.23 ? 111 ASP A CA  1 
ATOM   938  C C   . ASP A 1 111 ? -11.350 -5.093  13.128  1.00 44.79 ? 111 ASP A C   1 
ATOM   939  O O   . ASP A 1 111 ? -11.099 -4.350  14.070  1.00 46.03 ? 111 ASP A O   1 
ATOM   940  C CB  . ASP A 1 111 ? -12.444 -3.287  11.706  1.00 46.42 ? 111 ASP A CB  1 
ATOM   941  C CG  . ASP A 1 111 ? -12.622 -2.607  13.105  1.00 47.80 ? 111 ASP A CG  1 
ATOM   942  O OD1 . ASP A 1 111 ? -13.309 -3.219  13.967  1.00 52.50 ? 111 ASP A OD1 1 
ATOM   943  O OD2 . ASP A 1 111 ? -12.117 -1.444  13.329  1.00 47.28 ? 111 ASP A OD2 1 
ATOM   944  N N   . SER A 1 112 ? -11.395 -6.412  13.249  1.00 43.45 ? 112 SER A N   1 
ATOM   945  C CA  . SER A 1 112 ? -10.304 -7.045  13.969  1.00 41.21 ? 112 SER A CA  1 
ATOM   946  C C   . SER A 1 112 ? -8.906  -6.499  13.431  1.00 38.90 ? 112 SER A C   1 
ATOM   947  O O   . SER A 1 112 ? -7.860  -7.167  13.613  1.00 35.59 ? 112 SER A O   1 
ATOM   948  C CB  . SER A 1 112 ? -10.384 -8.560  13.854  1.00 41.19 ? 112 SER A CB  1 
ATOM   949  O OG  . SER A 1 112 ? -9.177  -9.132  14.283  1.00 45.00 ? 112 SER A OG  1 
ATOM   950  N N   . SER A 1 113 ? -8.853  -5.261  12.888  1.00 37.23 ? 113 SER A N   1 
ATOM   951  C CA  . SER A 1 113 ? -7.600  -4.776  12.272  1.00 37.00 ? 113 SER A CA  1 
ATOM   952  C C   . SER A 1 113 ? -6.452  -4.759  13.289  1.00 36.84 ? 113 SER A C   1 
ATOM   953  O O   . SER A 1 113 ? -5.276  -4.933  12.941  1.00 37.01 ? 113 SER A O   1 
ATOM   954  C CB  . SER A 1 113 ? -7.733  -3.381  11.667  1.00 35.90 ? 113 SER A CB  1 
ATOM   955  O OG  . SER A 1 113 ? -7.964  -2.364  12.630  1.00 29.55 ? 113 SER A OG  1 
ATOM   956  N N   . THR A 1 114 ? -6.786  -4.551  14.552  1.00 36.96 ? 114 THR A N   1 
ATOM   957  C CA  . THR A 1 114 ? -5.744  -4.467  15.600  1.00 37.19 ? 114 THR A CA  1 
ATOM   958  C C   . THR A 1 114 ? -5.212  -5.867  15.956  1.00 37.50 ? 114 THR A C   1 
ATOM   959  O O   . THR A 1 114 ? -4.268  -6.060  16.778  1.00 38.18 ? 114 THR A O   1 
ATOM   960  C CB  . THR A 1 114 ? -6.316  -3.771  16.801  1.00 37.61 ? 114 THR A CB  1 
ATOM   961  O OG1 . THR A 1 114 ? -7.584  -4.372  17.094  1.00 34.37 ? 114 THR A OG1 1 
ATOM   962  C CG2 . THR A 1 114 ? -6.497  -2.240  16.480  1.00 35.57 ? 114 THR A CG2 1 
ATOM   963  N N   . GLU A 1 115 ? -5.792  -6.853  15.292  1.00 35.87 ? 115 GLU A N   1 
ATOM   964  C CA  . GLU A 1 115 ? -5.309  -8.171  15.412  1.00 34.15 ? 115 GLU A CA  1 
ATOM   965  C C   . GLU A 1 115 ? -4.386  -8.528  14.226  1.00 32.82 ? 115 GLU A C   1 
ATOM   966  O O   . GLU A 1 115 ? -4.086  -9.678  14.020  1.00 31.93 ? 115 GLU A O   1 
ATOM   967  C CB  . GLU A 1 115 ? -6.531  -9.075  15.582  1.00 35.69 ? 115 GLU A CB  1 
ATOM   968  C CG  . GLU A 1 115 ? -7.105  -8.910  17.055  1.00 38.51 ? 115 GLU A CG  1 
ATOM   969  C CD  . GLU A 1 115 ? -8.362  -8.070  17.165  1.00 44.80 ? 115 GLU A CD  1 
ATOM   970  O OE1 . GLU A 1 115 ? -9.390  -8.481  16.584  1.00 54.59 ? 115 GLU A OE1 1 
ATOM   971  O OE2 . GLU A 1 115 ? -8.353  -7.013  17.840  1.00 49.45 ? 115 GLU A OE2 1 
ATOM   972  N N   . TYR A 1 116 ? -3.899  -7.518  13.494  1.00 31.21 ? 116 TYR A N   1 
ATOM   973  C CA  . TYR A 1 116 ? -2.959  -7.740  12.384  1.00 30.46 ? 116 TYR A CA  1 
ATOM   974  C C   . TYR A 1 116 ? -1.745  -6.897  12.665  1.00 28.72 ? 116 TYR A C   1 
ATOM   975  O O   . TYR A 1 116 ? -1.821  -5.914  13.446  1.00 26.31 ? 116 TYR A O   1 
ATOM   976  C CB  . TYR A 1 116 ? -3.543  -7.365  11.008  1.00 33.72 ? 116 TYR A CB  1 
ATOM   977  C CG  . TYR A 1 116 ? -4.605  -8.335  10.539  1.00 35.11 ? 116 TYR A CG  1 
ATOM   978  C CD1 . TYR A 1 116 ? -4.255  -9.560  10.021  1.00 39.01 ? 116 TYR A CD1 1 
ATOM   979  C CD2 . TYR A 1 116 ? -5.963  -8.020  10.649  1.00 41.48 ? 116 TYR A CD2 1 
ATOM   980  C CE1 . TYR A 1 116 ? -5.239  -10.492 9.606   1.00 40.82 ? 116 TYR A CE1 1 
ATOM   981  C CE2 . TYR A 1 116 ? -6.977  -8.923  10.240  1.00 39.65 ? 116 TYR A CE2 1 
ATOM   982  C CZ  . TYR A 1 116 ? -6.611  -10.153 9.716   1.00 40.67 ? 116 TYR A CZ  1 
ATOM   983  O OH  . TYR A 1 116 ? -7.588  -11.074 9.334   1.00 42.20 ? 116 TYR A OH  1 
ATOM   984  N N   . GLU A 1 117 ? -0.625  -7.295  12.090  1.00 26.46 ? 117 GLU A N   1 
ATOM   985  C CA  . GLU A 1 117 ? 0.616   -6.501  12.137  1.00 26.26 ? 117 GLU A CA  1 
ATOM   986  C C   . GLU A 1 117 ? 1.151   -6.323  10.732  1.00 25.25 ? 117 GLU A C   1 
ATOM   987  O O   . GLU A 1 117 ? 1.290   -7.285  9.995   1.00 22.89 ? 117 GLU A O   1 
ATOM   988  C CB  . GLU A 1 117 ? 1.676   -7.253  12.992  1.00 28.24 ? 117 GLU A CB  1 
ATOM   989  C CG  . GLU A 1 117 ? 2.909   -6.520  13.217  1.00 27.04 ? 117 GLU A CG  1 
ATOM   990  C CD  . GLU A 1 117 ? 3.898   -7.339  14.086  1.00 32.25 ? 117 GLU A CD  1 
ATOM   991  O OE1 . GLU A 1 117 ? 3.503   -8.439  14.614  1.00 31.11 ? 117 GLU A OE1 1 
ATOM   992  O OE2 . GLU A 1 117 ? 5.053   -6.888  14.192  1.00 38.61 ? 117 GLU A OE2 1 
ATOM   993  N N   . VAL A 1 118 ? 1.468   -5.095  10.364  1.00 23.15 ? 118 VAL A N   1 
ATOM   994  C CA  . VAL A 1 118 ? 2.062   -4.795  9.113   1.00 22.87 ? 118 VAL A CA  1 
ATOM   995  C C   . VAL A 1 118 ? 3.534   -5.158  9.253   1.00 23.67 ? 118 VAL A C   1 
ATOM   996  O O   . VAL A 1 118 ? 4.223   -4.689  10.183  1.00 24.78 ? 118 VAL A O   1 
ATOM   997  C CB  . VAL A 1 118 ? 1.931   -3.352  8.838   1.00 21.38 ? 118 VAL A CB  1 
ATOM   998  C CG1 . VAL A 1 118 ? 2.691   -2.886  7.570   1.00 23.48 ? 118 VAL A CG1 1 
ATOM   999  C CG2 . VAL A 1 118 ? 0.342   -2.987  8.722   1.00 20.39 ? 118 VAL A CG2 1 
ATOM   1000 N N   . LEU A 1 119 ? 3.956   -6.016  8.353   1.00 22.68 ? 119 LEU A N   1 
ATOM   1001 C CA  . LEU A 1 119 ? 5.388   -6.459  8.317   1.00 24.01 ? 119 LEU A CA  1 
ATOM   1002 C C   . LEU A 1 119 ? 6.198   -5.761  7.239   1.00 23.85 ? 119 LEU A C   1 
ATOM   1003 O O   . LEU A 1 119 ? 7.438   -5.862  7.206   1.00 24.35 ? 119 LEU A O   1 
ATOM   1004 C CB  . LEU A 1 119 ? 5.475   -7.935  8.086   1.00 22.84 ? 119 LEU A CB  1 
ATOM   1005 C CG  . LEU A 1 119 ? 4.783   -8.886  9.035   1.00 24.72 ? 119 LEU A CG  1 
ATOM   1006 C CD1 . LEU A 1 119 ? 5.075   -10.310 8.603   1.00 28.75 ? 119 LEU A CD1 1 
ATOM   1007 C CD2 . LEU A 1 119 ? 5.216   -8.631  10.439  1.00 28.72 ? 119 LEU A CD2 1 
ATOM   1008 N N   . GLY A 1 120 ? 5.509   -5.202  6.248   1.00 23.35 ? 120 GLY A N   1 
ATOM   1009 C CA  . GLY A 1 120 ? 6.090   -4.513  5.118   1.00 22.81 ? 120 GLY A CA  1 
ATOM   1010 C C   . GLY A 1 120 ? 5.113   -4.401  3.962   1.00 22.40 ? 120 GLY A C   1 
ATOM   1011 O O   . GLY A 1 120 ? 3.920   -4.334  4.198   1.00 24.84 ? 120 GLY A O   1 
ATOM   1012 N N   . ASN A 1 121 ? 5.621   -4.333  2.743   1.00 23.83 ? 121 ASN A N   1 
ATOM   1013 C CA  . ASN A 1 121 ? 4.763   -4.291  1.535   1.00 22.78 ? 121 ASN A CA  1 
ATOM   1014 C C   . ASN A 1 121 ? 5.373   -4.987  0.369   1.00 24.00 ? 121 ASN A C   1 
ATOM   1015 O O   . ASN A 1 121 ? 6.582   -5.354  0.381   1.00 23.74 ? 121 ASN A O   1 
ATOM   1016 C CB  . ASN A 1 121 ? 4.323   -2.855  1.215   1.00 22.20 ? 121 ASN A CB  1 
ATOM   1017 C CG  . ASN A 1 121 ? 5.469   -1.941  0.823   1.00 21.76 ? 121 ASN A CG  1 
ATOM   1018 O OD1 . ASN A 1 121 ? 5.945   -1.978  -0.332  1.00 24.86 ? 121 ASN A OD1 1 
ATOM   1019 N ND2 . ASN A 1 121 ? 5.895   -1.064  1.764   1.00 23.71 ? 121 ASN A ND2 1 
ATOM   1020 N N   . ILE A 1 122 ? 4.559   -5.178  -0.669  1.00 23.45 ? 122 ILE A N   1 
ATOM   1021 C CA  . ILE A 1 122 ? 4.995   -6.020  -1.823  1.00 23.57 ? 122 ILE A CA  1 
ATOM   1022 C C   . ILE A 1 122 ? 6.071   -5.380  -2.692  1.00 23.21 ? 122 ILE A C   1 
ATOM   1023 O O   . ILE A 1 122 ? 6.777   -6.086  -3.417  1.00 23.40 ? 122 ILE A O   1 
ATOM   1024 C CB  . ILE A 1 122 ? 3.810   -6.484  -2.737  1.00 25.79 ? 122 ILE A CB  1 
ATOM   1025 C CG1 . ILE A 1 122 ? 3.222   -5.361  -3.551  1.00 24.35 ? 122 ILE A CG1 1 
ATOM   1026 C CG2 . ILE A 1 122 ? 2.714   -7.153  -1.990  1.00 19.38 ? 122 ILE A CG2 1 
ATOM   1027 C CD1 . ILE A 1 122 ? 2.036   -5.802  -4.477  1.00 23.73 ? 122 ILE A CD1 1 
ATOM   1028 N N   . TYR A 1 123 ? 6.154   -4.046  -2.655  1.00 24.52 ? 123 TYR A N   1 
ATOM   1029 C CA  . TYR A 1 123 ? 7.102   -3.257  -3.475  1.00 25.23 ? 123 TYR A CA  1 
ATOM   1030 C C   . TYR A 1 123 ? 8.473   -3.141  -2.800  1.00 26.78 ? 123 TYR A C   1 
ATOM   1031 O O   . TYR A 1 123 ? 9.551   -3.364  -3.431  1.00 27.24 ? 123 TYR A O   1 
ATOM   1032 C CB  . TYR A 1 123 ? 6.487   -1.910  -3.699  1.00 25.05 ? 123 TYR A CB  1 
ATOM   1033 C CG  . TYR A 1 123 ? 5.251   -2.012  -4.541  1.00 19.74 ? 123 TYR A CG  1 
ATOM   1034 C CD1 . TYR A 1 123 ? 5.320   -2.418  -5.865  1.00 23.16 ? 123 TYR A CD1 1 
ATOM   1035 C CD2 . TYR A 1 123 ? 4.010   -1.680  -4.028  1.00 22.98 ? 123 TYR A CD2 1 
ATOM   1036 C CE1 . TYR A 1 123 ? 4.197   -2.541  -6.653  1.00 25.66 ? 123 TYR A CE1 1 
ATOM   1037 C CE2 . TYR A 1 123 ? 2.872   -1.788  -4.814  1.00 23.31 ? 123 TYR A CE2 1 
ATOM   1038 C CZ  . TYR A 1 123 ? 2.958   -2.225  -6.099  1.00 23.76 ? 123 TYR A CZ  1 
ATOM   1039 O OH  . TYR A 1 123 ? 1.819   -2.328  -6.841  1.00 23.86 ? 123 TYR A OH  1 
ATOM   1040 N N   . GLU A 1 124 ? 8.435   -2.872  -1.509  1.00 27.98 ? 124 GLU A N   1 
ATOM   1041 C CA  . GLU A 1 124 ? 9.643   -2.693  -0.731  1.00 29.35 ? 124 GLU A CA  1 
ATOM   1042 C C   . GLU A 1 124 ? 10.207  -3.972  -0.139  1.00 29.14 ? 124 GLU A C   1 
ATOM   1043 O O   . GLU A 1 124 ? 11.451  -4.070  0.082   1.00 29.28 ? 124 GLU A O   1 
ATOM   1044 C CB  . GLU A 1 124 ? 9.438   -1.619  0.349   1.00 30.34 ? 124 GLU A CB  1 
ATOM   1045 C CG  . GLU A 1 124 ? 9.302   -0.161  -0.139  1.00 30.28 ? 124 GLU A CG  1 
ATOM   1046 C CD  . GLU A 1 124 ? 8.961   0.773   1.032   1.00 33.68 ? 124 GLU A CD  1 
ATOM   1047 O OE1 . GLU A 1 124 ? 7.792   0.864   1.491   1.00 41.43 ? 124 GLU A OE1 1 
ATOM   1048 O OE2 . GLU A 1 124 ? 9.897   1.387   1.561   1.00 37.98 ? 124 GLU A OE2 1 
ATOM   1049 N N   . ASN A 1 125 ? 9.347   -4.953  0.104   1.00 28.49 ? 125 ASN A N   1 
ATOM   1050 C CA  . ASN A 1 125 ? 9.677   -6.147  0.874   1.00 29.72 ? 125 ASN A CA  1 
ATOM   1051 C C   . ASN A 1 125 ? 9.183   -7.444  0.210   1.00 29.53 ? 125 ASN A C   1 
ATOM   1052 O O   . ASN A 1 125 ? 8.493   -8.273  0.809   1.00 29.83 ? 125 ASN A O   1 
ATOM   1053 C CB  . ASN A 1 125 ? 9.105   -6.051  2.297   1.00 29.81 ? 125 ASN A CB  1 
ATOM   1054 C CG  . ASN A 1 125 ? 9.466   -4.809  2.970   1.00 28.93 ? 125 ASN A CG  1 
ATOM   1055 O OD1 . ASN A 1 125 ? 10.615  -4.619  3.433   1.00 33.96 ? 125 ASN A OD1 1 
ATOM   1056 N ND2 . ASN A 1 125 ? 8.516   -3.914  3.069   1.00 20.97 ? 125 ASN A ND2 1 
ATOM   1057 N N   . PRO A 1 126 ? 9.523   -7.640  -1.082  1.00 31.01 ? 126 PRO A N   1 
ATOM   1058 C CA  . PRO A 1 126 ? 9.117   -8.820  -1.751  1.00 31.02 ? 126 PRO A CA  1 
ATOM   1059 C C   . PRO A 1 126 ? 9.650   -10.132 -1.159  1.00 31.70 ? 126 PRO A C   1 
ATOM   1060 O O   . PRO A 1 126 ? 9.039   -11.172 -1.383  1.00 32.59 ? 126 PRO A O   1 
ATOM   1061 C CB  . PRO A 1 126 ? 9.673   -8.610  -3.187  1.00 31.76 ? 126 PRO A CB  1 
ATOM   1062 C CG  . PRO A 1 126 ? 10.745  -7.653  -3.021  1.00 32.47 ? 126 PRO A CG  1 
ATOM   1063 C CD  . PRO A 1 126 ? 10.264  -6.750  -1.982  1.00 30.15 ? 126 PRO A CD  1 
ATOM   1064 N N   . GLU A 1 127 ? 10.736  -10.076 -0.399  1.00 32.37 ? 127 GLU A N   1 
ATOM   1065 C CA  . GLU A 1 127 ? 11.241  -11.237 0.291   1.00 32.78 ? 127 GLU A CA  1 
ATOM   1066 C C   . GLU A 1 127 ? 10.186  -11.850 1.187   1.00 32.11 ? 127 GLU A C   1 
ATOM   1067 O O   . GLU A 1 127 ? 10.166  -13.053 1.389   1.00 32.87 ? 127 GLU A O   1 
ATOM   1068 C CB  . GLU A 1 127 ? 12.491  -10.866 1.081   1.00 33.11 ? 127 GLU A CB  1 
ATOM   1069 C CG  . GLU A 1 127 ? 12.325  -9.858  2.206   1.00 37.44 ? 127 GLU A CG  1 
ATOM   1070 C CD  . GLU A 1 127 ? 12.432  -8.384  1.776   1.00 41.79 ? 127 GLU A CD  1 
ATOM   1071 O OE1 . GLU A 1 127 ? 12.496  -8.083  0.564   1.00 44.10 ? 127 GLU A OE1 1 
ATOM   1072 O OE2 . GLU A 1 127 ? 12.457  -7.516  2.691   1.00 47.29 ? 127 GLU A OE2 1 
ATOM   1073 N N   . LEU A 1 128 ? 9.305   -11.013 1.727   1.00 31.32 ? 128 LEU A N   1 
ATOM   1074 C CA  . LEU A 1 128 ? 8.247   -11.501 2.592   1.00 32.23 ? 128 LEU A CA  1 
ATOM   1075 C C   . LEU A 1 128 ? 7.272   -12.426 1.906   1.00 31.56 ? 128 LEU A C   1 
ATOM   1076 O O   . LEU A 1 128 ? 6.557   -13.134 2.589   1.00 32.78 ? 128 LEU A O   1 
ATOM   1077 C CB  . LEU A 1 128 ? 7.486   -10.335 3.273   1.00 31.62 ? 128 LEU A CB  1 
ATOM   1078 C CG  . LEU A 1 128 ? 8.220   -9.472  4.313   1.00 33.40 ? 128 LEU A CG  1 
ATOM   1079 C CD1 . LEU A 1 128 ? 7.239   -8.424  4.867   1.00 30.66 ? 128 LEU A CD1 1 
ATOM   1080 C CD2 . LEU A 1 128 ? 8.779   -10.287 5.421   1.00 33.80 ? 128 LEU A CD2 1 
ATOM   1081 N N   . LEU A 1 129 ? 7.235   -12.422 0.568   1.00 31.59 ? 129 LEU A N   1 
ATOM   1082 C CA  . LEU A 1 129 ? 6.283   -13.208 -0.230  1.00 33.83 ? 129 LEU A CA  1 
ATOM   1083 C C   . LEU A 1 129 ? 6.870   -14.580 -0.593  1.00 35.89 ? 129 LEU A C   1 
ATOM   1084 O O   . LEU A 1 129 ? 6.183   -15.400 -1.156  1.00 36.80 ? 129 LEU A O   1 
ATOM   1085 C CB  . LEU A 1 129 ? 5.892   -12.467 -1.530  1.00 32.36 ? 129 LEU A CB  1 
ATOM   1086 C CG  . LEU A 1 129 ? 5.153   -11.118 -1.364  1.00 31.67 ? 129 LEU A CG  1 
ATOM   1087 C CD1 . LEU A 1 129 ? 5.003   -10.383 -2.664  1.00 33.28 ? 129 LEU A CD1 1 
ATOM   1088 C CD2 . LEU A 1 129 ? 3.793   -11.335 -0.767  1.00 33.90 ? 129 LEU A CD2 1 
ATOM   1089 N N   . GLU A 1 130 ? 8.135   -14.808 -0.228  1.00 38.90 ? 130 GLU A N   1 
ATOM   1090 C CA  . GLU A 1 130 ? 8.817   -16.074 -0.498  1.00 41.55 ? 130 GLU A CA  1 
ATOM   1091 C C   . GLU A 1 130 ? 8.440   -17.104 0.521   1.00 43.52 ? 130 GLU A C   1 
ATOM   1092 O O   . GLU A 1 130 ? 8.460   -16.829 1.722   1.00 43.95 ? 130 GLU A O   1 
ATOM   1093 C CB  . GLU A 1 130 ? 10.315  -15.881 -0.443  1.00 41.53 ? 130 GLU A CB  1 
ATOM   1094 C CG  . GLU A 1 130 ? 10.836  -15.012 -1.530  1.00 41.98 ? 130 GLU A CG  1 
ATOM   1095 C CD  . GLU A 1 130 ? 12.289  -14.691 -1.352  1.00 43.08 ? 130 GLU A CD  1 
ATOM   1096 O OE1 . GLU A 1 130 ? 12.945  -15.364 -0.534  1.00 47.21 ? 130 GLU A OE1 1 
ATOM   1097 O OE2 . GLU A 1 130 ? 12.779  -13.767 -2.011  1.00 41.80 ? 130 GLU A OE2 1 
ATOM   1098 N N   . ASP A 1 131 ? 8.144   -18.311 0.052   1.00 47.24 ? 131 ASP A N   1 
ATOM   1099 C CA  . ASP A 1 131 ? 7.563   -19.335 0.914   1.00 50.12 ? 131 ASP A CA  1 
ATOM   1100 C C   . ASP A 1 131 ? 8.409   -19.657 2.159   1.00 52.58 ? 131 ASP A C   1 
ATOM   1101 O O   . ASP A 1 131 ? 7.867   -19.833 3.255   1.00 53.04 ? 131 ASP A O   1 
ATOM   1102 C CB  . ASP A 1 131 ? 7.231   -20.586 0.098   1.00 51.03 ? 131 ASP A CB  1 
ATOM   1103 C CG  . ASP A 1 131 ? 5.800   -20.545 -0.500  1.00 53.85 ? 131 ASP A CG  1 
ATOM   1104 O OD1 . ASP A 1 131 ? 5.114   -19.488 -0.394  1.00 52.61 ? 131 ASP A OD1 1 
ATOM   1105 O OD2 . ASP A 1 131 ? 5.344   -21.592 -1.046  1.00 58.66 ? 131 ASP A OD2 1 
ATOM   1106 N N   . ASP A 1 132 ? 9.724   -19.644 2.003   1.00 54.69 ? 132 ASP A N   1 
ATOM   1107 C CA  . ASP A 1 132 ? 10.630  -20.027 3.083   1.00 57.12 ? 132 ASP A CA  1 
ATOM   1108 C C   . ASP A 1 132 ? 11.272  -18.815 3.834   1.00 58.63 ? 132 ASP A C   1 
ATOM   1109 O O   . ASP A 1 132 ? 12.246  -18.973 4.583   1.00 58.19 ? 132 ASP A O   1 
ATOM   1110 C CB  . ASP A 1 132 ? 11.636  -21.038 2.528   1.00 57.76 ? 132 ASP A CB  1 
ATOM   1111 C CG  . ASP A 1 132 ? 10.933  -22.291 1.914   1.00 60.35 ? 132 ASP A CG  1 
ATOM   1112 O OD1 . ASP A 1 132 ? 10.245  -23.037 2.669   1.00 64.31 ? 132 ASP A OD1 1 
ATOM   1113 O OD2 . ASP A 1 132 ? 11.054  -22.524 0.679   1.00 63.01 ? 132 ASP A OD2 1 
ATOM   1114 N N   . ASN A 1 133 ? 10.722  -17.617 3.573   1.00 60.61 ? 133 ASN A N   1 
ATOM   1115 C CA  . ASN A 1 133 ? 10.503  -16.533 4.564   1.00 62.52 ? 133 ASN A CA  1 
ATOM   1116 C C   . ASN A 1 133 ? 10.873  -15.103 4.158   1.00 64.00 ? 133 ASN A C   1 
ATOM   1117 O O   . ASN A 1 133 ? 10.135  -14.158 4.449   1.00 64.76 ? 133 ASN A O   1 
ATOM   1118 C CB  . ASN A 1 133 ? 11.120  -16.831 5.931   1.00 63.19 ? 133 ASN A CB  1 
ATOM   1119 C CG  . ASN A 1 133 ? 10.397  -17.946 6.668   1.00 65.43 ? 133 ASN A CG  1 
ATOM   1120 O OD1 . ASN A 1 133 ? 11.031  -18.832 7.275   1.00 68.96 ? 133 ASN A OD1 1 
ATOM   1121 N ND2 . ASN A 1 133 ? 9.065   -17.931 6.602   1.00 68.47 ? 133 ASN A ND2 1 
ATOM   1122 N N   . HIS A 1 134 ? 12.024  -14.939 3.521   1.00 65.59 ? 134 HIS A N   1 
ATOM   1123 C CA  . HIS A 1 134 ? 12.582  -13.610 3.279   1.00 66.16 ? 134 HIS A CA  1 
ATOM   1124 C C   . HIS A 1 134 ? 13.937  -13.772 2.575   1.00 66.79 ? 134 HIS A C   1 
ATOM   1125 O O   . HIS A 1 134 ? 14.266  -14.878 2.156   1.00 66.83 ? 134 HIS A O   1 
ATOM   1126 C CB  . HIS A 1 134 ? 12.711  -12.824 4.587   1.00 67.03 ? 134 HIS A CB  1 
ATOM   1127 C CG  . HIS A 1 134 ? 13.647  -13.457 5.566   1.00 69.26 ? 134 HIS A CG  1 
ATOM   1128 N ND1 . HIS A 1 134 ? 14.487  -12.721 6.377   1.00 71.04 ? 134 HIS A ND1 1 
ATOM   1129 C CD2 . HIS A 1 134 ? 13.898  -14.761 5.842   1.00 70.47 ? 134 HIS A CD2 1 
ATOM   1130 C CE1 . HIS A 1 134 ? 15.194  -13.546 7.128   1.00 72.18 ? 134 HIS A CE1 1 
ATOM   1131 N NE2 . HIS A 1 134 ? 14.858  -14.790 6.819   1.00 71.73 ? 134 HIS A NE2 1 
ATOM   1132 N N   . ALA A 1 135 ? 14.710  -12.682 2.453   1.00 67.26 ? 135 ALA A N   1 
ATOM   1133 C CA  . ALA A 1 135 ? 15.851  -12.622 1.520   1.00 67.24 ? 135 ALA A CA  1 
ATOM   1134 C C   . ALA A 1 135 ? 16.513  -11.238 1.521   1.00 67.53 ? 135 ALA A C   1 
ATOM   1135 O O   . ALA A 1 135 ? 16.239  -10.403 2.391   1.00 68.09 ? 135 ALA A O   1 
ATOM   1136 C CB  . ALA A 1 135 ? 15.398  -12.996 0.088   1.00 67.27 ? 135 ALA A CB  1 
HETATM 1137 O O   . HOH B 2 .   ? 5.676   7.114   -9.974  1.00 29.16 ? 146 HOH A O   1 
HETATM 1138 O O   . HOH B 2 .   ? 3.407   -2.798  12.216  1.00 27.02 ? 147 HOH A O   1 
HETATM 1139 O O   . HOH B 2 .   ? -4.919  1.465   -7.970  1.00 59.84 ? 148 HOH A O   1 
HETATM 1140 O O   . HOH B 2 .   ? -2.380  -4.900  -3.201  1.00 26.09 ? 149 HOH A O   1 
HETATM 1141 O O   . HOH B 2 .   ? 4.946   4.483   -9.801  1.00 28.18 ? 150 HOH A O   1 
HETATM 1142 O O   . HOH B 2 .   ? 4.402   -1.240  4.425   1.00 34.68 ? 151 HOH A O   1 
HETATM 1143 O O   . HOH B 2 .   ? -1.484  -6.989  -4.553  1.00 30.89 ? 152 HOH A O   1 
HETATM 1144 O O   . HOH B 2 .   ? -4.739  -3.893  -4.530  1.00 24.91 ? 153 HOH A O   1 
HETATM 1145 O O   . HOH B 2 .   ? -0.598  -1.959  -5.531  1.00 27.80 ? 154 HOH A O   1 
HETATM 1146 O O   . HOH B 2 .   ? -12.126 2.068   7.127   1.00 31.35 ? 155 HOH A O   1 
HETATM 1147 O O   . HOH B 2 .   ? -2.962  -7.384  18.835  1.00 36.61 ? 156 HOH A O   1 
HETATM 1148 O O   . HOH B 2 .   ? 6.889   10.124  2.450   1.00 40.52 ? 157 HOH A O   1 
HETATM 1149 O O   . HOH B 2 .   ? -1.560  5.480   12.489  1.00 41.72 ? 158 HOH A O   1 
HETATM 1150 O O   . HOH B 2 .   ? 15.838  4.370   -2.627  1.00 44.86 ? 159 HOH A O   1 
HETATM 1151 O O   . HOH B 2 .   ? 6.175   -5.274  12.240  1.00 47.54 ? 160 HOH A O   1 
HETATM 1152 O O   . HOH B 2 .   ? -0.421  8.681   3.424   1.00 30.06 ? 161 HOH A O   1 
HETATM 1153 O O   . HOH B 2 .   ? -14.382 -8.143  -2.536  1.00 39.93 ? 162 HOH A O   1 
HETATM 1154 O O   . HOH B 2 .   ? -11.519 -4.796  -8.030  1.00 35.15 ? 163 HOH A O   1 
HETATM 1155 O O   . HOH B 2 .   ? 4.366   14.272  0.067   1.00 39.93 ? 164 HOH A O   1 
HETATM 1156 O O   . HOH B 2 .   ? 12.074  -3.858  -3.643  1.00 36.04 ? 165 HOH A O   1 
HETATM 1157 O O   . HOH B 2 .   ? -2.341  0.100   -6.105  1.00 41.88 ? 166 HOH A O   1 
HETATM 1158 O O   . HOH B 2 .   ? 7.296   3.005   -10.462 1.00 30.08 ? 167 HOH A O   1 
HETATM 1159 O O   . HOH B 2 .   ? -0.065  -4.029  20.446  1.00 33.28 ? 168 HOH A O   1 
HETATM 1160 O O   . HOH B 2 .   ? 1.343   -13.610 14.875  1.00 50.59 ? 169 HOH A O   1 
HETATM 1161 O O   . HOH B 2 .   ? 0.619   4.976   10.025  1.00 40.73 ? 170 HOH A O   1 
HETATM 1162 O O   . HOH B 2 .   ? 7.904   10.961  -20.073 1.00 53.93 ? 171 HOH A O   1 
HETATM 1163 O O   . HOH B 2 .   ? -0.229  7.227   7.240   1.00 43.71 ? 172 HOH A O   1 
HETATM 1164 O O   . HOH B 2 .   ? -10.067 2.932   13.758  1.00 34.46 ? 173 HOH A O   1 
HETATM 1165 O O   . HOH B 2 .   ? 4.778   -17.853 -2.053  1.00 39.11 ? 174 HOH A O   1 
HETATM 1166 O O   . HOH B 2 .   ? 7.830   -3.206  9.722   1.00 67.98 ? 175 HOH A O   1 
HETATM 1167 O O   . HOH B 2 .   ? -7.458  -7.114  -6.632  1.00 42.82 ? 176 HOH A O   1 
HETATM 1168 O O   . HOH B 2 .   ? 9.736   -4.008  6.783   1.00 61.81 ? 177 HOH A O   1 
HETATM 1169 O O   . HOH B 2 .   ? -5.418  21.441  3.693   1.00 38.46 ? 178 HOH A O   1 
HETATM 1170 O O   . HOH B 2 .   ? -5.519  1.920   -5.476  1.00 51.62 ? 179 HOH A O   1 
HETATM 1171 O O   . HOH B 2 .   ? 23.013  12.304  -4.230  1.00 48.86 ? 180 HOH A O   1 
HETATM 1172 O O   . HOH B 2 .   ? -1.776  2.761   -11.497 1.00 74.04 ? 181 HOH A O   1 
HETATM 1173 O O   . HOH B 2 .   ? 10.154  15.709  -4.618  1.00 40.77 ? 182 HOH A O   1 
HETATM 1174 O O   . HOH B 2 .   ? 9.378   9.661   0.754   1.00 44.55 ? 183 HOH A O   1 
HETATM 1175 O O   . HOH B 2 .   ? 9.545   -17.892 -3.589  1.00 64.51 ? 184 HOH A O   1 
HETATM 1176 O O   . HOH B 2 .   ? -2.163  15.427  4.506   1.00 46.43 ? 185 HOH A O   1 
HETATM 1177 O O   . HOH B 2 .   ? -0.783  -9.638  14.474  1.00 35.22 ? 186 HOH A O   1 
HETATM 1178 O O   . HOH B 2 .   ? -6.599  -0.231  -6.522  1.00 52.79 ? 187 HOH A O   1 
HETATM 1179 O O   . HOH B 2 .   ? 1.803   15.223  -17.028 1.00 58.44 ? 188 HOH A O   1 
HETATM 1180 O O   . HOH B 2 .   ? 11.964  12.439  -6.889  1.00 37.50 ? 189 HOH A O   1 
HETATM 1181 O O   . HOH B 2 .   ? 5.414   16.611  -2.604  1.00 44.23 ? 190 HOH A O   1 
HETATM 1182 O O   . HOH B 2 .   ? -9.640  -2.781  17.209  1.00 37.15 ? 191 HOH A O   1 
HETATM 1183 O O   . HOH B 2 .   ? 6.505   -1.569  6.758   1.00 47.15 ? 192 HOH A O   1 
HETATM 1184 O O   . HOH B 2 .   ? -4.729  -6.656  -6.588  1.00 38.94 ? 193 HOH A O   1 
HETATM 1185 O O   . HOH B 2 .   ? 6.154   12.428  0.299   1.00 42.39 ? 194 HOH A O   1 
HETATM 1186 O O   . HOH B 2 .   ? 13.714  10.117  -13.625 1.00 40.60 ? 195 HOH A O   1 
HETATM 1187 O O   . HOH B 2 .   ? 3.858   2.202   16.458  1.00 43.75 ? 196 HOH A O   1 
HETATM 1188 O O   . HOH B 2 .   ? 1.582   -10.105 14.825  1.00 38.66 ? 197 HOH A O   1 
HETATM 1189 O O   . HOH B 2 .   ? -13.931 -3.355  -9.251  1.00 42.46 ? 198 HOH A O   1 
HETATM 1190 O O   . HOH B 2 .   ? 1.394   0.521   6.790   1.00 28.27 ? 199 HOH A O   1 
HETATM 1191 O O   . HOH B 2 .   ? -14.059 -4.753  5.744   1.00 36.14 ? 200 HOH A O   1 
HETATM 1192 O O   . HOH B 2 .   ? -3.411  11.493  1.315   1.00 30.79 ? 201 HOH A O   1 
HETATM 1193 O O   . HOH B 2 .   ? -2.302  5.590   -10.835 1.00 48.73 ? 202 HOH A O   1 
HETATM 1194 O O   . HOH B 2 .   ? 1.504   22.138  -0.331  1.00 65.62 ? 203 HOH A O   1 
HETATM 1195 O O   . HOH B 2 .   ? -8.420  28.215  -1.816  1.00 46.87 ? 204 HOH A O   1 
HETATM 1196 O O   . HOH B 2 .   ? -0.283  -16.298 2.485   1.00 38.54 ? 205 HOH A O   1 
HETATM 1197 O O   . HOH B 2 .   ? 13.858  3.310   -1.027  1.00 47.31 ? 206 HOH A O   1 
HETATM 1198 O O   . HOH B 2 .   ? 10.729  3.935   0.674   1.00 43.78 ? 207 HOH A O   1 
HETATM 1199 O O   . HOH B 2 .   ? 21.734  7.677   -5.006  1.00 74.72 ? 208 HOH A O   1 
HETATM 1200 O O   . HOH B 2 .   ? -7.415  -3.705  -6.785  1.00 57.68 ? 209 HOH A O   1 
HETATM 1201 O O   . HOH B 2 .   ? 8.597   -1.740  4.441   1.00 44.53 ? 210 HOH A O   1 
HETATM 1202 O O   . HOH B 2 .   ? 6.899   2.321   3.625   1.00 45.42 ? 211 HOH A O   1 
HETATM 1203 O O   . HOH B 2 .   ? -18.285 -21.190 11.415  1.00 67.98 ? 212 HOH A O   1 
HETATM 1204 O O   . HOH B 2 .   ? -8.827  5.371   3.923   1.00 70.38 ? 213 HOH A O   1 
HETATM 1205 O O   . HOH B 2 .   ? 1.024   -17.741 6.096   1.00 61.96 ? 214 HOH A O   1 
HETATM 1206 O O   . HOH B 2 .   ? 12.728  6.912   -16.567 1.00 44.58 ? 215 HOH A O   1 
HETATM 1207 O O   . HOH B 2 .   ? -14.444 -14.032 3.262   1.00 77.98 ? 216 HOH A O   1 
HETATM 1208 O O   . HOH B 2 .   ? 4.381   7.280   7.081   1.00 58.72 ? 217 HOH A O   1 
HETATM 1209 O O   . HOH B 2 .   ? 12.383  12.788  -13.101 1.00 58.73 ? 218 HOH A O   1 
HETATM 1210 O O   . HOH B 2 .   ? 1.074   24.809  -2.719  1.00 61.15 ? 219 HOH A O   1 
HETATM 1211 O O   . HOH B 2 .   ? 15.749  8.356   -9.685  1.00 51.71 ? 220 HOH A O   1 
HETATM 1212 O O   . HOH B 2 .   ? 12.527  12.471  -4.181  1.00 50.78 ? 221 HOH A O   1 
HETATM 1213 O O   . HOH B 2 .   ? 5.132   11.247  -8.261  1.00 31.22 ? 222 HOH A O   1 
HETATM 1214 O O   . HOH B 2 .   ? 12.074  -1.839  3.521   1.00 50.16 ? 223 HOH A O   1 
HETATM 1215 O O   . HOH B 2 .   ? -11.168 6.543   5.767   1.00 63.51 ? 224 HOH A O   1 
HETATM 1216 O O   . HOH B 2 .   ? -12.693 -12.886 7.537   1.00 81.89 ? 225 HOH A O   1 
HETATM 1217 O O   . HOH B 2 .   ? -6.607  -19.325 11.519  1.00 66.56 ? 226 HOH A O   1 
HETATM 1218 O O   . HOH B 2 .   ? 22.246  13.405  -2.516  1.00 46.07 ? 227 HOH A O   1 
HETATM 1219 O O   . HOH B 2 .   ? 1.563   24.594  -6.017  1.00 61.43 ? 228 HOH A O   1 
HETATM 1220 O O   . HOH B 2 .   ? -12.895 -20.824 0.017   1.00 67.35 ? 229 HOH A O   1 
HETATM 1221 O O   . HOH B 2 .   ? -1.876  -17.027 -3.913  1.00 52.66 ? 230 HOH A O   1 
HETATM 1222 O O   . HOH B 2 .   ? -12.375 -16.463 -1.780  1.00 59.63 ? 231 HOH A O   1 
HETATM 1223 O O   . HOH B 2 .   ? -7.058  -13.388 9.896   1.00 45.42 ? 232 HOH A O   1 
HETATM 1224 O O   . HOH B 2 .   ? -8.403  4.469   12.083  1.00 33.24 ? 233 HOH A O   1 
HETATM 1225 O O   . HOH B 2 .   ? -8.387  0.903   13.520  1.00 30.53 ? 234 HOH A O   1 
HETATM 1226 O O   . HOH B 2 .   ? -9.676  -1.373  14.253  1.00 33.33 ? 235 HOH A O   1 
HETATM 1227 O O   . HOH B 2 .   ? -10.110 -18.329 14.439  1.00 47.27 ? 236 HOH A O   1 
HETATM 1228 O O   . HOH B 2 .   ? -11.049 -11.246 7.224   1.00 50.19 ? 237 HOH A O   1 
HETATM 1229 O O   . HOH B 2 .   ? -2.247  2.854   -9.081  1.00 40.57 ? 238 HOH A O   1 
HETATM 1230 O O   . HOH B 2 .   ? 6.645   -15.576 3.455   1.00 45.07 ? 239 HOH A O   1 
HETATM 1231 O O   . HOH B 2 .   ? 7.826   -13.516 8.381   1.00 58.45 ? 240 HOH A O   1 
HETATM 1232 O O   . HOH B 2 .   ? 9.250   -7.079  8.549   1.00 44.33 ? 241 HOH A O   1 
HETATM 1233 O O   . HOH B 2 .   ? -5.856  4.327   -5.414  1.00 50.40 ? 242 HOH A O   1 
HETATM 1234 O O   . HOH B 2 .   ? 3.451   2.770   6.256   1.00 46.68 ? 243 HOH A O   1 
HETATM 1235 O O   . HOH B 2 .   ? -9.788  14.766  5.559   1.00 62.05 ? 244 HOH A O   1 
HETATM 1236 O O   . HOH B 2 .   ? 3.465   20.272  -0.152  1.00 52.69 ? 245 HOH A O   1 
HETATM 1237 O O   . HOH B 2 .   ? -5.915  11.876  1.574   1.00 39.27 ? 246 HOH A O   1 
HETATM 1238 O O   . HOH B 2 .   ? -6.431  12.652  4.020   1.00 58.61 ? 247 HOH A O   1 
# 
